data_2BWP
#
_entry.id   2BWP
#
_cell.length_a   67.998
_cell.length_b   92.016
_cell.length_c   248.553
_cell.angle_alpha   90.00
_cell.angle_beta   90.00
_cell.angle_gamma   90.00
#
_symmetry.space_group_name_H-M   'P 21 21 21'
#
loop_
_entity.id
_entity.type
_entity.pdbx_description
1 polymer '5-AMINOLEVULINATE SYNTHASE'
2 non-polymer N-GLYCINE-[3-HYDROXY-2-METHYL-5-PHOSPHONOOXYMETHYL-PYRIDIN-4-YL-METHANE]
3 non-polymer 'ACETIC ACID'
4 water water
#
_entity_poly.entity_id   1
_entity_poly.type   'polypeptide(L)'
_entity_poly.pdbx_seq_one_letter_code
;MDYNLALDKAIQKLHDEGRYRTFIDIEREKGAFPKAQWNRPDGGKQDITVWCGNDYLGMGQHPVVLAAMHEALEAVGAGS
GGTRNISGTTAYHRRLEAEIAGLHQKEAALVFSSAYNANDATLSTLRVLFPGLIIYSDSLNHASMIEGIKRNAGPKRIFR
HNDVAHLRELIAADDPAAPKLIAFESVYSMDGDFGPIKEICDIAEEFGALTYIDEVHAVGMYGPRGAGVAERDGLMHRID
IFNGTLAKAYGVFGGYIAASARMVDAVRSYAPGFIFSTSLPPAIAAGAQASIAFLKTAEGQKLRDAQQMHAKVLKMRLKA
LGMPIIDHGSHIVPVVIGDPVHTKAVSDMLLSDYGVYVQPINFPTVPRGTERLRFTPSPVHDLKQIDGLVHAMDLLWARC
A
;
_entity_poly.pdbx_strand_id   A,B,D,E
#
loop_
_chem_comp.id
_chem_comp.type
_chem_comp.name
_chem_comp.formula
ACY non-polymer 'ACETIC ACID' 'C2 H4 O2'
PLG non-polymer N-GLYCINE-[3-HYDROXY-2-METHYL-5-PHOSPHONOOXYMETHYL-PYRIDIN-4-YL-METHANE] 'C10 H15 N2 O7 P'
#
# COMPACT_ATOMS: atom_id res chain seq x y z
N MET A 1 -3.80 8.44 -25.18
CA MET A 1 -2.55 8.90 -24.46
C MET A 1 -1.38 9.03 -25.46
N ASP A 2 -0.58 10.08 -25.31
CA ASP A 2 0.70 10.09 -25.98
C ASP A 2 1.84 10.11 -24.99
N TYR A 3 2.54 8.98 -24.92
CA TYR A 3 3.59 8.84 -23.96
C TYR A 3 4.66 9.90 -24.20
N ASN A 4 4.91 10.16 -25.47
CA ASN A 4 5.92 11.13 -25.86
C ASN A 4 5.54 12.57 -25.40
N LEU A 5 4.25 12.90 -25.50
CA LEU A 5 3.79 14.19 -25.01
C LEU A 5 4.14 14.32 -23.51
N ALA A 6 3.74 13.31 -22.71
CA ALA A 6 3.90 13.31 -21.24
C ALA A 6 5.37 13.40 -20.78
N LEU A 7 6.25 12.76 -21.55
CA LEU A 7 7.68 12.83 -21.31
C LEU A 7 8.13 14.28 -21.46
N ASP A 8 7.82 14.85 -22.62
CA ASP A 8 8.09 16.27 -22.90
C ASP A 8 7.68 17.19 -21.78
N LYS A 9 6.45 17.01 -21.29
CA LYS A 9 5.89 17.79 -20.19
C LYS A 9 6.76 17.63 -18.97
N ALA A 10 7.10 16.38 -18.67
CA ALA A 10 7.90 16.07 -17.51
C ALA A 10 9.25 16.78 -17.56
N ILE A 11 9.87 16.80 -18.74
CA ILE A 11 11.17 17.44 -18.93
C ILE A 11 10.97 18.96 -18.86
N GLN A 12 9.92 19.46 -19.51
CA GLN A 12 9.65 20.91 -19.56
C GLN A 12 9.56 21.48 -18.20
N LYS A 13 8.90 20.72 -17.33
CA LYS A 13 8.71 21.06 -15.98
C LYS A 13 10.07 21.36 -15.29
N LEU A 14 11.14 20.63 -15.65
CA LEU A 14 12.47 20.83 -15.04
C LEU A 14 13.08 22.15 -15.45
N HIS A 15 12.95 22.44 -16.74
CA HIS A 15 13.44 23.68 -17.27
C HIS A 15 12.70 24.83 -16.61
N ASP A 16 11.36 24.68 -16.42
CA ASP A 16 10.50 25.74 -15.82
C ASP A 16 10.91 26.06 -14.38
N GLU A 17 11.45 25.07 -13.68
CA GLU A 17 11.88 25.21 -12.30
C GLU A 17 13.35 25.61 -12.20
N GLY A 18 14.05 25.61 -13.34
CA GLY A 18 15.45 26.00 -13.39
C GLY A 18 16.36 24.90 -12.90
N ARG A 19 15.81 23.68 -12.79
CA ARG A 19 16.54 22.59 -12.21
C ARG A 19 16.95 21.45 -13.19
N TYR A 20 16.88 21.72 -14.49
CA TYR A 20 17.33 20.70 -15.44
C TYR A 20 18.87 20.63 -15.35
N ARG A 21 19.38 19.41 -15.19
CA ARG A 21 20.81 19.22 -14.98
C ARG A 21 21.62 18.86 -16.19
N THR A 22 22.69 19.64 -16.46
CA THR A 22 23.62 19.36 -17.54
C THR A 22 24.82 18.68 -16.91
N PHE A 23 25.18 17.48 -17.39
CA PHE A 23 26.38 16.83 -16.82
C PHE A 23 27.64 17.33 -17.46
N ILE A 24 28.72 17.32 -16.70
CA ILE A 24 30.01 17.79 -17.17
C ILE A 24 30.84 16.49 -17.39
N ASP A 25 31.39 16.34 -18.58
CA ASP A 25 32.14 15.19 -18.94
C ASP A 25 33.63 15.43 -18.61
N ILE A 26 34.14 14.68 -17.62
CA ILE A 26 35.54 14.81 -17.21
C ILE A 26 36.31 13.48 -17.15
N GLU A 27 37.64 13.60 -17.13
CA GLU A 27 38.55 12.46 -16.94
C GLU A 27 39.64 12.91 -15.96
N ARG A 28 39.57 12.43 -14.73
CA ARG A 28 40.55 12.78 -13.72
C ARG A 28 41.91 12.17 -14.08
N GLU A 29 42.97 12.96 -13.93
CA GLU A 29 44.29 12.45 -14.32
C GLU A 29 44.97 11.72 -13.17
N LYS A 30 44.95 10.37 -13.22
CA LYS A 30 45.50 9.62 -12.09
C LYS A 30 46.96 10.01 -11.82
N GLY A 31 47.26 10.25 -10.54
CA GLY A 31 48.61 10.65 -10.14
C GLY A 31 48.76 12.17 -10.10
N ALA A 32 47.74 12.88 -10.56
CA ALA A 32 47.80 14.35 -10.58
C ALA A 32 46.50 14.97 -10.09
N PHE A 33 45.67 14.18 -9.40
CA PHE A 33 44.47 14.73 -8.71
C PHE A 33 44.94 16.02 -7.97
N PRO A 34 44.08 17.05 -7.95
CA PRO A 34 42.69 17.12 -8.47
C PRO A 34 42.55 17.58 -9.93
N LYS A 35 43.63 17.51 -10.71
CA LYS A 35 43.60 17.85 -12.13
C LYS A 35 42.70 16.88 -12.92
N ALA A 36 41.95 17.40 -13.88
CA ALA A 36 41.17 16.57 -14.82
C ALA A 36 41.08 17.25 -16.15
N GLN A 37 40.83 16.44 -17.19
CA GLN A 37 40.56 16.93 -18.48
C GLN A 37 39.03 17.10 -18.57
N TRP A 38 38.58 18.28 -18.95
CA TRP A 38 37.17 18.52 -19.20
C TRP A 38 36.90 18.37 -20.70
N ASN A 39 36.01 17.45 -21.06
CA ASN A 39 35.56 17.24 -22.45
C ASN A 39 34.40 18.15 -22.76
N ARG A 40 34.72 19.31 -23.30
CA ARG A 40 33.74 20.35 -23.56
C ARG A 40 32.72 19.93 -24.61
N PRO A 41 31.47 20.48 -24.51
CA PRO A 41 30.40 20.19 -25.50
C PRO A 41 30.75 20.57 -26.95
N ASP A 42 31.78 21.39 -27.15
CA ASP A 42 32.21 21.76 -28.50
C ASP A 42 33.27 20.82 -29.09
N GLY A 43 33.73 19.84 -28.29
CA GLY A 43 34.73 18.88 -28.78
C GLY A 43 36.16 19.16 -28.32
N GLY A 44 36.36 20.28 -27.62
CA GLY A 44 37.68 20.65 -27.16
C GLY A 44 38.01 20.00 -25.83
N LYS A 45 39.29 20.09 -25.43
CA LYS A 45 39.80 19.55 -24.18
C LYS A 45 40.47 20.65 -23.38
N GLN A 46 40.20 20.69 -22.09
CA GLN A 46 40.69 21.73 -21.25
C GLN A 46 41.02 21.18 -19.87
N ASP A 47 42.20 21.54 -19.36
CA ASP A 47 42.60 21.17 -18.02
C ASP A 47 41.79 21.97 -17.02
N ILE A 48 41.22 21.28 -16.05
CA ILE A 48 40.45 21.90 -14.98
C ILE A 48 40.89 21.35 -13.62
N THR A 49 40.44 21.99 -12.55
CA THR A 49 40.65 21.50 -11.19
C THR A 49 39.30 21.07 -10.61
N VAL A 50 39.19 19.81 -10.18
CA VAL A 50 37.97 19.30 -9.61
C VAL A 50 37.85 19.80 -8.17
N TRP A 51 36.77 20.51 -7.87
CA TRP A 51 36.55 21.09 -6.55
C TRP A 51 35.31 20.60 -5.88
N CYS A 52 34.66 19.60 -6.45
CA CYS A 52 33.38 19.17 -5.91
C CYS A 52 33.26 17.69 -5.75
N GLY A 53 34.34 16.98 -6.08
CA GLY A 53 34.35 15.51 -6.04
C GLY A 53 34.20 14.95 -4.64
N ASN A 54 33.89 13.67 -4.54
CA ASN A 54 33.75 13.01 -3.26
C ASN A 54 34.88 12.03 -2.97
N ASP A 55 35.90 11.99 -3.83
CA ASP A 55 37.12 11.20 -3.56
C ASP A 55 37.93 12.06 -2.60
N TYR A 56 37.31 12.25 -1.45
CA TYR A 56 37.73 13.24 -0.44
C TYR A 56 39.19 13.25 -0.01
N LEU A 57 39.84 12.11 -0.06
CA LEU A 57 41.21 11.99 0.42
C LEU A 57 42.21 11.62 -0.67
N GLY A 58 41.78 11.62 -1.93
CA GLY A 58 42.64 11.26 -3.03
C GLY A 58 42.98 9.80 -3.11
N MET A 59 42.19 8.94 -2.45
CA MET A 59 42.47 7.52 -2.43
C MET A 59 42.27 6.84 -3.80
N GLY A 60 41.48 7.49 -4.67
CA GLY A 60 41.25 6.97 -6.01
C GLY A 60 42.48 6.83 -6.88
N GLN A 61 43.60 7.42 -6.47
CA GLN A 61 44.86 7.36 -7.22
C GLN A 61 45.97 6.78 -6.36
N HIS A 62 45.63 6.38 -5.14
CA HIS A 62 46.62 5.85 -4.22
C HIS A 62 47.23 4.55 -4.74
N PRO A 63 48.57 4.47 -4.74
CA PRO A 63 49.24 3.31 -5.34
C PRO A 63 48.83 1.99 -4.67
N VAL A 64 48.62 1.99 -3.35
CA VAL A 64 48.23 0.71 -2.70
C VAL A 64 46.83 0.25 -3.11
N VAL A 65 45.95 1.22 -3.40
CA VAL A 65 44.61 0.87 -3.88
C VAL A 65 44.71 0.30 -5.30
N LEU A 66 45.44 1.02 -6.16
CA LEU A 66 45.56 0.60 -7.55
C LEU A 66 46.32 -0.71 -7.74
N ALA A 67 47.39 -0.90 -6.96
CA ALA A 67 48.12 -2.17 -6.95
C ALA A 67 47.19 -3.33 -6.63
N ALA A 68 46.37 -3.17 -5.59
CA ALA A 68 45.48 -4.27 -5.18
C ALA A 68 44.45 -4.58 -6.27
N MET A 69 44.00 -3.54 -6.97
CA MET A 69 43.04 -3.72 -8.06
C MET A 69 43.67 -4.43 -9.29
N HIS A 70 44.88 -3.99 -9.70
CA HIS A 70 45.59 -4.64 -10.80
C HIS A 70 45.83 -6.11 -10.49
N GLU A 71 46.25 -6.40 -9.27
CA GLU A 71 46.51 -7.75 -8.80
C GLU A 71 45.29 -8.64 -8.94
N ALA A 72 44.17 -8.15 -8.45
CA ALA A 72 42.92 -8.92 -8.46
C ALA A 72 42.42 -9.20 -9.88
N LEU A 73 42.57 -8.23 -10.76
CA LEU A 73 42.19 -8.40 -12.15
C LEU A 73 42.96 -9.57 -12.75
N GLU A 74 44.27 -9.60 -12.50
CA GLU A 74 45.14 -10.67 -12.96
C GLU A 74 44.89 -12.02 -12.30
N ALA A 75 44.53 -12.02 -11.02
CA ALA A 75 44.27 -13.28 -10.29
C ALA A 75 42.91 -13.91 -10.63
N VAL A 76 41.85 -13.10 -10.68
CA VAL A 76 40.47 -13.67 -10.82
C VAL A 76 39.59 -13.11 -11.95
N GLY A 77 40.05 -12.07 -12.64
CA GLY A 77 39.30 -11.51 -13.75
C GLY A 77 38.48 -10.27 -13.47
N ALA A 78 37.59 -9.94 -14.40
CA ALA A 78 36.89 -8.67 -14.40
C ALA A 78 35.75 -8.56 -13.42
N GLY A 79 35.00 -9.63 -13.23
CA GLY A 79 33.85 -9.64 -12.33
C GLY A 79 33.77 -10.91 -11.53
N SER A 80 32.76 -11.02 -10.67
CA SER A 80 32.59 -12.20 -9.87
C SER A 80 31.91 -13.24 -10.71
N GLY A 81 31.02 -12.79 -11.57
CA GLY A 81 30.29 -13.69 -12.47
C GLY A 81 29.04 -14.27 -11.85
N GLY A 82 28.65 -13.78 -10.67
CA GLY A 82 27.45 -14.29 -9.98
C GLY A 82 26.98 -13.49 -8.80
N THR A 83 25.81 -13.84 -8.30
CA THR A 83 25.30 -13.28 -7.06
C THR A 83 26.05 -13.95 -5.93
N ARG A 84 25.96 -13.38 -4.73
CA ARG A 84 26.64 -13.95 -3.57
C ARG A 84 26.31 -15.44 -3.39
N ASN A 85 25.08 -15.83 -3.72
CA ASN A 85 24.63 -17.21 -3.62
C ASN A 85 25.16 -18.10 -4.78
N ILE A 86 25.05 -17.62 -6.01
CA ILE A 86 25.43 -18.42 -7.19
C ILE A 86 26.82 -18.06 -7.75
N SER A 87 27.87 -18.49 -7.02
CA SER A 87 29.31 -18.37 -7.41
C SER A 87 29.97 -16.97 -7.31
N GLY A 88 29.24 -15.97 -6.84
CA GLY A 88 29.76 -14.60 -6.68
C GLY A 88 30.36 -14.27 -5.31
N THR A 89 30.36 -15.24 -4.38
CA THR A 89 31.07 -15.05 -3.10
C THR A 89 32.53 -15.49 -3.26
N THR A 90 33.45 -14.55 -3.09
CA THR A 90 34.89 -14.81 -3.24
C THR A 90 35.59 -14.35 -1.99
N ALA A 91 36.81 -14.81 -1.81
CA ALA A 91 37.65 -14.35 -0.66
C ALA A 91 37.75 -12.83 -0.52
N TYR A 92 37.86 -12.12 -1.65
CA TYR A 92 37.95 -10.64 -1.67
C TYR A 92 36.78 -10.01 -0.99
N HIS A 93 35.62 -10.64 -1.11
CA HIS A 93 34.38 -10.12 -0.54
C HIS A 93 34.30 -10.34 0.93
N ARG A 94 34.75 -11.50 1.39
CA ARG A 94 34.68 -11.72 2.84
C ARG A 94 35.81 -11.09 3.56
N ARG A 95 36.98 -11.06 2.93
CA ARG A 95 38.10 -10.26 3.44
C ARG A 95 37.68 -8.76 3.58
N LEU A 96 36.95 -8.25 2.59
CA LEU A 96 36.38 -6.92 2.70
C LEU A 96 35.35 -6.80 3.84
N GLU A 97 34.49 -7.78 4.00
CA GLU A 97 33.49 -7.66 5.05
C GLU A 97 34.11 -7.68 6.43
N ALA A 98 35.19 -8.43 6.59
CA ALA A 98 35.87 -8.52 7.88
C ALA A 98 36.58 -7.22 8.18
N GLU A 99 37.18 -6.60 7.16
CA GLU A 99 37.85 -5.31 7.30
C GLU A 99 36.92 -4.24 7.81
N ILE A 100 35.72 -4.19 7.21
CA ILE A 100 34.64 -3.27 7.57
C ILE A 100 34.11 -3.55 8.98
N ALA A 101 33.95 -4.84 9.33
CA ALA A 101 33.47 -5.21 10.67
C ALA A 101 34.39 -4.65 11.74
N GLY A 102 35.70 -4.93 11.57
CA GLY A 102 36.74 -4.39 12.39
C GLY A 102 36.70 -2.89 12.53
N LEU A 103 36.56 -2.19 11.40
CA LEU A 103 36.48 -0.74 11.41
C LEU A 103 35.49 -0.28 12.44
N HIS A 104 34.27 -0.79 12.33
CA HIS A 104 33.20 -0.36 13.20
C HIS A 104 33.09 -1.17 14.47
N GLN A 105 34.05 -2.06 14.70
CA GLN A 105 34.07 -2.98 15.87
C GLN A 105 32.75 -3.72 16.05
N LYS A 106 32.30 -4.30 14.97
CA LYS A 106 31.06 -5.06 14.92
C LYS A 106 31.37 -6.52 14.63
N GLU A 107 30.44 -7.41 14.92
CA GLU A 107 30.64 -8.83 14.65
C GLU A 107 30.68 -9.12 13.15
N ALA A 108 29.93 -8.34 12.37
CA ALA A 108 29.76 -8.62 10.94
C ALA A 108 29.53 -7.41 10.06
N ALA A 109 29.70 -7.60 8.76
CA ALA A 109 29.43 -6.57 7.78
C ALA A 109 28.89 -7.19 6.51
N LEU A 110 28.15 -6.42 5.74
CA LEU A 110 27.56 -6.94 4.52
C LEU A 110 27.76 -5.93 3.41
N VAL A 111 28.35 -6.37 2.31
CA VAL A 111 28.67 -5.50 1.18
C VAL A 111 27.56 -5.55 0.11
N PHE A 112 27.18 -4.36 -0.36
CA PHE A 112 26.19 -4.15 -1.41
C PHE A 112 26.86 -3.43 -2.58
N SER A 113 26.17 -3.33 -3.71
CA SER A 113 26.67 -2.64 -4.90
C SER A 113 27.00 -1.16 -4.63
N SER A 114 26.35 -0.58 -3.63
CA SER A 114 26.45 0.83 -3.32
C SER A 114 25.88 1.05 -1.94
N ALA A 115 26.23 2.18 -1.34
CA ALA A 115 25.63 2.53 -0.04
C ALA A 115 24.12 2.85 -0.22
N TYR A 116 23.76 3.38 -1.39
CA TYR A 116 22.36 3.59 -1.73
C TYR A 116 21.59 2.27 -1.56
N ASN A 117 22.05 1.20 -2.23
CA ASN A 117 21.40 -0.11 -2.09
C ASN A 117 21.39 -0.60 -0.66
N ALA A 118 22.51 -0.45 0.05
CA ALA A 118 22.62 -0.83 1.45
C ALA A 118 21.48 -0.22 2.30
N ASN A 119 21.21 1.09 2.14
CA ASN A 119 20.18 1.78 2.94
C ASN A 119 18.79 1.34 2.54
N ASP A 120 18.57 1.32 1.22
CA ASP A 120 17.31 0.96 0.67
C ASP A 120 16.91 -0.47 1.10
N ALA A 121 17.79 -1.43 0.86
CA ALA A 121 17.52 -2.83 1.18
C ALA A 121 17.37 -3.05 2.64
N THR A 122 18.26 -2.42 3.44
CA THR A 122 18.28 -2.73 4.86
C THR A 122 17.07 -2.14 5.56
N LEU A 123 16.84 -0.83 5.33
CA LEU A 123 15.73 -0.14 6.00
C LEU A 123 14.35 -0.79 5.68
N SER A 124 14.16 -1.20 4.41
CA SER A 124 12.91 -1.86 4.02
C SER A 124 12.81 -3.29 4.56
N THR A 125 13.91 -4.03 4.54
CA THR A 125 13.92 -5.40 5.05
C THR A 125 13.72 -5.45 6.58
N LEU A 126 14.18 -4.41 7.28
CA LEU A 126 13.96 -4.33 8.74
C LEU A 126 12.48 -4.32 9.11
N ARG A 127 11.65 -3.71 8.27
CA ARG A 127 10.19 -3.72 8.48
C ARG A 127 9.65 -5.12 8.46
N VAL A 128 10.23 -5.95 7.61
CA VAL A 128 9.85 -7.36 7.48
C VAL A 128 10.33 -8.19 8.68
N LEU A 129 11.55 -7.93 9.13
CA LEU A 129 12.11 -8.63 10.29
C LEU A 129 11.46 -8.21 11.62
N PHE A 130 11.04 -6.95 11.71
CA PHE A 130 10.43 -6.46 12.94
C PHE A 130 8.98 -5.96 12.71
N PRO A 131 8.01 -6.90 12.54
CA PRO A 131 6.62 -6.52 12.24
C PRO A 131 6.11 -5.35 13.09
N GLY A 132 5.54 -4.34 12.42
CA GLY A 132 5.02 -3.12 13.05
C GLY A 132 6.08 -2.07 13.41
N LEU A 133 7.30 -2.22 12.90
CA LEU A 133 8.40 -1.28 13.17
C LEU A 133 8.06 0.15 12.82
N ILE A 134 8.34 1.07 13.75
CA ILE A 134 8.16 2.50 13.48
C ILE A 134 9.56 3.08 13.26
N ILE A 135 9.77 3.72 12.09
CA ILE A 135 11.04 4.31 11.76
C ILE A 135 10.94 5.83 11.95
N TYR A 136 11.89 6.38 12.73
CA TYR A 136 11.98 7.80 12.98
C TYR A 136 13.16 8.30 12.16
N SER A 137 12.87 9.25 11.27
CA SER A 137 13.79 9.67 10.25
C SER A 137 14.03 11.17 10.26
N ASP A 138 15.30 11.56 10.29
CA ASP A 138 15.67 12.96 10.25
C ASP A 138 15.19 13.56 8.91
N SER A 139 14.58 14.74 8.99
CA SER A 139 13.98 15.38 7.82
C SER A 139 14.92 15.57 6.67
N LEU A 140 16.20 15.69 6.93
CA LEU A 140 17.17 15.79 5.82
C LEU A 140 17.91 14.49 5.52
N ASN A 141 17.38 13.36 5.96
CA ASN A 141 17.98 12.07 5.57
C ASN A 141 18.14 11.96 4.06
N HIS A 142 19.22 11.33 3.63
CA HIS A 142 19.53 11.10 2.22
C HIS A 142 18.38 10.36 1.53
N ALA A 143 18.19 10.63 0.24
CA ALA A 143 17.16 9.93 -0.55
C ALA A 143 17.16 8.38 -0.38
N SER A 144 18.36 7.76 -0.42
CA SER A 144 18.48 6.31 -0.21
C SER A 144 17.75 5.81 1.03
N MET A 145 17.82 6.59 2.11
CA MET A 145 17.21 6.25 3.37
C MET A 145 15.71 6.46 3.30
N ILE A 146 15.29 7.63 2.80
CA ILE A 146 13.87 7.95 2.59
C ILE A 146 13.22 6.81 1.79
N GLU A 147 13.79 6.51 0.63
CA GLU A 147 13.38 5.38 -0.20
C GLU A 147 13.28 4.07 0.55
N GLY A 148 14.29 3.72 1.34
CA GLY A 148 14.25 2.45 2.11
C GLY A 148 13.08 2.43 3.11
N ILE A 149 12.90 3.56 3.79
CA ILE A 149 11.87 3.74 4.82
C ILE A 149 10.44 3.66 4.28
N LYS A 150 10.20 4.18 3.06
CA LYS A 150 8.84 4.16 2.51
C LYS A 150 8.52 2.98 1.63
N ARG A 151 9.57 2.31 1.15
CA ARG A 151 9.51 1.20 0.19
C ARG A 151 8.42 0.20 0.54
N ASN A 152 8.51 -0.37 1.73
CA ASN A 152 7.48 -1.25 2.25
C ASN A 152 6.55 -0.38 3.08
N ALA A 153 5.25 -0.62 2.96
CA ALA A 153 4.25 0.09 3.76
C ALA A 153 4.56 -0.07 5.28
N GLY A 154 4.33 0.97 6.08
CA GLY A 154 4.61 0.88 7.53
C GLY A 154 4.88 2.24 8.13
N PRO A 155 4.63 2.39 9.45
CA PRO A 155 4.72 3.70 10.11
C PRO A 155 6.10 4.33 10.04
N LYS A 156 6.12 5.61 9.70
CA LYS A 156 7.31 6.46 9.63
C LYS A 156 6.98 7.76 10.32
N ARG A 157 7.97 8.35 10.99
CA ARG A 157 7.80 9.64 11.65
C ARG A 157 9.00 10.50 11.28
N ILE A 158 8.74 11.66 10.73
CA ILE A 158 9.81 12.55 10.33
C ILE A 158 10.04 13.62 11.37
N PHE A 159 11.24 13.63 11.95
CA PHE A 159 11.60 14.66 12.91
C PHE A 159 12.41 15.80 12.28
N ARG A 160 12.14 17.03 12.73
CA ARG A 160 12.83 18.23 12.22
C ARG A 160 14.32 18.02 12.29
N HIS A 161 15.05 18.40 11.23
CA HIS A 161 16.49 18.20 11.18
C HIS A 161 17.20 18.51 12.51
N ASN A 162 17.96 17.52 13.00
CA ASN A 162 18.75 17.63 14.21
C ASN A 162 18.00 18.04 15.45
N ASP A 163 16.67 17.93 15.40
CA ASP A 163 15.82 18.37 16.52
C ASP A 163 15.46 17.21 17.39
N VAL A 164 16.35 16.94 18.33
CA VAL A 164 16.19 15.87 19.31
C VAL A 164 14.92 16.00 20.20
N ALA A 165 14.47 17.22 20.49
CA ALA A 165 13.25 17.41 21.27
C ALA A 165 12.02 16.98 20.49
N HIS A 166 11.97 17.31 19.20
CA HIS A 166 10.89 16.84 18.34
C HIS A 166 10.90 15.32 18.26
N LEU A 167 12.10 14.75 18.16
CA LEU A 167 12.26 13.29 18.15
C LEU A 167 11.62 12.68 19.38
N ARG A 168 11.92 13.27 20.56
CA ARG A 168 11.37 12.76 21.81
C ARG A 168 9.86 12.85 21.87
N GLU A 169 9.33 13.97 21.41
CA GLU A 169 7.90 14.22 21.38
C GLU A 169 7.16 13.18 20.49
N LEU A 170 7.77 12.81 19.36
CA LEU A 170 7.19 11.83 18.45
C LEU A 170 7.21 10.43 19.03
N ILE A 171 8.37 10.03 19.53
CA ILE A 171 8.58 8.68 20.04
C ILE A 171 7.75 8.41 21.28
N ALA A 172 7.61 9.42 22.15
CA ALA A 172 6.84 9.26 23.40
C ALA A 172 5.35 9.16 23.13
N ALA A 173 4.89 9.63 21.98
CA ALA A 173 3.46 9.58 21.66
C ALA A 173 3.05 8.20 21.11
N ASP A 174 4.00 7.43 20.60
CA ASP A 174 3.74 6.11 19.98
C ASP A 174 3.60 4.95 20.95
N ASP A 175 2.97 3.88 20.49
CA ASP A 175 2.77 2.65 21.29
C ASP A 175 4.09 2.12 21.84
N PRO A 176 4.25 2.13 23.18
CA PRO A 176 5.56 1.74 23.77
C PRO A 176 5.98 0.26 23.52
N ALA A 177 5.05 -0.59 23.09
CA ALA A 177 5.37 -2.00 22.80
C ALA A 177 5.89 -2.23 21.37
N ALA A 178 5.65 -1.25 20.48
CA ALA A 178 6.03 -1.34 19.08
C ALA A 178 7.54 -1.23 18.92
N PRO A 179 8.14 -2.07 18.04
CA PRO A 179 9.57 -1.95 17.76
C PRO A 179 9.86 -0.63 17.06
N LYS A 180 10.96 -0.01 17.43
CA LYS A 180 11.31 1.29 16.92
C LYS A 180 12.76 1.33 16.44
N LEU A 181 13.00 2.17 15.44
CA LEU A 181 14.33 2.39 14.88
C LEU A 181 14.50 3.88 14.55
N ILE A 182 15.65 4.45 14.90
CA ILE A 182 15.92 5.84 14.57
C ILE A 182 17.03 5.87 13.53
N ALA A 183 16.75 6.54 12.42
CA ALA A 183 17.67 6.60 11.32
C ALA A 183 18.12 8.04 11.08
N PHE A 184 19.45 8.25 11.08
CA PHE A 184 20.01 9.58 10.91
C PHE A 184 21.43 9.50 10.32
N GLU A 185 22.05 10.65 10.07
CA GLU A 185 23.39 10.70 9.46
C GLU A 185 24.38 11.34 10.43
N SER A 186 25.65 10.92 10.36
CA SER A 186 26.67 11.56 11.17
C SER A 186 27.09 12.90 10.57
N VAL A 187 27.30 12.91 9.24
CA VAL A 187 27.59 14.16 8.52
C VAL A 187 26.59 14.28 7.38
N TYR A 188 25.80 15.35 7.38
CA TYR A 188 24.82 15.62 6.32
C TYR A 188 25.52 16.24 5.12
N SER A 189 25.37 15.59 3.97
CA SER A 189 26.15 15.89 2.73
C SER A 189 26.13 17.29 2.19
N MET A 190 25.03 18.01 2.36
CA MET A 190 24.90 19.32 1.72
C MET A 190 25.09 20.51 2.63
N ASP A 191 24.63 20.41 3.87
CA ASP A 191 24.88 21.44 4.87
C ASP A 191 26.29 21.30 5.48
N GLY A 192 26.78 20.07 5.51
CA GLY A 192 28.07 19.80 6.11
C GLY A 192 27.99 19.81 7.64
N ASP A 193 26.80 19.59 8.21
CA ASP A 193 26.65 19.59 9.65
C ASP A 193 26.61 18.20 10.26
N PHE A 194 26.75 18.14 11.58
CA PHE A 194 26.83 16.87 12.32
C PHE A 194 25.51 16.50 12.99
N GLY A 195 25.16 15.23 12.94
CA GLY A 195 23.99 14.77 13.64
C GLY A 195 24.33 14.60 15.10
N PRO A 196 23.36 14.87 15.98
CA PRO A 196 23.65 14.78 17.41
C PRO A 196 23.66 13.32 17.93
N ILE A 197 24.73 12.59 17.63
CA ILE A 197 24.81 11.17 17.93
C ILE A 197 24.45 10.82 19.38
N LYS A 198 25.14 11.43 20.34
CA LYS A 198 24.91 11.14 21.74
C LYS A 198 23.45 11.29 22.16
N GLU A 199 22.85 12.43 21.83
CA GLU A 199 21.46 12.71 22.22
C GLU A 199 20.49 11.71 21.65
N ILE A 200 20.70 11.32 20.39
CA ILE A 200 19.87 10.31 19.74
C ILE A 200 20.04 8.92 20.43
N CYS A 201 21.29 8.51 20.67
CA CYS A 201 21.53 7.27 21.40
C CYS A 201 20.87 7.24 22.76
N ASP A 202 20.95 8.36 23.50
CA ASP A 202 20.28 8.51 24.81
C ASP A 202 18.77 8.27 24.66
N ILE A 203 18.15 8.93 23.66
CA ILE A 203 16.72 8.69 23.40
C ILE A 203 16.43 7.25 22.99
N ALA A 204 17.25 6.69 22.11
CA ALA A 204 17.09 5.29 21.71
C ALA A 204 17.18 4.34 22.91
N GLU A 205 18.09 4.63 23.84
CA GLU A 205 18.24 3.77 25.00
C GLU A 205 17.04 3.89 25.97
N GLU A 206 16.55 5.11 26.16
CA GLU A 206 15.39 5.37 26.99
C GLU A 206 14.11 4.71 26.48
N PHE A 207 13.91 4.67 25.17
CA PHE A 207 12.67 4.14 24.58
C PHE A 207 12.76 2.77 23.93
N GLY A 208 13.93 2.13 24.04
CA GLY A 208 14.17 0.79 23.50
C GLY A 208 14.16 0.71 21.99
N ALA A 209 14.74 1.69 21.32
CA ALA A 209 14.79 1.75 19.88
C ALA A 209 16.18 1.42 19.35
N LEU A 210 16.22 0.93 18.11
CA LEU A 210 17.44 0.66 17.42
C LEU A 210 17.97 1.94 16.81
N THR A 211 19.30 2.04 16.70
CA THR A 211 19.94 3.19 16.07
C THR A 211 20.55 2.77 14.74
N TYR A 212 20.29 3.56 13.70
CA TYR A 212 20.80 3.30 12.41
C TYR A 212 21.43 4.60 11.92
N ILE A 213 22.75 4.60 11.82
CA ILE A 213 23.50 5.79 11.38
C ILE A 213 24.13 5.61 10.00
N ASP A 214 23.91 6.58 9.14
CA ASP A 214 24.59 6.62 7.85
C ASP A 214 25.84 7.52 8.06
N GLU A 215 27.03 6.92 7.95
CA GLU A 215 28.29 7.65 8.10
C GLU A 215 29.02 7.77 6.75
N VAL A 216 28.25 7.81 5.65
CA VAL A 216 28.77 7.83 4.28
C VAL A 216 29.74 9.00 4.03
N HIS A 217 29.44 10.14 4.64
CA HIS A 217 30.28 11.31 4.51
C HIS A 217 31.19 11.51 5.69
N ALA A 218 31.54 10.42 6.34
CA ALA A 218 32.44 10.48 7.51
C ALA A 218 33.49 9.39 7.51
N VAL A 219 33.13 8.17 7.06
CA VAL A 219 34.09 7.06 7.06
C VAL A 219 35.34 7.39 6.24
N GLY A 220 36.49 6.99 6.79
CA GLY A 220 37.78 7.31 6.25
C GLY A 220 38.29 8.66 6.74
N MET A 221 37.37 9.53 7.19
CA MET A 221 37.72 10.92 7.50
C MET A 221 37.65 11.35 8.95
N TYR A 222 36.96 10.59 9.79
CA TYR A 222 36.79 10.98 11.19
C TYR A 222 37.06 9.80 12.04
N GLY A 223 37.52 10.07 13.26
CA GLY A 223 37.93 9.03 14.20
C GLY A 223 39.40 8.71 14.00
N PRO A 224 40.09 8.23 15.06
CA PRO A 224 41.51 7.92 14.91
C PRO A 224 41.84 6.83 13.86
N ARG A 225 40.86 6.02 13.48
CA ARG A 225 41.10 4.99 12.46
C ARG A 225 40.24 5.22 11.23
N GLY A 226 39.59 6.38 11.14
CA GLY A 226 38.71 6.66 10.02
C GLY A 226 37.38 5.91 10.04
N ALA A 227 36.98 5.38 11.20
CA ALA A 227 35.70 4.69 11.35
C ALA A 227 34.48 5.64 11.40
N GLY A 228 34.73 6.95 11.47
CA GLY A 228 33.65 7.93 11.45
C GLY A 228 33.50 8.75 12.70
N VAL A 229 32.44 9.56 12.73
CA VAL A 229 32.13 10.45 13.83
C VAL A 229 31.82 9.69 15.12
N ALA A 230 31.07 8.59 15.03
CA ALA A 230 30.78 7.83 16.23
C ALA A 230 32.10 7.35 16.88
N GLU A 231 33.10 7.00 16.07
CA GLU A 231 34.40 6.61 16.60
C GLU A 231 35.09 7.81 17.21
N ARG A 232 35.00 8.97 16.54
CA ARG A 232 35.59 10.21 17.07
C ARG A 232 35.06 10.51 18.47
N ASP A 233 33.73 10.44 18.66
CA ASP A 233 33.09 10.70 19.95
C ASP A 233 33.03 9.47 20.92
N GLY A 234 33.64 8.35 20.54
CA GLY A 234 33.65 7.12 21.38
C GLY A 234 32.25 6.50 21.58
N LEU A 235 31.46 6.43 20.49
CA LEU A 235 30.06 6.04 20.56
C LEU A 235 29.69 4.85 19.69
N MET A 236 30.68 4.17 19.11
CA MET A 236 30.36 3.09 18.15
C MET A 236 29.60 1.95 18.77
N HIS A 237 29.86 1.72 20.05
CA HIS A 237 29.23 0.61 20.73
C HIS A 237 27.74 0.86 20.99
N ARG A 238 27.31 2.12 20.83
CA ARG A 238 25.92 2.56 21.06
C ARG A 238 25.05 2.55 19.80
N ILE A 239 25.70 2.28 18.66
CA ILE A 239 25.03 2.24 17.36
C ILE A 239 24.73 0.79 16.96
N ASP A 240 23.47 0.49 16.68
CA ASP A 240 23.08 -0.88 16.26
C ASP A 240 23.55 -1.25 14.86
N ILE A 241 23.31 -0.37 13.88
CA ILE A 241 23.68 -0.60 12.51
C ILE A 241 24.41 0.61 11.91
N PHE A 242 25.58 0.38 11.30
CA PHE A 242 26.28 1.41 10.51
C PHE A 242 26.00 1.20 9.05
N ASN A 243 25.86 2.30 8.32
CA ASN A 243 25.83 2.28 6.90
C ASN A 243 26.97 3.13 6.42
N GLY A 244 27.76 2.61 5.48
CA GLY A 244 28.87 3.36 4.90
C GLY A 244 29.04 3.10 3.40
N THR A 245 29.87 3.92 2.77
CA THR A 245 30.20 3.73 1.38
C THR A 245 31.68 3.45 1.21
N LEU A 246 32.01 2.80 0.11
CA LEU A 246 33.38 2.54 -0.26
C LEU A 246 33.77 3.47 -1.44
N ALA A 247 32.82 4.30 -1.87
CA ALA A 247 32.93 5.12 -3.06
C ALA A 247 33.43 6.56 -2.83
N LYS A 248 33.48 7.00 -1.58
CA LYS A 248 33.86 8.39 -1.35
C LYS A 248 35.30 8.53 -0.80
N ALA A 249 35.48 8.79 0.50
CA ALA A 249 36.79 8.83 1.06
C ALA A 249 37.63 7.56 0.79
N TYR A 250 36.99 6.39 0.73
CA TYR A 250 37.69 5.17 0.42
C TYR A 250 38.13 5.02 -1.05
N GLY A 251 37.58 5.89 -1.91
CA GLY A 251 38.09 6.08 -3.28
C GLY A 251 37.71 5.04 -4.34
N VAL A 252 36.83 4.11 -3.99
CA VAL A 252 36.53 3.04 -4.93
C VAL A 252 35.06 3.02 -5.31
N PHE A 253 34.31 1.98 -4.91
CA PHE A 253 32.91 1.84 -5.25
C PHE A 253 32.28 0.79 -4.33
N GLY A 254 30.95 0.85 -4.16
CA GLY A 254 30.23 -0.10 -3.31
C GLY A 254 29.86 0.50 -1.97
N GLY A 255 29.02 -0.22 -1.23
CA GLY A 255 28.67 0.21 0.11
C GLY A 255 28.38 -0.98 1.01
N TYR A 256 27.99 -0.70 2.25
CA TYR A 256 27.84 -1.74 3.22
C TYR A 256 26.97 -1.33 4.39
N ILE A 257 26.65 -2.34 5.21
CA ILE A 257 26.17 -2.15 6.57
C ILE A 257 27.06 -2.98 7.47
N ALA A 258 27.20 -2.54 8.73
CA ALA A 258 27.95 -3.26 9.75
C ALA A 258 27.10 -3.32 11.00
N ALA A 259 26.98 -4.53 11.53
CA ALA A 259 26.11 -4.83 12.64
C ALA A 259 26.43 -6.21 13.19
N SER A 260 25.68 -6.63 14.23
CA SER A 260 25.83 -7.94 14.82
C SER A 260 25.69 -9.06 13.76
N ALA A 261 26.15 -10.27 14.10
CA ALA A 261 26.06 -11.45 13.21
C ALA A 261 24.60 -11.71 12.86
N ARG A 262 23.75 -11.63 13.89
CA ARG A 262 22.30 -11.82 13.74
C ARG A 262 21.68 -10.84 12.71
N MET A 263 21.91 -9.55 12.91
CA MET A 263 21.35 -8.55 12.02
C MET A 263 21.81 -8.78 10.59
N VAL A 264 23.11 -8.99 10.39
CA VAL A 264 23.65 -9.26 9.05
C VAL A 264 23.05 -10.51 8.43
N ASP A 265 23.05 -11.63 9.15
CA ASP A 265 22.59 -12.90 8.61
C ASP A 265 21.14 -12.81 8.17
N ALA A 266 20.35 -12.02 8.92
CA ALA A 266 18.95 -11.86 8.60
C ALA A 266 18.75 -10.97 7.38
N VAL A 267 19.46 -9.85 7.31
CA VAL A 267 19.35 -8.97 6.14
C VAL A 267 19.78 -9.77 4.88
N ARG A 268 21.03 -10.21 4.90
CA ARG A 268 21.58 -11.15 3.93
C ARG A 268 20.51 -12.17 3.42
N SER A 269 19.67 -12.63 4.33
CA SER A 269 18.79 -13.73 4.02
C SER A 269 17.45 -13.39 3.44
N TYR A 270 16.98 -12.15 3.66
CA TYR A 270 15.63 -11.69 3.30
C TYR A 270 15.57 -10.43 2.37
N ALA A 271 16.72 -9.85 2.06
CA ALA A 271 16.72 -8.62 1.31
C ALA A 271 16.85 -8.97 -0.16
N PRO A 272 15.79 -8.74 -0.94
CA PRO A 272 15.87 -8.97 -2.37
C PRO A 272 17.02 -8.16 -3.00
N GLY A 273 17.23 -6.95 -2.49
CA GLY A 273 18.30 -6.10 -3.00
C GLY A 273 19.71 -6.67 -2.86
N PHE A 274 19.90 -7.56 -1.89
CA PHE A 274 21.19 -8.21 -1.68
C PHE A 274 21.24 -9.54 -2.45
N ILE A 275 20.16 -10.32 -2.34
CA ILE A 275 20.12 -11.65 -2.92
C ILE A 275 20.23 -11.61 -4.45
N PHE A 276 19.40 -10.77 -5.09
CA PHE A 276 19.21 -10.86 -6.55
C PHE A 276 20.06 -10.00 -7.44
N SER A 277 21.30 -9.77 -7.08
CA SER A 277 22.14 -8.91 -7.89
C SER A 277 23.60 -9.41 -7.81
N THR A 278 24.32 -9.29 -8.91
CA THR A 278 25.72 -9.73 -9.00
C THR A 278 26.53 -9.07 -7.89
N SER A 279 27.41 -9.83 -7.24
CA SER A 279 28.30 -9.26 -6.25
C SER A 279 29.35 -8.34 -6.89
N LEU A 280 29.85 -7.42 -6.10
CA LEU A 280 30.90 -6.49 -6.55
C LEU A 280 32.07 -7.19 -7.20
N PRO A 281 32.65 -6.58 -8.24
CA PRO A 281 33.86 -7.17 -8.84
C PRO A 281 34.95 -7.39 -7.80
N PRO A 282 35.59 -8.58 -7.81
CA PRO A 282 36.65 -8.79 -6.83
C PRO A 282 37.71 -7.68 -6.81
N ALA A 283 38.06 -7.13 -7.98
CA ALA A 283 38.99 -5.97 -8.05
C ALA A 283 38.53 -4.74 -7.24
N ILE A 284 37.22 -4.44 -7.31
CA ILE A 284 36.63 -3.35 -6.53
C ILE A 284 36.79 -3.65 -5.04
N ALA A 285 36.47 -4.89 -4.66
CA ALA A 285 36.57 -5.28 -3.27
C ALA A 285 38.02 -5.23 -2.78
N ALA A 286 38.97 -5.62 -3.64
CA ALA A 286 40.40 -5.60 -3.28
C ALA A 286 40.83 -4.19 -2.97
N GLY A 287 40.45 -3.27 -3.86
CA GLY A 287 40.83 -1.86 -3.78
C GLY A 287 40.31 -1.23 -2.51
N ALA A 288 39.00 -1.40 -2.27
CA ALA A 288 38.33 -0.86 -1.07
C ALA A 288 38.93 -1.42 0.20
N GLN A 289 39.19 -2.73 0.23
CA GLN A 289 39.80 -3.32 1.41
C GLN A 289 41.16 -2.65 1.70
N ALA A 290 41.96 -2.47 0.65
CA ALA A 290 43.28 -1.87 0.77
C ALA A 290 43.15 -0.43 1.26
N SER A 291 42.13 0.27 0.73
CA SER A 291 41.86 1.64 1.13
C SER A 291 41.53 1.75 2.63
N ILE A 292 40.63 0.90 3.12
CA ILE A 292 40.20 0.95 4.51
C ILE A 292 41.38 0.63 5.37
N ALA A 293 42.06 -0.48 5.06
CA ALA A 293 43.26 -0.89 5.82
C ALA A 293 44.26 0.24 5.91
N PHE A 294 44.51 0.91 4.79
CA PHE A 294 45.46 2.02 4.79
C PHE A 294 45.02 3.19 5.66
N LEU A 295 43.75 3.55 5.55
CA LEU A 295 43.24 4.68 6.32
C LEU A 295 43.16 4.48 7.85
N LYS A 296 43.35 3.24 8.31
CA LYS A 296 43.38 2.92 9.75
C LYS A 296 44.76 3.23 10.37
N THR A 297 45.78 3.35 9.54
CA THR A 297 47.15 3.56 9.99
C THR A 297 47.44 5.03 10.24
N ALA A 298 48.54 5.30 10.95
CA ALA A 298 48.96 6.66 11.21
C ALA A 298 49.21 7.44 9.90
N GLU A 299 49.64 6.74 8.86
CA GLU A 299 49.81 7.35 7.54
C GLU A 299 48.47 7.83 6.95
N GLY A 300 47.38 7.14 7.29
CA GLY A 300 46.04 7.56 6.91
C GLY A 300 45.60 8.79 7.70
N GLN A 301 45.96 8.81 8.98
CA GLN A 301 45.68 9.92 9.85
C GLN A 301 46.28 11.19 9.28
N LYS A 302 47.45 11.09 8.64
CA LYS A 302 48.05 12.28 8.02
C LYS A 302 47.13 12.86 6.94
N LEU A 303 46.51 12.01 6.13
CA LEU A 303 45.57 12.48 5.11
C LEU A 303 44.35 13.20 5.69
N ARG A 304 43.83 12.67 6.79
CA ARG A 304 42.72 13.33 7.52
C ARG A 304 43.13 14.70 8.07
N ASP A 305 44.25 14.76 8.80
CA ASP A 305 44.77 16.02 9.34
C ASP A 305 44.95 17.04 8.22
N ALA A 306 45.49 16.60 7.09
CA ALA A 306 45.69 17.48 5.93
C ALA A 306 44.33 17.97 5.39
N GLN A 307 43.36 17.06 5.31
CA GLN A 307 42.02 17.44 4.83
C GLN A 307 41.39 18.53 5.71
N GLN A 308 41.30 18.25 7.01
CA GLN A 308 40.78 19.20 7.98
C GLN A 308 41.41 20.58 7.85
N MET A 309 42.74 20.56 7.76
CA MET A 309 43.55 21.78 7.61
C MET A 309 43.13 22.61 6.39
N HIS A 310 43.09 21.96 5.23
CA HIS A 310 42.68 22.59 3.98
C HIS A 310 41.24 23.11 4.00
N ALA A 311 40.37 22.39 4.69
CA ALA A 311 39.00 22.86 4.84
C ALA A 311 39.00 24.14 5.67
N LYS A 312 39.67 24.14 6.83
CA LYS A 312 39.80 25.37 7.66
C LYS A 312 40.33 26.56 6.84
N VAL A 313 41.40 26.32 6.08
CA VAL A 313 42.00 27.39 5.31
C VAL A 313 41.04 27.94 4.26
N LEU A 314 40.38 27.04 3.53
CA LEU A 314 39.37 27.47 2.55
C LEU A 314 38.23 28.29 3.17
N LYS A 315 37.68 27.84 4.29
CA LYS A 315 36.60 28.56 4.96
C LYS A 315 37.06 29.97 5.40
N MET A 316 38.26 30.06 5.95
CA MET A 316 38.84 31.30 6.42
C MET A 316 38.92 32.29 5.27
N ARG A 317 39.48 31.82 4.18
CA ARG A 317 39.70 32.65 2.98
C ARG A 317 38.40 33.11 2.32
N LEU A 318 37.39 32.27 2.34
CA LEU A 318 36.12 32.64 1.79
C LEU A 318 35.34 33.62 2.65
N LYS A 319 35.38 33.46 3.99
CA LYS A 319 34.77 34.42 4.91
C LYS A 319 35.45 35.75 4.75
N ALA A 320 36.75 35.69 4.48
CA ALA A 320 37.63 36.85 4.31
C ALA A 320 37.30 37.66 3.07
N LEU A 321 36.35 37.19 2.30
CA LEU A 321 35.93 37.84 1.05
C LEU A 321 34.49 38.30 1.13
N GLY A 322 33.81 37.90 2.19
CA GLY A 322 32.44 38.31 2.47
C GLY A 322 31.37 37.47 1.83
N MET A 323 31.54 36.14 1.89
CA MET A 323 30.87 35.22 1.01
C MET A 323 29.81 34.43 1.75
N PRO A 324 28.76 33.96 1.03
CA PRO A 324 27.66 33.25 1.72
C PRO A 324 28.03 31.79 2.05
N ILE A 325 29.01 31.63 2.95
CA ILE A 325 29.48 30.30 3.40
C ILE A 325 28.92 29.90 4.76
N ILE A 326 28.24 28.77 4.82
CA ILE A 326 27.77 28.21 6.09
C ILE A 326 28.81 27.23 6.63
N ASP A 327 29.26 27.46 7.87
CA ASP A 327 30.32 26.67 8.47
C ASP A 327 29.86 25.87 9.70
N HIS A 328 29.67 24.56 9.53
CA HIS A 328 29.29 23.69 10.65
C HIS A 328 30.46 22.85 11.17
N GLY A 329 31.69 23.23 10.82
CA GLY A 329 32.91 22.55 11.32
C GLY A 329 33.30 21.24 10.67
N SER A 330 32.80 20.95 9.47
CA SER A 330 33.18 19.71 8.79
C SER A 330 34.06 20.05 7.60
N HIS A 331 34.43 19.02 6.82
CA HIS A 331 35.28 19.21 5.63
C HIS A 331 34.50 19.73 4.39
N ILE A 332 33.17 19.74 4.49
CA ILE A 332 32.33 20.20 3.43
C ILE A 332 32.19 21.74 3.52
N VAL A 333 32.34 22.40 2.38
CA VAL A 333 32.30 23.85 2.31
C VAL A 333 31.23 24.32 1.31
N PRO A 334 29.98 24.51 1.80
CA PRO A 334 28.89 24.99 0.94
C PRO A 334 28.79 26.52 0.86
N VAL A 335 28.60 27.01 -0.37
CA VAL A 335 28.37 28.42 -0.62
C VAL A 335 26.96 28.51 -1.21
N VAL A 336 26.02 29.05 -0.42
CA VAL A 336 24.57 29.08 -0.82
C VAL A 336 24.30 30.26 -1.75
N ILE A 337 23.74 29.97 -2.92
CA ILE A 337 23.36 31.01 -3.89
C ILE A 337 21.86 31.29 -3.77
N GLY A 338 21.06 30.24 -3.53
CA GLY A 338 19.61 30.38 -3.30
C GLY A 338 18.72 30.38 -4.52
N ASP A 339 19.31 30.29 -5.70
CA ASP A 339 18.57 30.29 -6.96
C ASP A 339 19.22 29.32 -7.96
N PRO A 340 18.43 28.36 -8.50
CA PRO A 340 19.00 27.30 -9.34
C PRO A 340 19.69 27.84 -10.61
N VAL A 341 19.07 28.85 -11.25
CA VAL A 341 19.63 29.45 -12.48
C VAL A 341 20.91 30.26 -12.23
N HIS A 342 20.90 31.15 -11.23
CA HIS A 342 22.09 31.92 -10.91
C HIS A 342 23.25 30.98 -10.41
N THR A 343 22.91 29.90 -9.69
CA THR A 343 23.93 28.90 -9.27
C THR A 343 24.66 28.26 -10.46
N LYS A 344 23.89 27.86 -11.49
CA LYS A 344 24.47 27.35 -12.74
C LYS A 344 25.29 28.43 -13.46
N ALA A 345 24.81 29.66 -13.48
CA ALA A 345 25.54 30.75 -14.11
C ALA A 345 26.93 30.96 -13.44
N VAL A 346 26.98 30.92 -12.10
CA VAL A 346 28.26 31.07 -11.40
C VAL A 346 29.17 29.86 -11.64
N SER A 347 28.58 28.69 -11.60
CA SER A 347 29.30 27.48 -11.88
C SER A 347 29.90 27.43 -13.31
N ASP A 348 29.07 27.82 -14.29
CA ASP A 348 29.48 27.89 -15.72
C ASP A 348 30.68 28.83 -15.92
N MET A 349 30.66 30.00 -15.25
CA MET A 349 31.73 30.96 -15.37
C MET A 349 33.01 30.43 -14.75
N LEU A 350 32.89 29.72 -13.62
CA LEU A 350 34.05 29.21 -12.91
C LEU A 350 34.77 28.17 -13.75
N LEU A 351 33.98 27.33 -14.39
CA LEU A 351 34.48 26.26 -15.25
C LEU A 351 35.21 26.87 -16.44
N SER A 352 34.48 27.60 -17.28
CA SER A 352 35.05 28.12 -18.53
C SER A 352 36.13 29.21 -18.45
N ASP A 353 36.03 30.10 -17.46
CA ASP A 353 36.98 31.16 -17.36
C ASP A 353 38.19 30.89 -16.44
N TYR A 354 38.03 29.96 -15.50
CA TYR A 354 39.05 29.75 -14.47
C TYR A 354 39.49 28.31 -14.26
N GLY A 355 38.85 27.39 -14.99
CA GLY A 355 39.15 25.95 -14.85
C GLY A 355 38.81 25.41 -13.47
N VAL A 356 37.71 25.90 -12.93
CA VAL A 356 37.25 25.52 -11.62
C VAL A 356 35.94 24.78 -11.78
N TYR A 357 35.97 23.49 -11.48
CA TYR A 357 34.78 22.70 -11.57
C TYR A 357 34.12 22.49 -10.21
N VAL A 358 32.95 23.11 -10.06
CA VAL A 358 32.09 22.95 -8.87
C VAL A 358 30.64 22.90 -9.37
N GLN A 359 30.08 21.68 -9.46
CA GLN A 359 28.71 21.49 -10.01
C GLN A 359 27.70 22.32 -9.23
N PRO A 360 26.75 22.95 -9.95
CA PRO A 360 25.68 23.67 -9.24
C PRO A 360 24.68 22.65 -8.67
N ILE A 361 24.39 22.78 -7.38
CA ILE A 361 23.53 21.81 -6.70
C ILE A 361 22.11 22.36 -6.46
N ASN A 362 21.11 21.64 -6.98
CA ASN A 362 19.72 22.06 -6.95
C ASN A 362 18.75 20.97 -6.39
N PHE A 363 17.43 21.26 -6.42
CA PHE A 363 16.39 20.28 -6.06
C PHE A 363 16.43 19.14 -7.13
N PRO A 364 16.29 17.86 -6.69
CA PRO A 364 15.96 17.41 -5.31
C PRO A 364 17.13 17.12 -4.41
N THR A 365 18.35 17.49 -4.79
CA THR A 365 19.49 17.21 -3.90
C THR A 365 19.48 18.11 -2.64
N VAL A 366 18.98 19.35 -2.81
CA VAL A 366 18.80 20.29 -1.67
C VAL A 366 17.43 20.89 -1.80
N PRO A 367 16.87 21.42 -0.68
CA PRO A 367 15.56 22.09 -0.73
C PRO A 367 15.60 23.31 -1.66
N ARG A 368 14.49 23.56 -2.35
CA ARG A 368 14.38 24.73 -3.24
C ARG A 368 14.68 25.98 -2.42
N GLY A 369 15.37 26.94 -3.02
CA GLY A 369 15.73 28.21 -2.39
C GLY A 369 17.06 28.12 -1.64
N THR A 370 17.65 26.91 -1.62
CA THR A 370 18.92 26.66 -0.96
C THR A 370 19.94 26.05 -1.93
N GLU A 371 19.77 26.33 -3.22
CA GLU A 371 20.69 25.86 -4.27
C GLU A 371 22.06 26.42 -4.04
N ARG A 372 23.09 25.61 -4.25
CA ARG A 372 24.43 26.02 -3.80
C ARG A 372 25.59 25.41 -4.59
N LEU A 373 26.77 25.97 -4.35
CA LEU A 373 28.05 25.39 -4.74
C LEU A 373 28.57 24.62 -3.53
N ARG A 374 29.21 23.50 -3.75
CA ARG A 374 29.63 22.65 -2.63
C ARG A 374 31.08 22.21 -2.80
N PHE A 375 31.98 22.92 -2.16
CA PHE A 375 33.40 22.64 -2.26
C PHE A 375 33.88 21.53 -1.33
N THR A 376 34.79 20.70 -1.85
CA THR A 376 35.29 19.58 -1.07
C THR A 376 36.82 19.54 -1.06
N PRO A 377 37.45 20.46 -0.32
CA PRO A 377 38.90 20.46 -0.29
C PRO A 377 39.45 19.14 0.25
N SER A 378 40.47 18.62 -0.42
CA SER A 378 41.11 17.35 -0.02
C SER A 378 42.63 17.56 0.27
N PRO A 379 43.31 16.52 0.82
CA PRO A 379 44.78 16.54 0.93
C PRO A 379 45.50 17.00 -0.32
N VAL A 380 44.96 16.74 -1.50
CA VAL A 380 45.61 17.12 -2.75
C VAL A 380 45.26 18.55 -3.21
N HIS A 381 44.36 19.22 -2.50
CA HIS A 381 44.10 20.64 -2.78
C HIS A 381 45.09 21.49 -2.00
N ASP A 382 46.27 21.66 -2.59
CA ASP A 382 47.33 22.32 -1.91
C ASP A 382 47.06 23.83 -1.73
N LEU A 383 47.88 24.43 -0.85
CA LEU A 383 47.80 25.83 -0.49
C LEU A 383 48.00 26.77 -1.72
N LYS A 384 48.04 26.20 -2.92
CA LYS A 384 48.22 27.04 -4.10
C LYS A 384 47.02 27.09 -5.01
N GLN A 385 46.30 25.97 -5.17
CA GLN A 385 45.02 26.04 -5.90
C GLN A 385 43.92 26.59 -5.04
N ILE A 386 44.00 26.38 -3.71
CA ILE A 386 43.14 27.15 -2.79
C ILE A 386 43.31 28.63 -3.21
N ASP A 387 44.57 29.01 -3.38
CA ASP A 387 44.92 30.32 -3.85
C ASP A 387 44.29 30.58 -5.23
N GLY A 388 44.31 29.58 -6.11
CA GLY A 388 43.72 29.72 -7.43
C GLY A 388 42.18 29.82 -7.38
N LEU A 389 41.55 29.05 -6.49
CA LEU A 389 40.10 29.08 -6.39
C LEU A 389 39.64 30.44 -5.91
N VAL A 390 40.24 30.89 -4.79
CA VAL A 390 39.78 32.12 -4.11
C VAL A 390 39.83 33.31 -5.07
N HIS A 391 40.97 33.47 -5.76
CA HIS A 391 41.17 34.57 -6.73
C HIS A 391 40.12 34.62 -7.82
N ALA A 392 39.74 33.43 -8.31
CA ALA A 392 38.66 33.33 -9.28
C ALA A 392 37.32 33.76 -8.67
N MET A 393 36.98 33.28 -7.47
CA MET A 393 35.72 33.72 -6.82
C MET A 393 35.67 35.26 -6.66
N ASP A 394 36.77 35.82 -6.17
CA ASP A 394 36.94 37.27 -6.02
C ASP A 394 36.72 38.00 -7.39
N LEU A 395 37.49 37.61 -8.41
CA LEU A 395 37.34 38.20 -9.73
C LEU A 395 35.94 38.17 -10.24
N LEU A 396 35.19 37.13 -9.84
CA LEU A 396 33.86 36.88 -10.33
C LEU A 396 32.71 37.60 -9.62
N TRP A 397 32.80 37.83 -8.32
CA TRP A 397 31.76 38.64 -7.64
C TRP A 397 31.77 40.17 -7.97
N ALA A 398 32.56 40.58 -8.97
CA ALA A 398 32.63 42.00 -9.44
C ALA A 398 31.31 42.56 -10.03
N MET B 1 10.36 -4.76 20.75
CA MET B 1 10.96 -4.55 22.10
C MET B 1 12.21 -5.44 22.37
N ASP B 2 12.08 -6.77 22.18
CA ASP B 2 13.25 -7.72 22.21
C ASP B 2 13.66 -8.00 20.75
N TYR B 3 14.68 -7.31 20.25
CA TYR B 3 15.04 -7.38 18.82
C TYR B 3 15.73 -8.66 18.38
N ASN B 4 16.66 -9.15 19.18
CA ASN B 4 17.32 -10.41 18.89
C ASN B 4 16.39 -11.65 18.83
N LEU B 5 15.32 -11.64 19.62
CA LEU B 5 14.34 -12.72 19.62
C LEU B 5 13.67 -12.82 18.26
N ALA B 6 13.36 -11.65 17.68
CA ALA B 6 12.79 -11.56 16.33
C ALA B 6 13.79 -12.07 15.28
N LEU B 7 15.06 -11.70 15.44
CA LEU B 7 16.12 -12.15 14.53
C LEU B 7 16.34 -13.66 14.48
N ASP B 8 16.38 -14.30 15.66
CA ASP B 8 16.56 -15.74 15.76
C ASP B 8 15.40 -16.46 15.16
N LYS B 9 14.21 -15.86 15.29
CA LYS B 9 13.00 -16.39 14.69
C LYS B 9 13.07 -16.41 13.18
N ALA B 10 13.47 -15.26 12.61
CA ALA B 10 13.53 -15.10 11.17
C ALA B 10 14.55 -16.04 10.50
N ILE B 11 15.67 -16.25 11.19
CA ILE B 11 16.72 -17.18 10.77
C ILE B 11 16.28 -18.67 10.86
N GLN B 12 15.77 -19.08 12.02
CA GLN B 12 15.21 -20.45 12.21
C GLN B 12 14.27 -20.83 11.08
N LYS B 13 13.32 -19.94 10.81
CA LYS B 13 12.36 -20.12 9.77
C LYS B 13 13.00 -20.54 8.42
N LEU B 14 14.25 -20.13 8.20
CA LEU B 14 14.98 -20.50 7.00
C LEU B 14 15.48 -21.96 7.04
N HIS B 15 16.05 -22.35 8.17
CA HIS B 15 16.44 -23.75 8.42
C HIS B 15 15.24 -24.72 8.37
N ASP B 16 14.11 -24.29 8.93
CA ASP B 16 12.84 -25.04 8.93
C ASP B 16 12.23 -25.33 7.56
N GLU B 17 12.51 -24.46 6.59
CA GLU B 17 12.01 -24.66 5.25
C GLU B 17 13.10 -25.33 4.40
N GLY B 18 14.25 -25.57 5.01
CA GLY B 18 15.39 -26.14 4.31
C GLY B 18 16.08 -25.21 3.30
N ARG B 19 15.58 -23.97 3.20
CA ARG B 19 16.07 -22.99 2.22
C ARG B 19 17.16 -22.05 2.72
N TYR B 20 17.78 -22.37 3.85
CA TYR B 20 18.89 -21.57 4.34
C TYR B 20 20.08 -21.78 3.42
N ARG B 21 20.66 -20.69 2.93
CA ARG B 21 21.71 -20.75 1.92
C ARG B 21 23.12 -20.64 2.48
N THR B 22 23.96 -21.61 2.13
CA THR B 22 25.37 -21.62 2.47
C THR B 22 26.15 -21.13 1.23
N PHE B 23 26.92 -20.06 1.37
CA PHE B 23 27.70 -19.60 0.21
C PHE B 23 28.98 -20.40 0.06
N ILE B 24 29.42 -20.54 -1.18
CA ILE B 24 30.64 -21.25 -1.50
C ILE B 24 31.67 -20.19 -1.86
N ASP B 25 32.82 -20.26 -1.20
CA ASP B 25 33.87 -19.26 -1.38
C ASP B 25 34.84 -19.74 -2.47
N ILE B 26 34.85 -19.04 -3.60
CA ILE B 26 35.69 -19.42 -4.73
C ILE B 26 36.56 -18.28 -5.29
N GLU B 27 37.60 -18.64 -6.04
CA GLU B 27 38.43 -17.70 -6.78
C GLU B 27 38.68 -18.25 -8.15
N ARG B 28 38.03 -17.66 -9.14
CA ARG B 28 38.18 -18.08 -10.53
C ARG B 28 39.61 -17.82 -11.01
N GLU B 29 40.21 -18.79 -11.71
CA GLU B 29 41.59 -18.62 -12.17
C GLU B 29 41.61 -17.95 -13.53
N LYS B 30 41.86 -16.63 -13.56
CA LYS B 30 41.91 -15.86 -14.80
C LYS B 30 42.83 -16.53 -15.84
N GLY B 31 42.33 -16.69 -17.06
CA GLY B 31 43.09 -17.35 -18.13
C GLY B 31 42.89 -18.87 -18.18
N ALA B 32 42.18 -19.41 -17.19
CA ALA B 32 41.95 -20.84 -17.09
C ALA B 32 40.47 -21.17 -16.77
N PHE B 33 39.58 -20.19 -16.95
CA PHE B 33 38.15 -20.44 -16.80
C PHE B 33 37.83 -21.73 -17.57
N PRO B 34 36.92 -22.59 -17.04
CA PRO B 34 36.09 -22.42 -15.85
C PRO B 34 36.69 -22.94 -14.55
N LYS B 35 38.00 -23.16 -14.53
CA LYS B 35 38.70 -23.60 -13.31
C LYS B 35 38.64 -22.52 -12.21
N ALA B 36 38.47 -22.97 -10.97
CA ALA B 36 38.54 -22.06 -9.82
C ALA B 36 39.04 -22.80 -8.60
N GLN B 37 39.58 -22.03 -7.66
CA GLN B 37 40.01 -22.53 -6.38
C GLN B 37 38.81 -22.42 -5.47
N TRP B 38 38.40 -23.54 -4.86
CA TRP B 38 37.37 -23.49 -3.82
C TRP B 38 38.02 -23.41 -2.44
N ASN B 39 37.67 -22.37 -1.69
CA ASN B 39 38.14 -22.18 -0.31
C ASN B 39 37.20 -22.89 0.64
N ARG B 40 37.54 -24.14 0.97
CA ARG B 40 36.66 -24.98 1.78
C ARG B 40 36.52 -24.44 3.20
N PRO B 41 35.35 -24.69 3.86
CA PRO B 41 35.13 -24.27 5.24
C PRO B 41 36.13 -24.86 6.28
N ASP B 42 36.90 -25.86 5.90
CA ASP B 42 37.89 -26.40 6.81
C ASP B 42 39.30 -25.76 6.63
N GLY B 43 39.41 -24.84 5.68
CA GLY B 43 40.68 -24.12 5.45
C GLY B 43 41.54 -24.65 4.30
N GLY B 44 41.09 -25.74 3.67
CA GLY B 44 41.80 -26.34 2.55
C GLY B 44 41.45 -25.66 1.23
N LYS B 45 42.24 -25.93 0.20
CA LYS B 45 42.03 -25.41 -1.15
C LYS B 45 41.92 -26.54 -2.15
N GLN B 46 40.96 -26.42 -3.05
CA GLN B 46 40.65 -27.49 -3.98
C GLN B 46 40.29 -26.91 -5.33
N ASP B 47 40.88 -27.45 -6.38
CA ASP B 47 40.55 -27.08 -7.75
C ASP B 47 39.18 -27.62 -8.08
N ILE B 48 38.31 -26.75 -8.60
CA ILE B 48 36.96 -27.13 -8.99
C ILE B 48 36.67 -26.56 -10.39
N THR B 49 35.56 -27.01 -11.00
CA THR B 49 35.08 -26.51 -12.26
C THR B 49 33.75 -25.78 -11.98
N VAL B 50 33.68 -24.51 -12.34
CA VAL B 50 32.47 -23.72 -12.15
C VAL B 50 31.48 -24.10 -13.26
N TRP B 51 30.30 -24.56 -12.86
CA TRP B 51 29.28 -24.99 -13.79
C TRP B 51 27.97 -24.24 -13.69
N CYS B 52 27.97 -23.16 -12.89
CA CYS B 52 26.73 -22.45 -12.66
C CYS B 52 26.87 -20.96 -12.76
N GLY B 53 28.05 -20.50 -13.15
CA GLY B 53 28.32 -19.07 -13.25
C GLY B 53 27.53 -18.39 -14.35
N ASN B 54 27.48 -17.07 -14.29
CA ASN B 54 26.79 -16.27 -15.29
C ASN B 54 27.74 -15.49 -16.23
N ASP B 55 29.06 -15.72 -16.10
CA ASP B 55 30.06 -15.18 -17.04
C ASP B 55 29.99 -16.10 -18.28
N TYR B 56 28.81 -16.08 -18.89
CA TYR B 56 28.37 -17.05 -19.87
C TYR B 56 29.30 -17.33 -21.05
N LEU B 57 30.11 -16.34 -21.42
CA LEU B 57 30.95 -16.47 -22.60
C LEU B 57 32.45 -16.35 -22.29
N GLY B 58 32.80 -16.37 -21.01
CA GLY B 58 34.18 -16.29 -20.60
C GLY B 58 34.79 -14.90 -20.79
N MET B 59 33.94 -13.88 -20.94
CA MET B 59 34.43 -12.50 -21.16
C MET B 59 35.18 -11.91 -19.96
N GLY B 60 34.90 -12.45 -18.77
CA GLY B 60 35.57 -12.00 -17.57
C GLY B 60 37.09 -12.18 -17.56
N GLN B 61 37.63 -12.97 -18.50
CA GLN B 61 39.07 -13.21 -18.58
C GLN B 61 39.61 -12.79 -19.96
N HIS B 62 38.74 -12.23 -20.79
CA HIS B 62 39.14 -11.82 -22.13
C HIS B 62 40.18 -10.72 -22.09
N PRO B 63 41.27 -10.90 -22.85
CA PRO B 63 42.34 -9.94 -22.77
C PRO B 63 41.92 -8.52 -23.18
N VAL B 64 41.00 -8.38 -24.15
CA VAL B 64 40.59 -7.02 -24.53
C VAL B 64 39.80 -6.33 -23.42
N VAL B 65 39.06 -7.11 -22.64
CA VAL B 65 38.32 -6.55 -21.50
C VAL B 65 39.31 -6.13 -20.44
N LEU B 66 40.22 -7.03 -20.09
CA LEU B 66 41.21 -6.74 -19.02
C LEU B 66 42.17 -5.61 -19.38
N ALA B 67 42.62 -5.58 -20.63
CA ALA B 67 43.48 -4.50 -21.07
C ALA B 67 42.78 -3.14 -20.91
N ALA B 68 41.51 -3.05 -21.30
CA ALA B 68 40.78 -1.78 -21.19
C ALA B 68 40.64 -1.36 -19.73
N MET B 69 40.41 -2.35 -18.85
CA MET B 69 40.32 -2.09 -17.40
C MET B 69 41.66 -1.59 -16.78
N HIS B 70 42.76 -2.29 -17.08
CA HIS B 70 44.08 -1.88 -16.61
C HIS B 70 44.42 -0.45 -17.08
N GLU B 71 44.13 -0.16 -18.36
CA GLU B 71 44.36 1.16 -18.93
C GLU B 71 43.62 2.25 -18.19
N ALA B 72 42.33 2.01 -17.95
CA ALA B 72 41.49 3.00 -17.26
C ALA B 72 41.95 3.27 -15.83
N LEU B 73 42.35 2.21 -15.11
CA LEU B 73 42.87 2.38 -13.77
C LEU B 73 44.05 3.34 -13.78
N GLU B 74 44.97 3.13 -14.73
CA GLU B 74 46.15 3.99 -14.86
C GLU B 74 45.83 5.39 -15.33
N ALA B 75 44.82 5.54 -16.19
CA ALA B 75 44.45 6.86 -16.72
C ALA B 75 43.71 7.74 -15.69
N VAL B 76 42.71 7.17 -15.01
CA VAL B 76 41.82 7.96 -14.17
C VAL B 76 41.62 7.50 -12.72
N GLY B 77 42.17 6.34 -12.34
CA GLY B 77 42.08 5.85 -10.97
C GLY B 77 41.00 4.81 -10.70
N ALA B 78 40.75 4.59 -9.41
CA ALA B 78 39.92 3.50 -8.95
C ALA B 78 38.44 3.69 -9.15
N GLY B 79 37.93 4.90 -8.91
CA GLY B 79 36.52 5.18 -9.01
C GLY B 79 36.26 6.50 -9.70
N SER B 80 35.00 6.85 -9.86
CA SER B 80 34.62 8.11 -10.47
C SER B 80 34.74 9.20 -9.43
N GLY B 81 34.45 8.87 -8.18
CA GLY B 81 34.57 9.83 -7.09
C GLY B 81 33.32 10.70 -6.94
N GLY B 82 32.24 10.37 -7.68
CA GLY B 82 31.00 11.15 -7.59
C GLY B 82 29.78 10.54 -8.24
N THR B 83 28.63 11.13 -7.97
CA THR B 83 27.40 10.77 -8.72
C THR B 83 27.51 11.33 -10.14
N ARG B 84 26.64 10.90 -11.04
CA ARG B 84 26.68 11.46 -12.41
C ARG B 84 26.60 12.99 -12.43
N ASN B 85 25.87 13.58 -11.49
CA ASN B 85 25.76 15.03 -11.40
C ASN B 85 26.99 15.67 -10.78
N ILE B 86 27.50 15.11 -9.69
CA ILE B 86 28.62 15.77 -8.98
C ILE B 86 29.96 15.08 -9.28
N SER B 87 30.46 15.35 -10.50
CA SER B 87 31.83 14.95 -10.93
C SER B 87 32.05 13.49 -11.36
N GLY B 88 31.00 12.69 -11.41
CA GLY B 88 31.17 11.29 -11.75
C GLY B 88 30.80 10.93 -13.19
N THR B 89 30.34 11.92 -13.97
CA THR B 89 30.16 11.71 -15.43
C THR B 89 31.52 11.83 -16.15
N THR B 90 31.95 10.71 -16.75
CA THR B 90 33.21 10.65 -17.45
C THR B 90 33.02 10.17 -18.87
N ALA B 91 34.07 10.27 -19.67
CA ALA B 91 34.02 9.89 -21.07
C ALA B 91 33.78 8.36 -21.16
N TYR B 92 34.33 7.64 -20.22
CA TYR B 92 34.14 6.22 -20.18
C TYR B 92 32.63 5.87 -20.10
N HIS B 93 31.87 6.61 -19.27
CA HIS B 93 30.41 6.38 -19.12
C HIS B 93 29.63 6.70 -20.40
N ARG B 94 29.98 7.84 -20.98
CA ARG B 94 29.36 8.38 -22.14
C ARG B 94 29.60 7.48 -23.37
N ARG B 95 30.84 6.98 -23.50
CA ARG B 95 31.23 6.03 -24.59
C ARG B 95 30.49 4.74 -24.35
N LEU B 96 30.46 4.27 -23.10
CA LEU B 96 29.68 3.05 -22.75
C LEU B 96 28.18 3.17 -23.07
N GLU B 97 27.57 4.31 -22.75
CA GLU B 97 26.17 4.54 -23.07
C GLU B 97 25.88 4.57 -24.57
N ALA B 98 26.79 5.19 -25.33
CA ALA B 98 26.66 5.19 -26.79
C ALA B 98 26.75 3.75 -27.33
N GLU B 99 27.63 2.94 -26.77
CA GLU B 99 27.86 1.58 -27.21
C GLU B 99 26.58 0.73 -27.06
N ILE B 100 25.94 0.89 -25.91
CA ILE B 100 24.68 0.23 -25.59
C ILE B 100 23.55 0.73 -26.52
N ALA B 101 23.37 2.04 -26.60
CA ALA B 101 22.35 2.60 -27.49
C ALA B 101 22.50 1.94 -28.86
N GLY B 102 23.72 1.90 -29.37
CA GLY B 102 24.02 1.31 -30.65
C GLY B 102 23.68 -0.17 -30.75
N LEU B 103 23.98 -0.90 -29.67
CA LEU B 103 23.64 -2.31 -29.59
C LEU B 103 22.11 -2.54 -29.81
N HIS B 104 21.27 -1.75 -29.14
CA HIS B 104 19.82 -1.88 -29.26
C HIS B 104 19.19 -1.00 -30.29
N GLN B 105 20.01 -0.28 -31.06
CA GLN B 105 19.53 0.65 -32.08
C GLN B 105 18.54 1.68 -31.52
N LYS B 106 18.91 2.26 -30.39
CA LYS B 106 18.09 3.24 -29.71
C LYS B 106 18.82 4.59 -29.69
N GLU B 107 18.07 5.66 -29.49
CA GLU B 107 18.65 7.00 -29.45
C GLU B 107 19.59 7.15 -28.23
N ALA B 108 19.27 6.46 -27.12
CA ALA B 108 19.94 6.71 -25.86
C ALA B 108 20.03 5.48 -24.94
N ALA B 109 20.94 5.55 -23.97
CA ALA B 109 21.06 4.50 -22.93
C ALA B 109 21.47 5.12 -21.65
N LEU B 110 21.17 4.45 -20.54
CA LEU B 110 21.51 4.99 -19.24
C LEU B 110 22.05 3.87 -18.38
N VAL B 111 23.22 4.10 -17.81
CA VAL B 111 23.90 3.11 -17.03
C VAL B 111 23.64 3.31 -15.55
N PHE B 112 23.41 2.18 -14.87
CA PHE B 112 23.14 2.11 -13.44
C PHE B 112 24.19 1.16 -12.81
N SER B 113 24.28 1.14 -11.48
CA SER B 113 25.15 0.24 -10.73
C SER B 113 24.97 -1.23 -11.07
N SER B 114 23.76 -1.60 -11.47
CA SER B 114 23.41 -2.97 -11.73
C SER B 114 22.12 -2.98 -12.57
N ALA B 115 21.83 -4.11 -13.22
CA ALA B 115 20.54 -4.25 -13.93
C ALA B 115 19.39 -4.27 -12.92
N TYR B 116 19.66 -4.80 -11.72
CA TYR B 116 18.69 -4.76 -10.63
C TYR B 116 18.22 -3.33 -10.40
N ASN B 117 19.18 -2.42 -10.19
CA ASN B 117 18.86 -0.98 -10.00
C ASN B 117 18.12 -0.42 -11.19
N ALA B 118 18.61 -0.72 -12.39
CA ALA B 118 18.00 -0.21 -13.58
C ALA B 118 16.47 -0.57 -13.66
N ASN B 119 16.11 -1.81 -13.33
CA ASN B 119 14.71 -2.26 -13.36
C ASN B 119 13.89 -1.57 -12.28
N ASP B 120 14.42 -1.61 -11.06
CA ASP B 120 13.78 -1.04 -9.91
C ASP B 120 13.53 0.44 -10.11
N ALA B 121 14.57 1.20 -10.43
CA ALA B 121 14.46 2.64 -10.61
C ALA B 121 13.55 3.01 -11.77
N THR B 122 13.71 2.30 -12.91
CA THR B 122 13.01 2.67 -14.09
C THR B 122 11.50 2.38 -13.96
N LEU B 123 11.17 1.15 -13.59
CA LEU B 123 9.75 0.76 -13.48
C LEU B 123 8.98 1.62 -12.47
N SER B 124 9.60 1.93 -11.33
CA SER B 124 8.97 2.80 -10.34
C SER B 124 8.89 4.27 -10.78
N THR B 125 9.92 4.77 -11.43
CA THR B 125 9.92 6.13 -11.93
C THR B 125 8.90 6.34 -13.07
N LEU B 126 8.67 5.30 -13.87
CA LEU B 126 7.65 5.38 -14.94
C LEU B 126 6.26 5.67 -14.40
N ARG B 127 5.96 5.19 -13.20
CA ARG B 127 4.65 5.48 -12.56
C ARG B 127 4.51 6.97 -12.31
N VAL B 128 5.61 7.62 -11.97
CA VAL B 128 5.68 9.07 -11.73
C VAL B 128 5.56 9.87 -13.04
N LEU B 129 6.24 9.41 -14.09
CA LEU B 129 6.17 10.07 -15.41
C LEU B 129 4.81 9.88 -16.11
N PHE B 130 4.16 8.73 -15.88
CA PHE B 130 2.88 8.46 -16.52
C PHE B 130 1.76 8.22 -15.50
N PRO B 131 1.26 9.32 -14.85
CA PRO B 131 0.22 9.19 -13.79
C PRO B 131 -0.89 8.21 -14.16
N GLY B 132 -1.17 7.27 -13.25
CA GLY B 132 -2.19 6.25 -13.42
C GLY B 132 -1.75 5.03 -14.27
N LEU B 133 -0.45 4.91 -14.54
CA LEU B 133 0.12 3.81 -15.30
C LEU B 133 -0.29 2.44 -14.77
N ILE B 134 -0.74 1.56 -15.64
CA ILE B 134 -1.03 0.16 -15.26
C ILE B 134 0.10 -0.69 -15.82
N ILE B 135 0.79 -1.42 -14.94
CA ILE B 135 1.88 -2.29 -15.35
C ILE B 135 1.41 -3.74 -15.41
N TYR B 136 1.59 -4.39 -16.57
CA TYR B 136 1.26 -5.81 -16.75
C TYR B 136 2.55 -6.59 -16.70
N SER B 137 2.62 -7.52 -15.76
CA SER B 137 3.87 -8.17 -15.42
C SER B 137 3.74 -9.69 -15.49
N ASP B 138 4.68 -10.31 -16.20
CA ASP B 138 4.71 -11.75 -16.30
C ASP B 138 4.94 -12.33 -14.91
N SER B 139 4.17 -13.37 -14.57
CA SER B 139 4.20 -14.00 -13.25
C SER B 139 5.60 -14.43 -12.79
N LEU B 140 6.49 -14.76 -13.72
CA LEU B 140 7.86 -15.14 -13.33
C LEU B 140 8.87 -14.06 -13.56
N ASN B 141 8.41 -12.82 -13.68
CA ASN B 141 9.38 -11.70 -13.78
C ASN B 141 10.36 -11.71 -12.64
N HIS B 142 11.60 -11.34 -12.93
CA HIS B 142 12.66 -11.27 -11.95
C HIS B 142 12.29 -10.38 -10.77
N ALA B 143 12.81 -10.72 -9.58
CA ALA B 143 12.60 -9.89 -8.37
C ALA B 143 12.80 -8.36 -8.59
N SER B 144 13.88 -7.99 -9.27
CA SER B 144 14.17 -6.57 -9.56
C SER B 144 12.98 -5.85 -10.21
N MET B 145 12.29 -6.55 -11.11
CA MET B 145 11.16 -5.99 -11.81
C MET B 145 9.95 -5.93 -10.91
N ILE B 146 9.66 -7.02 -10.19
CA ILE B 146 8.56 -7.06 -9.23
C ILE B 146 8.74 -5.89 -8.25
N GLU B 147 9.92 -5.79 -7.64
CA GLU B 147 10.26 -4.69 -6.74
C GLU B 147 10.05 -3.29 -7.37
N GLY B 148 10.48 -3.09 -8.61
CA GLY B 148 10.23 -1.79 -9.30
C GLY B 148 8.75 -1.48 -9.48
N ILE B 149 8.00 -2.52 -9.86
CA ILE B 149 6.57 -2.45 -10.13
C ILE B 149 5.73 -2.12 -8.89
N LYS B 150 6.11 -2.66 -7.73
CA LYS B 150 5.35 -2.45 -6.49
C LYS B 150 5.82 -1.25 -5.68
N ARG B 151 7.06 -0.83 -5.91
CA ARG B 151 7.75 0.20 -5.10
C ARG B 151 6.88 1.41 -4.82
N ASN B 152 6.41 2.04 -5.90
CA ASN B 152 5.46 3.15 -5.81
C ASN B 152 4.08 2.52 -5.92
N ALA B 153 3.15 3.00 -5.10
CA ALA B 153 1.77 2.51 -5.17
C ALA B 153 1.18 2.77 -6.60
N GLY B 154 0.34 1.85 -7.09
CA GLY B 154 -0.23 1.99 -8.43
C GLY B 154 -0.61 0.65 -9.01
N PRO B 155 -1.56 0.66 -9.97
CA PRO B 155 -2.15 -0.58 -10.52
C PRO B 155 -1.13 -1.48 -11.18
N LYS B 156 -1.19 -2.77 -10.84
CA LYS B 156 -0.35 -3.82 -11.43
C LYS B 156 -1.27 -4.99 -11.73
N ARG B 157 -0.95 -5.72 -12.80
CA ARG B 157 -1.73 -6.88 -13.23
C ARG B 157 -0.73 -7.98 -13.54
N ILE B 158 -0.85 -9.12 -12.86
CA ILE B 158 0.05 -10.23 -13.08
C ILE B 158 -0.56 -11.24 -14.04
N PHE B 159 0.08 -11.43 -15.19
CA PHE B 159 -0.37 -12.46 -16.13
C PHE B 159 0.39 -13.75 -16.02
N ARG B 160 -0.33 -14.87 -16.16
CA ARG B 160 0.26 -16.22 -16.09
C ARG B 160 1.47 -16.29 -16.99
N HIS B 161 2.55 -16.91 -16.51
CA HIS B 161 3.80 -16.98 -17.28
C HIS B 161 3.58 -17.32 -18.74
N ASN B 162 4.10 -16.45 -19.62
CA ASN B 162 4.05 -16.65 -21.07
C ASN B 162 2.66 -16.83 -21.67
N ASP B 163 1.65 -16.48 -20.89
CA ASP B 163 0.27 -16.64 -21.31
C ASP B 163 -0.32 -15.35 -21.91
N VAL B 164 -0.08 -15.20 -23.20
CA VAL B 164 -0.55 -14.06 -23.95
C VAL B 164 -2.07 -13.87 -23.94
N ALA B 165 -2.83 -14.95 -23.89
CA ALA B 165 -4.29 -14.83 -23.83
C ALA B 165 -4.76 -14.22 -22.50
N HIS B 166 -4.13 -14.63 -21.40
CA HIS B 166 -4.44 -14.04 -20.10
C HIS B 166 -4.08 -12.56 -20.11
N LEU B 167 -2.95 -12.24 -20.75
CA LEU B 167 -2.52 -10.85 -20.89
C LEU B 167 -3.61 -10.03 -21.58
N ARG B 168 -4.13 -10.56 -22.68
CA ARG B 168 -5.21 -9.90 -23.45
C ARG B 168 -6.45 -9.67 -22.62
N GLU B 169 -6.84 -10.70 -21.89
CA GLU B 169 -8.03 -10.67 -21.06
C GLU B 169 -7.90 -9.58 -19.96
N LEU B 170 -6.71 -9.43 -19.41
CA LEU B 170 -6.46 -8.44 -18.38
C LEU B 170 -6.50 -7.01 -18.92
N ILE B 171 -5.76 -6.79 -20.00
CA ILE B 171 -5.60 -5.48 -20.59
C ILE B 171 -6.92 -4.96 -21.19
N ALA B 172 -7.71 -5.86 -21.78
CA ALA B 172 -9.00 -5.48 -22.37
C ALA B 172 -10.02 -5.08 -21.31
N ALA B 173 -9.82 -5.52 -20.08
CA ALA B 173 -10.75 -5.25 -18.99
C ALA B 173 -10.55 -3.86 -18.40
N ASP B 174 -9.35 -3.33 -18.54
CA ASP B 174 -8.95 -2.06 -17.97
C ASP B 174 -9.36 -0.82 -18.76
N ASP B 175 -9.39 0.32 -18.06
CA ASP B 175 -9.74 1.63 -18.63
C ASP B 175 -8.90 1.94 -19.89
N PRO B 176 -9.52 1.98 -21.07
CA PRO B 176 -8.75 2.20 -22.32
C PRO B 176 -7.98 3.53 -22.43
N ALA B 177 -8.30 4.51 -21.59
CA ALA B 177 -7.58 5.80 -21.60
C ALA B 177 -6.32 5.81 -20.71
N ALA B 178 -6.24 4.83 -19.80
CA ALA B 178 -5.10 4.74 -18.87
C ALA B 178 -3.80 4.31 -19.57
N PRO B 179 -2.69 4.97 -19.22
CA PRO B 179 -1.41 4.56 -19.80
C PRO B 179 -1.03 3.18 -19.33
N LYS B 180 -0.49 2.37 -20.23
CA LYS B 180 -0.20 0.98 -19.94
C LYS B 180 1.25 0.64 -20.34
N LEU B 181 1.84 -0.30 -19.61
CA LEU B 181 3.17 -0.81 -19.91
C LEU B 181 3.18 -2.33 -19.64
N ILE B 182 3.78 -3.09 -20.55
CA ILE B 182 3.93 -4.54 -20.35
C ILE B 182 5.38 -4.87 -20.13
N ALA B 183 5.63 -5.56 -19.04
CA ALA B 183 7.00 -5.86 -18.64
C ALA B 183 7.22 -7.37 -18.61
N PHE B 184 8.23 -7.83 -19.34
CA PHE B 184 8.51 -9.27 -19.46
C PHE B 184 10.00 -9.49 -19.76
N GLU B 185 10.42 -10.74 -19.84
CA GLU B 185 11.82 -11.09 -20.10
C GLU B 185 11.94 -11.83 -21.43
N SER B 186 13.09 -11.69 -22.11
CA SER B 186 13.31 -12.44 -23.32
C SER B 186 13.72 -13.87 -22.99
N VAL B 187 14.64 -14.03 -22.04
CA VAL B 187 15.03 -15.37 -21.54
C VAL B 187 14.84 -15.39 -20.02
N TYR B 188 13.97 -16.28 -19.53
CA TYR B 188 13.75 -16.41 -18.10
C TYR B 188 14.85 -17.26 -17.46
N SER B 189 15.50 -16.66 -16.44
CA SER B 189 16.74 -17.20 -15.82
C SER B 189 16.75 -18.61 -15.32
N MET B 190 15.62 -19.09 -14.82
CA MET B 190 15.60 -20.38 -14.15
C MET B 190 15.02 -21.52 -14.95
N ASP B 191 13.97 -21.24 -15.72
CA ASP B 191 13.42 -22.25 -16.61
C ASP B 191 14.23 -22.31 -17.93
N GLY B 192 14.83 -21.19 -18.31
CA GLY B 192 15.60 -21.13 -19.54
C GLY B 192 14.72 -21.01 -20.76
N ASP B 193 13.48 -20.55 -20.57
CA ASP B 193 12.54 -20.39 -21.69
C ASP B 193 12.46 -18.99 -22.23
N PHE B 194 11.84 -18.85 -23.40
CA PHE B 194 11.77 -17.58 -24.12
C PHE B 194 10.40 -16.92 -23.94
N GLY B 195 10.39 -15.61 -23.73
CA GLY B 195 9.13 -14.89 -23.69
C GLY B 195 8.61 -14.65 -25.10
N PRO B 196 7.29 -14.66 -25.28
CA PRO B 196 6.77 -14.54 -26.65
C PRO B 196 6.75 -13.09 -27.14
N ILE B 197 7.94 -12.59 -27.52
CA ILE B 197 8.11 -11.17 -27.87
C ILE B 197 7.07 -10.68 -28.89
N LYS B 198 6.98 -11.36 -30.04
CA LYS B 198 6.08 -10.91 -31.09
C LYS B 198 4.61 -10.76 -30.62
N GLU B 199 4.07 -11.79 -29.97
CA GLU B 199 2.69 -11.75 -29.47
C GLU B 199 2.45 -10.62 -28.50
N ILE B 200 3.41 -10.38 -27.59
CA ILE B 200 3.32 -9.27 -26.64
C ILE B 200 3.36 -7.92 -27.36
N CYS B 201 4.29 -7.75 -28.29
CA CYS B 201 4.33 -6.51 -29.08
C CYS B 201 3.03 -6.26 -29.84
N ASP B 202 2.45 -7.32 -30.42
CA ASP B 202 1.16 -7.24 -31.11
C ASP B 202 0.08 -6.72 -30.16
N ILE B 203 0.00 -7.31 -28.97
CA ILE B 203 -0.95 -6.84 -27.95
C ILE B 203 -0.67 -5.36 -27.52
N ALA B 204 0.60 -5.04 -27.28
CA ALA B 204 0.99 -3.68 -26.94
C ALA B 204 0.57 -2.68 -28.02
N GLU B 205 0.72 -3.06 -29.29
CA GLU B 205 0.35 -2.17 -30.38
C GLU B 205 -1.16 -1.99 -30.49
N GLU B 206 -1.90 -3.08 -30.31
CA GLU B 206 -3.36 -3.05 -30.35
C GLU B 206 -3.98 -2.17 -29.22
N PHE B 207 -3.39 -2.21 -28.03
CA PHE B 207 -3.94 -1.50 -26.87
C PHE B 207 -3.23 -0.21 -26.46
N GLY B 208 -2.22 0.19 -27.24
CA GLY B 208 -1.46 1.41 -27.01
C GLY B 208 -0.60 1.38 -25.75
N ALA B 209 0.03 0.23 -25.50
CA ALA B 209 0.89 0.08 -24.30
C ALA B 209 2.35 0.11 -24.68
N LEU B 210 3.16 0.51 -23.70
CA LEU B 210 4.60 0.46 -23.80
C LEU B 210 5.11 -0.95 -23.57
N THR B 211 6.23 -1.28 -24.21
CA THR B 211 6.85 -2.58 -23.97
C THR B 211 8.17 -2.38 -23.25
N TYR B 212 8.36 -3.15 -22.20
CA TYR B 212 9.58 -3.13 -21.40
C TYR B 212 10.09 -4.57 -21.34
N ILE B 213 11.21 -4.83 -22.00
CA ILE B 213 11.80 -6.19 -21.99
C ILE B 213 13.14 -6.25 -21.25
N ASP B 214 13.26 -7.21 -20.37
CA ASP B 214 14.50 -7.46 -19.66
C ASP B 214 15.20 -8.55 -20.45
N GLU B 215 16.35 -8.21 -21.03
CA GLU B 215 17.15 -9.15 -21.88
C GLU B 215 18.47 -9.54 -21.17
N VAL B 216 18.44 -9.47 -19.84
CA VAL B 216 19.61 -9.72 -19.01
C VAL B 216 20.29 -11.06 -19.28
N HIS B 217 19.49 -12.08 -19.55
CA HIS B 217 20.02 -13.39 -19.83
C HIS B 217 20.06 -13.68 -21.32
N ALA B 218 20.19 -12.63 -22.12
CA ALA B 218 20.24 -12.78 -23.59
C ALA B 218 21.29 -11.89 -24.25
N VAL B 219 21.51 -10.68 -23.72
CA VAL B 219 22.46 -9.78 -24.34
C VAL B 219 23.88 -10.41 -24.35
N GLY B 220 24.59 -10.19 -25.44
CA GLY B 220 25.87 -10.80 -25.68
C GLY B 220 25.73 -12.16 -26.33
N MET B 221 24.55 -12.81 -26.17
CA MET B 221 24.37 -14.22 -26.52
C MET B 221 23.45 -14.52 -27.66
N TYR B 222 22.59 -13.59 -28.01
CA TYR B 222 21.58 -13.85 -29.06
C TYR B 222 21.55 -12.66 -30.00
N GLY B 223 21.20 -12.94 -31.26
CA GLY B 223 21.18 -11.93 -32.30
C GLY B 223 22.54 -11.88 -32.96
N PRO B 224 22.60 -11.49 -34.24
CA PRO B 224 23.90 -11.48 -34.92
C PRO B 224 24.96 -10.55 -34.30
N ARG B 225 24.55 -9.59 -33.47
CA ARG B 225 25.51 -8.72 -32.83
C ARG B 225 25.46 -8.83 -31.32
N GLY B 226 24.77 -9.85 -30.83
CA GLY B 226 24.65 -10.04 -29.38
C GLY B 226 23.72 -9.05 -28.70
N ALA B 227 22.86 -8.38 -29.46
CA ALA B 227 21.86 -7.46 -28.89
C ALA B 227 20.69 -8.15 -28.18
N GLY B 228 20.58 -9.48 -28.31
CA GLY B 228 19.51 -10.21 -27.64
C GLY B 228 18.50 -10.90 -28.55
N VAL B 229 17.47 -11.47 -27.94
CA VAL B 229 16.45 -12.20 -28.65
C VAL B 229 15.65 -11.31 -29.60
N ALA B 230 15.29 -10.11 -29.15
CA ALA B 230 14.55 -9.20 -30.03
C ALA B 230 15.35 -8.96 -31.33
N GLU B 231 16.68 -8.87 -31.22
CA GLU B 231 17.51 -8.70 -32.40
C GLU B 231 17.46 -9.95 -33.24
N ARG B 232 17.53 -11.10 -32.59
CA ARG B 232 17.47 -12.41 -33.28
C ARG B 232 16.18 -12.52 -34.09
N ASP B 233 15.03 -12.17 -33.50
CA ASP B 233 13.72 -12.20 -34.22
C ASP B 233 13.39 -10.91 -35.04
N GLY B 234 14.31 -9.95 -35.13
CA GLY B 234 14.09 -8.69 -35.90
C GLY B 234 12.98 -7.81 -35.31
N LEU B 235 12.95 -7.72 -33.98
CA LEU B 235 11.88 -7.01 -33.27
C LEU B 235 12.34 -5.82 -32.37
N MET B 236 13.59 -5.41 -32.46
CA MET B 236 14.07 -4.39 -31.56
C MET B 236 13.34 -3.07 -31.70
N HIS B 237 12.87 -2.79 -32.92
CA HIS B 237 12.21 -1.55 -33.22
C HIS B 237 10.83 -1.48 -32.55
N ARG B 238 10.32 -2.63 -32.12
CA ARG B 238 8.99 -2.77 -31.49
C ARG B 238 9.00 -2.70 -29.96
N ILE B 239 10.20 -2.64 -29.41
CA ILE B 239 10.43 -2.57 -27.96
C ILE B 239 10.69 -1.13 -27.53
N ASP B 240 9.88 -0.62 -26.62
CA ASP B 240 10.07 0.76 -26.10
C ASP B 240 11.30 0.93 -25.23
N ILE B 241 11.49 0.03 -24.27
CA ILE B 241 12.61 0.12 -23.36
C ILE B 241 13.29 -1.24 -23.23
N PHE B 242 14.62 -1.28 -23.35
CA PHE B 242 15.40 -2.48 -23.08
C PHE B 242 16.05 -2.33 -21.71
N ASN B 243 16.12 -3.43 -20.96
CA ASN B 243 16.90 -3.51 -19.76
C ASN B 243 17.90 -4.60 -19.94
N GLY B 244 19.17 -4.31 -19.63
CA GLY B 244 20.24 -5.30 -19.76
C GLY B 244 21.23 -5.21 -18.64
N THR B 245 22.12 -6.20 -18.58
CA THR B 245 23.21 -6.19 -17.60
C THR B 245 24.54 -6.20 -18.29
N LEU B 246 25.56 -5.71 -17.60
CA LEU B 246 26.93 -5.75 -18.11
C LEU B 246 27.69 -6.80 -17.33
N ALA B 247 27.01 -7.47 -16.39
CA ALA B 247 27.67 -8.40 -15.46
C ALA B 247 27.61 -9.89 -15.82
N LYS B 248 26.89 -10.23 -16.86
CA LYS B 248 26.76 -11.64 -17.18
C LYS B 248 27.57 -12.03 -18.44
N ALA B 249 26.92 -12.24 -19.59
CA ALA B 249 27.66 -12.48 -20.82
C ALA B 249 28.76 -11.41 -21.09
N TYR B 250 28.50 -10.13 -20.76
CA TYR B 250 29.49 -9.10 -20.95
C TYR B 250 30.69 -9.15 -19.99
N GLY B 251 30.58 -9.97 -18.94
CA GLY B 251 31.70 -10.33 -18.10
C GLY B 251 32.18 -9.35 -17.07
N VAL B 252 31.46 -8.23 -16.88
CA VAL B 252 31.98 -7.20 -15.99
C VAL B 252 31.00 -6.92 -14.87
N PHE B 253 30.37 -5.74 -14.85
CA PHE B 253 29.47 -5.33 -13.76
C PHE B 253 28.66 -4.13 -14.23
N GLY B 254 27.49 -3.92 -13.60
CA GLY B 254 26.63 -2.79 -13.94
C GLY B 254 25.46 -3.21 -14.82
N GLY B 255 24.51 -2.31 -15.01
CA GLY B 255 23.39 -2.56 -15.86
C GLY B 255 22.91 -1.27 -16.51
N TYR B 256 21.87 -1.37 -17.32
CA TYR B 256 21.38 -0.23 -18.07
C TYR B 256 19.95 -0.39 -18.57
N ILE B 257 19.42 0.72 -19.09
CA ILE B 257 18.24 0.74 -19.93
C ILE B 257 18.62 1.43 -21.21
N ALA B 258 17.93 1.07 -22.29
CA ALA B 258 18.12 1.66 -23.61
C ALA B 258 16.72 2.00 -24.13
N ALA B 259 16.51 3.25 -24.56
CA ALA B 259 15.18 3.71 -25.08
C ALA B 259 15.39 5.00 -25.83
N SER B 260 14.38 5.78 -26.11
CA SER B 260 14.62 7.06 -26.79
C SER B 260 15.20 8.11 -25.83
N ALA B 261 15.89 9.10 -26.38
CA ALA B 261 16.39 10.23 -25.63
C ALA B 261 15.36 10.85 -24.68
N ARG B 262 14.14 11.16 -25.12
CA ARG B 262 13.16 11.67 -24.14
C ARG B 262 12.93 10.67 -22.95
N MET B 263 12.72 9.38 -23.28
CA MET B 263 12.56 8.31 -22.25
C MET B 263 13.75 8.25 -21.32
N VAL B 264 14.97 8.25 -21.87
CA VAL B 264 16.19 8.25 -21.01
C VAL B 264 16.35 9.53 -20.17
N ASP B 265 16.21 10.67 -20.83
CA ASP B 265 16.37 11.92 -20.17
C ASP B 265 15.37 12.08 -19.00
N ALA B 266 14.14 11.56 -19.15
CA ALA B 266 13.15 11.67 -18.05
C ALA B 266 13.51 10.71 -16.93
N VAL B 267 13.86 9.46 -17.24
CA VAL B 267 14.32 8.55 -16.18
C VAL B 267 15.51 9.11 -15.40
N ARG B 268 16.53 9.52 -16.13
CA ARG B 268 17.73 10.15 -15.54
C ARG B 268 17.41 11.35 -14.60
N SER B 269 16.42 12.16 -15.00
CA SER B 269 16.08 13.38 -14.31
C SER B 269 15.17 13.18 -13.13
N TYR B 270 14.47 12.06 -13.13
CA TYR B 270 13.53 11.78 -12.04
C TYR B 270 13.81 10.64 -11.07
N ALA B 271 14.62 9.67 -11.46
CA ALA B 271 14.82 8.47 -10.65
C ALA B 271 15.82 8.68 -9.51
N PRO B 272 15.36 8.60 -8.24
CA PRO B 272 16.32 8.74 -7.10
C PRO B 272 17.43 7.71 -7.15
N GLY B 273 17.10 6.50 -7.63
CA GLY B 273 18.06 5.41 -7.73
C GLY B 273 19.22 5.68 -8.68
N PHE B 274 19.03 6.57 -9.66
CA PHE B 274 20.10 7.00 -10.59
C PHE B 274 20.82 8.25 -10.05
N ILE B 275 20.05 9.22 -9.58
CA ILE B 275 20.62 10.47 -9.15
C ILE B 275 21.54 10.29 -7.96
N PHE B 276 21.08 9.60 -6.91
CA PHE B 276 21.75 9.63 -5.61
C PHE B 276 22.78 8.55 -5.30
N SER B 277 23.51 8.11 -6.29
CA SER B 277 24.49 7.04 -6.06
C SER B 277 25.70 7.29 -6.96
N THR B 278 26.88 6.95 -6.45
CA THR B 278 28.11 7.12 -7.20
C THR B 278 28.00 6.38 -8.52
N SER B 279 28.52 6.99 -9.60
CA SER B 279 28.56 6.33 -10.89
C SER B 279 29.58 5.19 -10.89
N LEU B 280 29.38 4.24 -11.78
CA LEU B 280 30.26 3.11 -11.96
C LEU B 280 31.70 3.51 -12.12
N PRO B 281 32.64 2.73 -11.55
CA PRO B 281 34.06 3.06 -11.75
C PRO B 281 34.43 3.10 -13.23
N PRO B 282 35.14 4.16 -13.65
CA PRO B 282 35.53 4.24 -15.08
C PRO B 282 36.13 2.93 -15.65
N ALA B 283 36.95 2.22 -14.85
CA ALA B 283 37.50 0.90 -15.28
C ALA B 283 36.43 -0.14 -15.61
N ILE B 284 35.37 -0.19 -14.80
CA ILE B 284 34.23 -1.08 -15.07
C ILE B 284 33.59 -0.70 -16.39
N ALA B 285 33.38 0.59 -16.59
CA ALA B 285 32.78 1.08 -17.80
C ALA B 285 33.63 0.75 -19.03
N ALA B 286 34.93 0.88 -18.87
CA ALA B 286 35.87 0.65 -19.96
C ALA B 286 35.80 -0.81 -20.37
N GLY B 287 35.76 -1.71 -19.38
CA GLY B 287 35.75 -3.14 -19.63
C GLY B 287 34.49 -3.56 -20.33
N ALA B 288 33.36 -3.12 -19.81
CA ALA B 288 32.06 -3.44 -20.38
C ALA B 288 31.93 -2.90 -21.81
N GLN B 289 32.38 -1.69 -22.04
CA GLN B 289 32.35 -1.14 -23.39
C GLN B 289 33.13 -2.03 -24.36
N ALA B 290 34.33 -2.44 -23.94
CA ALA B 290 35.19 -3.28 -24.77
C ALA B 290 34.53 -4.64 -25.00
N SER B 291 33.86 -5.14 -23.96
CA SER B 291 33.16 -6.40 -24.06
C SER B 291 32.01 -6.34 -25.08
N ILE B 292 31.18 -5.28 -25.00
CA ILE B 292 30.04 -5.14 -25.93
C ILE B 292 30.59 -5.02 -27.35
N ALA B 293 31.54 -4.09 -27.54
CA ALA B 293 32.15 -3.86 -28.85
C ALA B 293 32.68 -5.14 -29.44
N PHE B 294 33.36 -5.94 -28.61
CA PHE B 294 33.93 -7.19 -29.09
C PHE B 294 32.84 -8.20 -29.50
N LEU B 295 31.80 -8.32 -28.69
CA LEU B 295 30.74 -9.27 -28.98
C LEU B 295 29.85 -8.93 -30.19
N LYS B 296 30.00 -7.72 -30.73
CA LYS B 296 29.30 -7.30 -31.97
C LYS B 296 30.00 -7.83 -33.24
N THR B 297 31.27 -8.18 -33.11
CA THR B 297 32.07 -8.64 -34.24
C THR B 297 31.84 -10.12 -34.54
N ALA B 298 32.28 -10.54 -35.74
CA ALA B 298 32.24 -11.95 -36.16
C ALA B 298 32.98 -12.85 -35.15
N GLU B 299 34.05 -12.32 -34.57
CA GLU B 299 34.80 -13.02 -33.52
C GLU B 299 33.94 -13.31 -32.29
N GLY B 300 33.02 -12.40 -31.99
CA GLY B 300 32.08 -12.59 -30.91
C GLY B 300 31.04 -13.64 -31.25
N GLN B 301 30.62 -13.63 -32.50
CA GLN B 301 29.68 -14.60 -33.02
C GLN B 301 30.22 -16.01 -32.81
N LYS B 302 31.54 -16.17 -32.92
CA LYS B 302 32.15 -17.48 -32.68
C LYS B 302 31.87 -17.97 -31.27
N LEU B 303 31.99 -17.07 -30.30
CA LEU B 303 31.73 -17.42 -28.91
C LEU B 303 30.29 -17.86 -28.67
N ARG B 304 29.33 -17.13 -29.27
CA ARG B 304 27.92 -17.52 -29.25
C ARG B 304 27.65 -18.91 -29.88
N ASP B 305 28.12 -19.12 -31.12
CA ASP B 305 28.04 -20.41 -31.80
C ASP B 305 28.57 -21.55 -30.92
N ALA B 306 29.75 -21.33 -30.31
CA ALA B 306 30.34 -22.31 -29.41
C ALA B 306 29.46 -22.55 -28.18
N GLN B 307 28.91 -21.47 -27.61
CA GLN B 307 28.05 -21.61 -26.43
C GLN B 307 26.82 -22.50 -26.74
N GLN B 308 26.07 -22.11 -27.78
CA GLN B 308 24.91 -22.85 -28.22
C GLN B 308 25.23 -24.34 -28.43
N MET B 309 26.34 -24.60 -29.13
CA MET B 309 26.82 -25.96 -29.40
C MET B 309 26.99 -26.77 -28.10
N HIS B 310 27.72 -26.20 -27.14
CA HIS B 310 27.99 -26.83 -25.86
C HIS B 310 26.73 -27.08 -25.07
N ALA B 311 25.79 -26.13 -25.14
CA ALA B 311 24.51 -26.31 -24.50
C ALA B 311 23.77 -27.53 -25.11
N LYS B 312 23.68 -27.59 -26.44
CA LYS B 312 23.06 -28.73 -27.14
C LYS B 312 23.71 -30.05 -26.73
N VAL B 313 25.04 -30.08 -26.71
CA VAL B 313 25.74 -31.33 -26.37
C VAL B 313 25.43 -31.74 -24.93
N LEU B 314 25.48 -30.79 -24.01
CA LEU B 314 25.15 -31.09 -22.61
C LEU B 314 23.72 -31.65 -22.45
N LYS B 315 22.76 -31.01 -23.08
CA LYS B 315 21.36 -31.44 -23.01
C LYS B 315 21.16 -32.86 -23.57
N MET B 316 21.79 -33.15 -24.71
CA MET B 316 21.77 -34.48 -25.32
C MET B 316 22.27 -35.53 -24.36
N ARG B 317 23.44 -35.27 -23.79
CA ARG B 317 24.11 -36.23 -22.94
C ARG B 317 23.37 -36.45 -21.62
N LEU B 318 22.71 -35.40 -21.11
CA LEU B 318 21.91 -35.55 -19.91
C LEU B 318 20.60 -36.33 -20.12
N LYS B 319 19.93 -36.06 -21.24
CA LYS B 319 18.73 -36.84 -21.58
C LYS B 319 19.10 -38.28 -21.84
N ALA B 320 20.31 -38.51 -22.37
CA ALA B 320 20.79 -39.88 -22.65
C ALA B 320 21.13 -40.66 -21.39
N LEU B 321 20.89 -40.08 -20.23
CA LEU B 321 21.15 -40.75 -18.96
C LEU B 321 19.86 -40.88 -18.15
N GLY B 322 18.78 -40.29 -18.69
CA GLY B 322 17.43 -40.40 -18.11
C GLY B 322 17.10 -39.39 -17.03
N MET B 323 17.47 -38.12 -17.24
CA MET B 323 17.63 -37.18 -16.18
C MET B 323 16.52 -36.12 -16.22
N PRO B 324 16.13 -35.53 -15.03
CA PRO B 324 15.03 -34.55 -15.06
C PRO B 324 15.43 -33.17 -15.60
N ILE B 325 15.75 -33.13 -16.89
CA ILE B 325 16.14 -31.88 -17.56
C ILE B 325 15.02 -31.30 -18.41
N ILE B 326 14.65 -30.04 -18.11
CA ILE B 326 13.70 -29.34 -18.99
C ILE B 326 14.41 -28.50 -20.02
N ASP B 327 14.05 -28.75 -21.29
CA ASP B 327 14.72 -28.11 -22.44
C ASP B 327 13.81 -27.16 -23.21
N HIS B 328 14.04 -25.85 -23.03
CA HIS B 328 13.29 -24.84 -23.78
C HIS B 328 14.10 -24.21 -24.92
N GLY B 329 15.20 -24.82 -25.30
CA GLY B 329 16.02 -24.35 -26.44
C GLY B 329 16.96 -23.21 -26.16
N SER B 330 17.27 -22.92 -24.90
CA SER B 330 18.23 -21.85 -24.61
C SER B 330 19.56 -22.43 -24.11
N HIS B 331 20.49 -21.56 -23.71
CA HIS B 331 21.81 -21.95 -23.19
C HIS B 331 21.76 -22.39 -21.72
N ILE B 332 20.63 -22.16 -21.07
CA ILE B 332 20.48 -22.56 -19.68
C ILE B 332 19.97 -24.02 -19.60
N VAL B 333 20.60 -24.79 -18.72
CA VAL B 333 20.33 -26.20 -18.58
C VAL B 333 19.94 -26.53 -17.13
N PRO B 334 18.63 -26.46 -16.81
CA PRO B 334 18.16 -26.78 -15.48
C PRO B 334 17.78 -28.24 -15.26
N VAL B 335 18.22 -28.77 -14.12
CA VAL B 335 17.87 -30.12 -13.71
C VAL B 335 17.07 -29.98 -12.42
N VAL B 336 15.77 -30.27 -12.50
CA VAL B 336 14.80 -30.08 -11.43
C VAL B 336 14.88 -31.23 -10.43
N ILE B 337 15.16 -30.92 -9.16
CA ILE B 337 15.16 -31.95 -8.09
C ILE B 337 13.84 -31.92 -7.32
N GLY B 338 13.28 -30.73 -7.12
CA GLY B 338 11.96 -30.57 -6.50
C GLY B 338 11.91 -30.49 -4.99
N ASP B 339 13.07 -30.63 -4.36
CA ASP B 339 13.19 -30.53 -2.90
C ASP B 339 14.46 -29.79 -2.49
N PRO B 340 14.33 -28.72 -1.65
CA PRO B 340 15.49 -27.87 -1.30
C PRO B 340 16.63 -28.63 -0.64
N VAL B 341 16.29 -29.56 0.28
CA VAL B 341 17.30 -30.35 1.01
C VAL B 341 18.04 -31.38 0.13
N HIS B 342 17.28 -32.17 -0.64
CA HIS B 342 17.89 -33.13 -1.58
C HIS B 342 18.74 -32.40 -2.66
N THR B 343 18.29 -31.22 -3.10
CA THR B 343 19.07 -30.41 -4.08
C THR B 343 20.45 -30.01 -3.53
N LYS B 344 20.50 -29.55 -2.27
CA LYS B 344 21.76 -29.24 -1.58
C LYS B 344 22.61 -30.50 -1.40
N ALA B 345 21.98 -31.62 -1.05
CA ALA B 345 22.69 -32.89 -0.92
C ALA B 345 23.41 -33.28 -2.23
N VAL B 346 22.72 -33.17 -3.36
CA VAL B 346 23.31 -33.51 -4.67
C VAL B 346 24.43 -32.54 -5.04
N SER B 347 24.19 -31.27 -4.79
CA SER B 347 25.17 -30.23 -5.04
C SER B 347 26.44 -30.42 -4.19
N ASP B 348 26.25 -30.74 -2.90
CA ASP B 348 27.33 -31.01 -1.95
C ASP B 348 28.22 -32.13 -2.44
N MET B 349 27.60 -33.21 -2.91
CA MET B 349 28.31 -34.38 -3.38
C MET B 349 29.10 -34.08 -4.64
N LEU B 350 28.53 -33.27 -5.52
CA LEU B 350 29.18 -32.93 -6.77
C LEU B 350 30.43 -32.08 -6.56
N LEU B 351 30.33 -31.13 -5.63
CA LEU B 351 31.44 -30.32 -5.21
C LEU B 351 32.57 -31.18 -4.66
N SER B 352 32.29 -31.84 -3.53
CA SER B 352 33.26 -32.56 -2.72
C SER B 352 33.93 -33.73 -3.39
N ASP B 353 33.14 -34.51 -4.11
CA ASP B 353 33.61 -35.76 -4.70
C ASP B 353 34.15 -35.61 -6.12
N TYR B 354 33.64 -34.64 -6.87
CA TYR B 354 33.94 -34.53 -8.30
C TYR B 354 34.51 -33.19 -8.77
N GLY B 355 34.59 -32.22 -7.86
CA GLY B 355 35.03 -30.88 -8.22
C GLY B 355 34.07 -30.20 -9.19
N VAL B 356 32.78 -30.45 -9.02
CA VAL B 356 31.78 -29.82 -9.85
C VAL B 356 30.93 -28.87 -9.01
N TYR B 357 31.05 -27.59 -9.33
CA TYR B 357 30.30 -26.60 -8.61
C TYR B 357 29.06 -26.15 -9.36
N VAL B 358 27.92 -26.50 -8.78
CA VAL B 358 26.61 -26.08 -9.29
C VAL B 358 25.74 -25.82 -8.06
N GLN B 359 25.59 -24.55 -7.71
CA GLN B 359 24.85 -24.11 -6.53
C GLN B 359 23.42 -24.64 -6.54
N PRO B 360 22.92 -25.14 -5.37
CA PRO B 360 21.51 -25.60 -5.32
C PRO B 360 20.59 -24.40 -5.28
N ILE B 361 19.60 -24.38 -6.15
CA ILE B 361 18.73 -23.22 -6.29
C ILE B 361 17.35 -23.47 -5.70
N ASN B 362 16.98 -22.61 -4.74
CA ASN B 362 15.73 -22.72 -3.98
C ASN B 362 14.88 -21.41 -3.91
N PHE B 363 13.81 -21.45 -3.11
CA PHE B 363 12.98 -20.27 -2.85
C PHE B 363 13.81 -19.24 -2.07
N PRO B 364 13.70 -17.92 -2.41
CA PRO B 364 12.77 -17.29 -3.40
C PRO B 364 13.25 -17.17 -4.82
N THR B 365 14.36 -17.82 -5.18
CA THR B 365 14.87 -17.72 -6.56
C THR B 365 13.97 -18.49 -7.55
N VAL B 366 13.40 -19.62 -7.09
CA VAL B 366 12.42 -20.38 -7.89
C VAL B 366 11.28 -20.75 -6.97
N PRO B 367 10.07 -21.03 -7.56
CA PRO B 367 8.95 -21.47 -6.71
C PRO B 367 9.25 -22.74 -5.94
N ARG B 368 8.70 -22.84 -4.74
CA ARG B 368 8.87 -24.02 -3.88
C ARG B 368 8.40 -25.23 -4.67
N GLY B 369 9.10 -26.35 -4.49
CA GLY B 369 8.77 -27.62 -5.18
C GLY B 369 9.43 -27.73 -6.54
N THR B 370 10.13 -26.66 -6.95
CA THR B 370 10.84 -26.63 -8.23
C THR B 370 12.33 -26.31 -8.03
N GLU B 371 12.85 -26.65 -6.85
CA GLU B 371 14.28 -26.44 -6.51
C GLU B 371 15.14 -27.24 -7.46
N ARG B 372 16.27 -26.67 -7.89
CA ARG B 372 16.99 -27.28 -9.00
C ARG B 372 18.48 -26.98 -9.02
N LEU B 373 19.18 -27.73 -9.89
CA LEU B 373 20.58 -27.40 -10.30
C LEU B 373 20.45 -26.69 -11.63
N ARG B 374 21.30 -25.69 -11.85
CA ARG B 374 21.20 -24.90 -13.06
C ARG B 374 22.56 -24.74 -13.75
N PHE B 375 22.78 -25.55 -14.77
CA PHE B 375 24.03 -25.58 -15.49
C PHE B 375 24.11 -24.51 -16.58
N THR B 376 25.29 -23.92 -16.72
CA THR B 376 25.49 -22.86 -17.69
C THR B 376 26.72 -23.12 -18.55
N PRO B 377 26.61 -24.04 -19.50
CA PRO B 377 27.77 -24.35 -20.33
C PRO B 377 28.18 -23.13 -21.14
N SER B 378 29.49 -22.85 -21.18
CA SER B 378 30.05 -21.72 -21.94
C SER B 378 31.06 -22.19 -23.01
N PRO B 379 31.54 -21.25 -23.85
CA PRO B 379 32.61 -21.54 -24.82
C PRO B 379 33.81 -22.23 -24.19
N VAL B 380 34.08 -21.96 -22.91
CA VAL B 380 35.22 -22.56 -22.23
C VAL B 380 34.93 -23.93 -21.58
N HIS B 381 33.70 -24.40 -21.62
CA HIS B 381 33.43 -25.76 -21.18
C HIS B 381 33.64 -26.65 -22.42
N ASP B 382 34.91 -26.94 -22.75
CA ASP B 382 35.28 -27.78 -23.94
C ASP B 382 34.65 -29.15 -23.84
N LEU B 383 34.65 -29.89 -24.96
CA LEU B 383 33.97 -31.21 -25.02
C LEU B 383 34.49 -32.22 -23.96
N LYS B 384 35.73 -31.99 -23.52
CA LYS B 384 36.39 -32.71 -22.42
C LYS B 384 35.62 -32.58 -21.08
N GLN B 385 35.36 -31.33 -20.68
CA GLN B 385 34.70 -31.00 -19.40
C GLN B 385 33.25 -31.38 -19.35
N ILE B 386 32.54 -31.12 -20.45
CA ILE B 386 31.16 -31.66 -20.65
C ILE B 386 31.17 -33.18 -20.42
N ASP B 387 32.13 -33.88 -21.07
CA ASP B 387 32.28 -35.33 -20.93
C ASP B 387 32.59 -35.71 -19.48
N GLY B 388 33.48 -34.95 -18.83
CA GLY B 388 33.74 -35.07 -17.39
C GLY B 388 32.45 -34.95 -16.56
N LEU B 389 31.71 -33.83 -16.75
CA LEU B 389 30.42 -33.61 -16.04
C LEU B 389 29.39 -34.74 -16.14
N VAL B 390 29.14 -35.21 -17.36
CA VAL B 390 28.06 -36.19 -17.55
C VAL B 390 28.38 -37.51 -16.89
N HIS B 391 29.66 -37.87 -16.92
CA HIS B 391 30.14 -39.08 -16.28
C HIS B 391 29.93 -38.96 -14.77
N ALA B 392 30.23 -37.76 -14.23
CA ALA B 392 30.05 -37.46 -12.80
C ALA B 392 28.58 -37.56 -12.38
N MET B 393 27.69 -36.98 -13.18
CA MET B 393 26.25 -37.07 -12.92
C MET B 393 25.82 -38.54 -12.86
N ASP B 394 26.08 -39.28 -13.96
CA ASP B 394 25.73 -40.72 -14.09
C ASP B 394 25.99 -41.55 -12.81
N LEU B 395 27.26 -41.58 -12.38
CA LEU B 395 27.69 -42.32 -11.20
C LEU B 395 26.96 -41.87 -9.94
N LEU B 396 26.22 -40.79 -10.07
CA LEU B 396 25.50 -40.23 -8.97
C LEU B 396 24.01 -40.40 -9.25
N MET C 1 -4.66 24.70 -5.86
CA MET C 1 -5.42 23.67 -6.62
C MET C 1 -6.83 24.18 -7.03
N ASP C 2 -7.25 23.82 -8.24
CA ASP C 2 -8.64 24.02 -8.72
C ASP C 2 -9.40 22.71 -8.49
N TYR C 3 -10.18 22.69 -7.40
CA TYR C 3 -10.89 21.52 -6.95
C TYR C 3 -12.08 21.24 -7.83
N ASN C 4 -12.80 22.30 -8.19
CA ASN C 4 -13.94 22.18 -9.09
C ASN C 4 -13.56 21.56 -10.41
N LEU C 5 -12.43 22.01 -10.97
CA LEU C 5 -11.90 21.44 -12.20
C LEU C 5 -11.74 19.90 -12.08
N ALA C 6 -11.19 19.45 -10.94
CA ALA C 6 -10.90 18.04 -10.75
C ALA C 6 -12.18 17.22 -10.71
N LEU C 7 -13.20 17.77 -10.05
CA LEU C 7 -14.52 17.14 -9.95
C LEU C 7 -15.17 17.05 -11.32
N ASP C 8 -15.05 18.14 -12.11
CA ASP C 8 -15.54 18.13 -13.49
C ASP C 8 -14.94 17.00 -14.33
N LYS C 9 -13.63 16.73 -14.15
CA LYS C 9 -12.89 15.73 -14.96
C LYS C 9 -13.31 14.35 -14.57
N ALA C 10 -13.38 14.15 -13.25
CA ALA C 10 -13.97 12.96 -12.63
C ALA C 10 -15.36 12.62 -13.21
N ILE C 11 -16.25 13.61 -13.27
CA ILE C 11 -17.62 13.42 -13.80
C ILE C 11 -17.64 13.24 -15.35
N GLN C 12 -16.82 14.05 -16.01
CA GLN C 12 -16.72 13.99 -17.48
C GLN C 12 -16.27 12.60 -17.92
N LYS C 13 -15.33 12.02 -17.17
CA LYS C 13 -14.81 10.69 -17.50
C LYS C 13 -15.91 9.60 -17.51
N LEU C 14 -16.90 9.74 -16.62
CA LEU C 14 -18.02 8.86 -16.55
C LEU C 14 -18.83 9.00 -17.83
N HIS C 15 -19.04 10.22 -18.27
CA HIS C 15 -19.76 10.43 -19.53
C HIS C 15 -18.98 9.85 -20.68
N ASP C 16 -17.67 10.09 -20.72
CA ASP C 16 -16.84 9.67 -21.89
C ASP C 16 -16.75 8.17 -22.02
N GLU C 17 -16.89 7.45 -20.90
CA GLU C 17 -16.91 5.99 -20.91
C GLU C 17 -18.34 5.41 -21.10
N GLY C 18 -19.35 6.28 -21.12
CA GLY C 18 -20.76 5.86 -21.17
C GLY C 18 -21.36 5.18 -19.93
N ARG C 19 -20.70 5.30 -18.74
CA ARG C 19 -21.10 4.63 -17.48
C ARG C 19 -21.64 5.58 -16.39
N TYR C 20 -22.00 6.79 -16.76
CA TYR C 20 -22.64 7.73 -15.84
C TYR C 20 -24.04 7.20 -15.52
N ARG C 21 -24.38 7.06 -14.26
CA ARG C 21 -25.60 6.42 -13.83
C ARG C 21 -26.71 7.38 -13.48
N THR C 22 -27.89 7.19 -14.11
CA THR C 22 -29.09 7.97 -13.79
C THR C 22 -29.97 7.12 -12.88
N PHE C 23 -30.30 7.61 -11.69
CA PHE C 23 -31.15 6.82 -10.81
C PHE C 23 -32.61 6.96 -11.20
N ILE C 24 -33.40 5.92 -10.95
CA ILE C 24 -34.83 5.92 -11.24
C ILE C 24 -35.55 6.03 -9.91
N ASP C 25 -36.44 7.00 -9.80
CA ASP C 25 -37.12 7.30 -8.54
C ASP C 25 -38.42 6.50 -8.52
N ILE C 26 -38.51 5.53 -7.61
CA ILE C 26 -39.70 4.68 -7.51
C ILE C 26 -40.29 4.58 -6.09
N GLU C 27 -41.55 4.14 -6.02
CA GLU C 27 -42.20 3.84 -4.74
C GLU C 27 -42.97 2.54 -4.92
N ARG C 28 -42.46 1.47 -4.31
CA ARG C 28 -43.09 0.18 -4.38
C ARG C 28 -44.42 0.20 -3.66
N GLU C 29 -45.47 -0.38 -4.24
CA GLU C 29 -46.78 -0.34 -3.62
C GLU C 29 -46.97 -1.55 -2.70
N LYS C 30 -46.80 -1.34 -1.42
CA LYS C 30 -46.90 -2.42 -0.43
C LYS C 30 -48.23 -3.18 -0.59
N GLY C 31 -48.16 -4.50 -0.63
CA GLY C 31 -49.34 -5.36 -0.82
C GLY C 31 -49.64 -5.63 -2.30
N ALA C 32 -48.88 -4.98 -3.19
CA ALA C 32 -49.09 -5.17 -4.62
C ALA C 32 -47.76 -5.33 -5.39
N PHE C 33 -46.70 -5.65 -4.65
CA PHE C 33 -45.44 -6.01 -5.32
C PHE C 33 -45.78 -7.02 -6.45
N PRO C 34 -45.07 -6.93 -7.61
CA PRO C 34 -43.93 -6.03 -7.92
C PRO C 34 -44.31 -4.66 -8.51
N LYS C 35 -45.58 -4.28 -8.38
CA LYS C 35 -46.03 -2.95 -8.86
C LYS C 35 -45.32 -1.80 -8.09
N ALA C 36 -44.97 -0.74 -8.81
CA ALA C 36 -44.45 0.49 -8.17
C ALA C 36 -44.84 1.70 -8.99
N GLN C 37 -44.83 2.83 -8.32
CA GLN C 37 -45.06 4.11 -8.97
C GLN C 37 -43.68 4.59 -9.38
N TRP C 38 -43.50 4.92 -10.66
CA TRP C 38 -42.27 5.56 -11.11
C TRP C 38 -42.47 7.08 -11.17
N ASN C 39 -41.63 7.80 -10.42
CA ASN C 39 -41.66 9.26 -10.42
C ASN C 39 -40.74 9.77 -11.52
N ARG C 40 -41.36 10.01 -12.67
CA ARG C 40 -40.64 10.45 -13.87
C ARG C 40 -39.96 11.80 -13.68
N PRO C 41 -38.81 12.03 -14.38
CA PRO C 41 -38.06 13.30 -14.39
C PRO C 41 -38.91 14.53 -14.82
N ASP C 42 -40.03 14.29 -15.49
CA ASP C 42 -40.88 15.40 -15.92
C ASP C 42 -41.99 15.75 -14.91
N GLY C 43 -42.07 15.01 -13.81
CA GLY C 43 -43.07 15.28 -12.78
C GLY C 43 -44.30 14.40 -12.81
N GLY C 44 -44.40 13.52 -13.82
CA GLY C 44 -45.52 12.61 -13.96
C GLY C 44 -45.35 11.35 -13.14
N LYS C 45 -46.44 10.60 -13.00
CA LYS C 45 -46.48 9.34 -12.22
C LYS C 45 -46.94 8.22 -13.15
N GLN C 46 -46.27 7.09 -13.11
CA GLN C 46 -46.58 5.97 -14.00
C GLN C 46 -46.41 4.66 -13.25
N ASP C 47 -47.40 3.79 -13.35
CA ASP C 47 -47.30 2.43 -12.78
C ASP C 47 -46.32 1.61 -13.63
N ILE C 48 -45.41 0.96 -12.95
CA ILE C 48 -44.41 0.11 -13.57
C ILE C 48 -44.32 -1.22 -12.81
N THR C 49 -43.62 -2.18 -13.39
CA THR C 49 -43.34 -3.46 -12.75
C THR C 49 -41.84 -3.54 -12.48
N VAL C 50 -41.46 -3.69 -11.21
CA VAL C 50 -40.03 -3.83 -10.83
C VAL C 50 -39.56 -5.21 -11.22
N TRP C 51 -38.53 -5.28 -12.05
CA TRP C 51 -37.98 -6.54 -12.52
C TRP C 51 -36.53 -6.75 -12.16
N CYS C 52 -35.99 -5.86 -11.35
CA CYS C 52 -34.58 -5.95 -11.06
C CYS C 52 -34.26 -5.84 -9.58
N GLY C 53 -35.29 -5.80 -8.74
CA GLY C 53 -35.14 -5.61 -7.30
C GLY C 53 -34.49 -6.80 -6.63
N ASN C 54 -34.01 -6.59 -5.41
CA ASN C 54 -33.40 -7.67 -4.64
C ASN C 54 -34.28 -8.16 -3.49
N ASP C 55 -35.50 -7.65 -3.38
CA ASP C 55 -36.49 -8.15 -2.42
C ASP C 55 -37.03 -9.44 -3.05
N TYR C 56 -36.10 -10.36 -3.21
CA TYR C 56 -36.26 -11.58 -4.03
C TYR C 56 -37.50 -12.42 -3.79
N LEU C 57 -38.03 -12.41 -2.57
CA LEU C 57 -39.14 -13.26 -2.20
C LEU C 57 -40.41 -12.49 -1.80
N GLY C 58 -40.39 -11.17 -1.98
CA GLY C 58 -41.51 -10.33 -1.61
C GLY C 58 -41.69 -10.18 -0.12
N MET C 59 -40.65 -10.48 0.67
CA MET C 59 -40.73 -10.35 2.14
C MET C 59 -40.91 -8.90 2.62
N GLY C 60 -40.50 -7.94 1.80
CA GLY C 60 -40.67 -6.53 2.12
C GLY C 60 -42.10 -6.06 2.36
N GLN C 61 -43.09 -6.86 1.96
CA GLN C 61 -44.52 -6.51 2.16
C GLN C 61 -45.23 -7.60 2.97
N HIS C 62 -44.48 -8.60 3.41
CA HIS C 62 -45.05 -9.68 4.18
C HIS C 62 -45.66 -9.18 5.49
N PRO C 63 -46.91 -9.59 5.78
CA PRO C 63 -47.60 -9.05 6.96
C PRO C 63 -46.87 -9.40 8.26
N VAL C 64 -46.24 -10.58 8.36
CA VAL C 64 -45.53 -10.88 9.62
C VAL C 64 -44.32 -10.02 9.82
N VAL C 65 -43.66 -9.61 8.73
CA VAL C 65 -42.51 -8.71 8.83
C VAL C 65 -43.01 -7.34 9.26
N LEU C 66 -44.03 -6.83 8.59
CA LEU C 66 -44.56 -5.50 8.88
C LEU C 66 -45.16 -5.38 10.26
N ALA C 67 -45.90 -6.40 10.67
CA ALA C 67 -46.46 -6.41 12.03
C ALA C 67 -45.37 -6.33 13.08
N ALA C 68 -44.28 -7.08 12.91
CA ALA C 68 -43.20 -7.05 13.90
C ALA C 68 -42.52 -5.69 13.94
N MET C 69 -42.42 -5.03 12.78
CA MET C 69 -41.87 -3.66 12.70
C MET C 69 -42.78 -2.61 13.37
N HIS C 70 -44.08 -2.63 13.06
CA HIS C 70 -45.04 -1.71 13.72
C HIS C 70 -45.02 -1.89 15.22
N GLU C 71 -45.02 -3.15 15.69
CA GLU C 71 -44.97 -3.45 17.11
C GLU C 71 -43.75 -2.86 17.79
N ALA C 72 -42.58 -3.03 17.19
CA ALA C 72 -41.34 -2.54 17.77
C ALA C 72 -41.28 -1.01 17.83
N LEU C 73 -41.80 -0.34 16.81
CA LEU C 73 -41.84 1.11 16.83
C LEU C 73 -42.62 1.59 18.03
N GLU C 74 -43.78 0.96 18.26
CA GLU C 74 -44.62 1.30 19.39
C GLU C 74 -44.03 0.93 20.75
N ALA C 75 -43.28 -0.17 20.82
CA ALA C 75 -42.67 -0.60 22.10
C ALA C 75 -41.44 0.21 22.49
N VAL C 76 -40.53 0.44 21.53
CA VAL C 76 -39.24 1.08 21.87
C VAL C 76 -38.83 2.31 21.09
N GLY C 77 -39.61 2.69 20.07
CA GLY C 77 -39.30 3.90 19.29
C GLY C 77 -38.58 3.70 17.97
N ALA C 78 -38.07 4.82 17.44
CA ALA C 78 -37.56 4.85 16.07
C ALA C 78 -36.18 4.23 15.91
N GLY C 79 -35.30 4.45 16.89
CA GLY C 79 -33.91 3.96 16.80
C GLY C 79 -33.44 3.39 18.10
N SER C 80 -32.21 2.90 18.13
CA SER C 80 -31.64 2.34 19.35
C SER C 80 -31.16 3.48 20.20
N GLY C 81 -30.64 4.52 19.56
CA GLY C 81 -30.18 5.69 20.25
C GLY C 81 -28.73 5.56 20.72
N GLY C 82 -28.05 4.49 20.30
CA GLY C 82 -26.64 4.29 20.68
C GLY C 82 -25.91 3.20 19.90
N THR C 83 -24.61 3.14 20.12
CA THR C 83 -23.79 2.04 19.61
C THR C 83 -24.09 0.84 20.47
N ARG C 84 -23.68 -0.34 20.01
CA ARG C 84 -23.89 -1.56 20.83
C ARG C 84 -23.34 -1.43 22.25
N ASN C 85 -22.25 -0.70 22.42
CA ASN C 85 -21.66 -0.48 23.75
C ASN C 85 -22.43 0.58 24.57
N ILE C 86 -22.77 1.71 23.96
CA ILE C 86 -23.41 2.81 24.71
C ILE C 86 -24.94 2.87 24.48
N SER C 87 -25.64 1.94 25.14
CA SER C 87 -27.16 1.85 25.19
C SER C 87 -27.87 1.35 23.96
N GLY C 88 -27.11 0.89 22.97
CA GLY C 88 -27.71 0.45 21.73
C GLY C 88 -27.87 -1.04 21.57
N THR C 89 -27.66 -1.77 22.66
CA THR C 89 -27.92 -3.23 22.67
C THR C 89 -29.30 -3.49 23.23
N THR C 90 -30.17 -4.00 22.40
CA THR C 90 -31.51 -4.32 22.84
C THR C 90 -31.83 -5.81 22.69
N ALA C 91 -32.95 -6.25 23.30
CA ALA C 91 -33.41 -7.66 23.23
C ALA C 91 -33.66 -8.03 21.76
N TYR C 92 -34.08 -7.02 20.96
CA TYR C 92 -34.31 -7.21 19.53
C TYR C 92 -33.06 -7.68 18.76
N HIS C 93 -31.92 -7.01 19.04
CA HIS C 93 -30.62 -7.37 18.47
C HIS C 93 -30.14 -8.73 18.92
N ARG C 94 -30.39 -9.06 20.18
CA ARG C 94 -29.98 -10.34 20.71
C ARG C 94 -30.75 -11.50 20.09
N ARG C 95 -32.08 -11.37 20.02
CA ARG C 95 -32.99 -12.35 19.42
C ARG C 95 -32.64 -12.53 17.97
N LEU C 96 -32.36 -11.42 17.28
CA LEU C 96 -31.92 -11.51 15.91
C LEU C 96 -30.59 -12.25 15.71
N GLU C 97 -29.63 -12.01 16.60
CA GLU C 97 -28.34 -12.72 16.49
C GLU C 97 -28.50 -14.20 16.74
N ALA C 98 -29.35 -14.57 17.68
CA ALA C 98 -29.55 -15.98 17.98
C ALA C 98 -30.31 -16.69 16.81
N GLU C 99 -31.25 -15.97 16.18
CA GLU C 99 -31.95 -16.44 14.99
C GLU C 99 -30.93 -16.72 13.86
N ILE C 100 -30.07 -15.75 13.57
CA ILE C 100 -29.02 -15.93 12.56
C ILE C 100 -28.07 -17.12 12.85
N ALA C 101 -27.49 -17.14 14.06
CA ALA C 101 -26.69 -18.26 14.54
C ALA C 101 -27.41 -19.58 14.34
N GLY C 102 -28.69 -19.63 14.72
CA GLY C 102 -29.52 -20.86 14.56
C GLY C 102 -29.71 -21.27 13.10
N LEU C 103 -29.74 -20.26 12.22
CA LEU C 103 -29.87 -20.47 10.79
C LEU C 103 -28.64 -21.17 10.20
N HIS C 104 -27.45 -20.68 10.53
CA HIS C 104 -26.23 -21.23 9.99
C HIS C 104 -25.64 -22.30 10.91
N GLN C 105 -26.38 -22.68 11.97
CA GLN C 105 -25.91 -23.65 12.98
C GLN C 105 -24.53 -23.33 13.54
N LYS C 106 -24.38 -22.07 13.92
CA LYS C 106 -23.17 -21.55 14.48
C LYS C 106 -23.39 -21.15 15.95
N GLU C 107 -22.32 -21.06 16.71
CA GLU C 107 -22.43 -20.67 18.13
C GLU C 107 -22.92 -19.21 18.27
N ALA C 108 -22.56 -18.35 17.31
CA ALA C 108 -22.80 -16.94 17.45
C ALA C 108 -22.98 -16.19 16.12
N ALA C 109 -23.55 -14.98 16.21
CA ALA C 109 -23.70 -14.11 15.06
C ALA C 109 -23.52 -12.68 15.48
N LEU C 110 -23.17 -11.81 14.53
CA LEU C 110 -23.00 -10.44 14.86
C LEU C 110 -23.61 -9.61 13.77
N VAL C 111 -24.45 -8.65 14.18
CA VAL C 111 -25.18 -7.81 13.26
C VAL C 111 -24.47 -6.48 13.04
N PHE C 112 -24.44 -6.06 11.76
CA PHE C 112 -23.85 -4.78 11.33
C PHE C 112 -24.93 -4.00 10.61
N SER C 113 -24.65 -2.73 10.29
CA SER C 113 -25.60 -1.87 9.56
C SER C 113 -25.94 -2.42 8.17
N SER C 114 -25.05 -3.23 7.61
CA SER C 114 -25.21 -3.74 6.26
C SER C 114 -24.28 -4.93 6.10
N ALA C 115 -24.51 -5.75 5.07
CA ALA C 115 -23.61 -6.85 4.74
C ALA C 115 -22.29 -6.28 4.24
N TYR C 116 -22.37 -5.14 3.54
CA TYR C 116 -21.17 -4.43 3.09
C TYR C 116 -20.22 -4.16 4.30
N ASN C 117 -20.76 -3.54 5.35
CA ASN C 117 -19.99 -3.27 6.58
C ASN C 117 -19.47 -4.55 7.19
N ALA C 118 -20.32 -5.58 7.22
CA ALA C 118 -19.92 -6.87 7.80
C ALA C 118 -18.64 -7.43 7.11
N ASN C 119 -18.61 -7.38 5.77
CA ASN C 119 -17.44 -7.89 4.99
C ASN C 119 -16.21 -7.05 5.22
N ASP C 120 -16.41 -5.74 5.08
CA ASP C 120 -15.36 -4.78 5.20
C ASP C 120 -14.70 -4.89 6.56
N ALA C 121 -15.51 -4.78 7.60
CA ALA C 121 -15.00 -4.81 8.99
C ALA C 121 -14.37 -6.14 9.33
N THR C 122 -15.02 -7.23 8.93
CA THR C 122 -14.57 -8.52 9.34
C THR C 122 -13.27 -8.90 8.67
N LEU C 123 -13.25 -8.79 7.34
CA LEU C 123 -12.07 -9.18 6.58
C LEU C 123 -10.82 -8.37 6.97
N SER C 124 -10.97 -7.06 7.19
CA SER C 124 -9.87 -6.26 7.62
C SER C 124 -9.44 -6.55 9.08
N THR C 125 -10.40 -6.76 9.97
CA THR C 125 -10.12 -7.05 11.36
C THR C 125 -9.42 -8.41 11.54
N LEU C 126 -9.72 -9.37 10.66
CA LEU C 126 -9.06 -10.66 10.69
C LEU C 126 -7.58 -10.56 10.48
N ARG C 127 -7.11 -9.58 9.70
CA ARG C 127 -5.66 -9.35 9.50
C ARG C 127 -5.01 -8.99 10.81
N VAL C 128 -5.74 -8.24 11.65
CA VAL C 128 -5.26 -7.83 12.96
C VAL C 128 -5.25 -9.00 13.96
N LEU C 129 -6.28 -9.83 13.91
CA LEU C 129 -6.39 -10.99 14.79
C LEU C 129 -5.40 -12.09 14.42
N PHE C 130 -5.11 -12.25 13.12
CA PHE C 130 -4.16 -13.28 12.68
C PHE C 130 -2.93 -12.69 11.95
N PRO C 131 -1.97 -12.13 12.72
CA PRO C 131 -0.82 -11.45 12.10
C PRO C 131 -0.21 -12.26 10.97
N GLY C 132 0.00 -11.60 9.81
CA GLY C 132 0.57 -12.22 8.61
C GLY C 132 -0.41 -13.02 7.77
N LEU C 133 -1.71 -12.88 8.05
CA LEU C 133 -2.77 -13.56 7.32
C LEU C 133 -2.69 -13.34 5.81
N ILE C 134 -2.78 -14.43 5.04
CA ILE C 134 -2.85 -14.33 3.57
C ILE C 134 -4.32 -14.61 3.18
N ILE C 135 -4.92 -13.66 2.47
CA ILE C 135 -6.28 -13.81 2.03
C ILE C 135 -6.31 -14.18 0.54
N TYR C 136 -7.01 -15.28 0.22
CA TYR C 136 -7.21 -15.75 -1.15
C TYR C 136 -8.62 -15.38 -1.55
N SER C 137 -8.73 -14.58 -2.60
CA SER C 137 -9.97 -13.92 -2.99
C SER C 137 -10.33 -14.23 -4.44
N ASP C 138 -11.57 -14.67 -4.64
CA ASP C 138 -12.09 -14.94 -5.96
C ASP C 138 -12.10 -13.65 -6.71
N SER C 139 -11.65 -13.71 -7.97
CA SER C 139 -11.51 -12.52 -8.82
C SER C 139 -12.78 -11.72 -9.00
N LEU C 140 -13.94 -12.37 -8.92
CA LEU C 140 -15.21 -11.61 -8.96
C LEU C 140 -15.87 -11.38 -7.58
N ASN C 141 -15.11 -11.50 -6.50
CA ASN C 141 -15.68 -11.15 -5.20
C ASN C 141 -16.28 -9.75 -5.23
N HIS C 142 -17.37 -9.59 -4.50
CA HIS C 142 -18.06 -8.31 -4.34
C HIS C 142 -17.11 -7.22 -3.83
N ALA C 143 -17.37 -5.99 -4.27
CA ALA C 143 -16.59 -4.81 -3.79
C ALA C 143 -16.38 -4.76 -2.26
N SER C 144 -17.43 -5.02 -1.47
CA SER C 144 -17.32 -5.04 0.03
C SER C 144 -16.19 -5.93 0.52
N MET C 145 -16.01 -7.07 -0.14
CA MET C 145 -14.98 -8.02 0.20
C MET C 145 -13.59 -7.54 -0.22
N ILE C 146 -13.49 -7.08 -1.47
CA ILE C 146 -12.25 -6.52 -2.00
C ILE C 146 -11.78 -5.40 -1.05
N GLU C 147 -12.68 -4.46 -0.79
CA GLU C 147 -12.45 -3.39 0.14
C GLU C 147 -11.96 -3.87 1.53
N GLY C 148 -12.63 -4.87 2.12
CA GLY C 148 -12.18 -5.42 3.41
C GLY C 148 -10.76 -6.01 3.36
N ILE C 149 -10.51 -6.74 2.30
CA ILE C 149 -9.26 -7.45 2.04
C ILE C 149 -8.05 -6.50 1.84
N LYS C 150 -8.25 -5.36 1.18
CA LYS C 150 -7.14 -4.42 0.95
C LYS C 150 -7.01 -3.30 2.00
N ARG C 151 -8.08 -3.08 2.79
CA ARG C 151 -8.17 -1.99 3.78
C ARG C 151 -6.93 -1.86 4.61
N ASN C 152 -6.58 -2.95 5.28
CA ASN C 152 -5.36 -3.02 6.05
C ASN C 152 -4.32 -3.63 5.17
N ALA C 153 -3.11 -3.10 5.20
CA ALA C 153 -2.00 -3.65 4.41
C ALA C 153 -1.77 -5.16 4.79
N GLY C 154 -1.41 -5.98 3.81
CA GLY C 154 -1.21 -7.39 4.07
C GLY C 154 -1.43 -8.24 2.82
N PRO C 155 -0.80 -9.44 2.80
CA PRO C 155 -0.80 -10.27 1.58
C PRO C 155 -2.20 -10.72 1.14
N LYS C 156 -2.45 -10.59 -0.15
CA LYS C 156 -3.69 -10.91 -0.81
C LYS C 156 -3.32 -11.69 -2.08
N ARG C 157 -4.12 -12.69 -2.46
CA ARG C 157 -3.85 -13.46 -3.69
C ARG C 157 -5.20 -13.61 -4.41
N ILE C 158 -5.26 -13.15 -5.64
CA ILE C 158 -6.48 -13.20 -6.38
C ILE C 158 -6.51 -14.41 -7.31
N PHE C 159 -7.47 -15.32 -7.08
CA PHE C 159 -7.60 -16.49 -7.97
C PHE C 159 -8.68 -16.28 -9.03
N ARG C 160 -8.42 -16.79 -10.23
CA ARG C 160 -9.35 -16.65 -11.34
C ARG C 160 -10.72 -17.18 -10.92
N HIS C 161 -11.78 -16.46 -11.30
CA HIS C 161 -13.13 -16.80 -10.90
C HIS C 161 -13.43 -18.31 -10.96
N ASN C 162 -13.87 -18.87 -9.82
CA ASN C 162 -14.25 -20.28 -9.73
C ASN C 162 -13.19 -21.28 -10.10
N ASP C 163 -11.94 -20.82 -10.20
CA ASP C 163 -10.86 -21.64 -10.66
C ASP C 163 -10.08 -22.22 -9.48
N VAL C 164 -10.59 -23.34 -9.00
CA VAL C 164 -10.06 -24.10 -7.89
C VAL C 164 -8.56 -24.55 -8.08
N ALA C 165 -8.18 -24.86 -9.32
CA ALA C 165 -6.79 -25.25 -9.64
C ALA C 165 -5.83 -24.07 -9.46
N HIS C 166 -6.24 -22.89 -9.91
CA HIS C 166 -5.44 -21.67 -9.70
C HIS C 166 -5.32 -21.38 -8.20
N LEU C 167 -6.41 -21.60 -7.47
CA LEU C 167 -6.41 -21.46 -6.05
C LEU C 167 -5.33 -22.34 -5.39
N ARG C 168 -5.28 -23.60 -5.82
CA ARG C 168 -4.33 -24.57 -5.31
C ARG C 168 -2.92 -24.17 -5.59
N GLU C 169 -2.70 -23.71 -6.83
CA GLU C 169 -1.36 -23.29 -7.24
C GLU C 169 -0.84 -22.09 -6.44
N LEU C 170 -1.74 -21.17 -6.10
CA LEU C 170 -1.40 -20.00 -5.30
C LEU C 170 -1.05 -20.36 -3.85
N ILE C 171 -1.94 -21.10 -3.22
CA ILE C 171 -1.84 -21.45 -1.82
C ILE C 171 -0.63 -22.38 -1.54
N ALA C 172 -0.33 -23.28 -2.47
CA ALA C 172 0.78 -24.19 -2.33
C ALA C 172 2.13 -23.49 -2.47
N ALA C 173 2.13 -22.32 -3.09
CA ALA C 173 3.35 -21.53 -3.30
C ALA C 173 3.76 -20.74 -2.06
N ASP C 174 2.79 -20.44 -1.22
CA ASP C 174 2.99 -19.61 -0.03
C ASP C 174 3.55 -20.34 1.20
N ASP C 175 4.11 -19.55 2.12
CA ASP C 175 4.66 -20.05 3.39
C ASP C 175 3.67 -20.93 4.16
N PRO C 176 3.94 -22.24 4.29
CA PRO C 176 2.94 -23.13 4.94
C PRO C 176 2.66 -22.85 6.42
N ALA C 177 3.49 -22.03 7.09
CA ALA C 177 3.21 -21.66 8.50
C ALA C 177 2.31 -20.42 8.65
N ALA C 178 2.14 -19.68 7.57
CA ALA C 178 1.34 -18.45 7.54
C ALA C 178 -0.15 -18.77 7.66
N PRO C 179 -0.87 -18.00 8.50
CA PRO C 179 -2.31 -18.21 8.57
C PRO C 179 -2.97 -17.78 7.27
N LYS C 180 -3.97 -18.55 6.84
CA LYS C 180 -4.59 -18.38 5.54
C LYS C 180 -6.11 -18.35 5.67
N LEU C 181 -6.76 -17.57 4.78
CA LEU C 181 -8.21 -17.52 4.70
C LEU C 181 -8.62 -17.44 3.22
N ILE C 182 -9.68 -18.19 2.86
CA ILE C 182 -10.17 -18.16 1.50
C ILE C 182 -11.56 -17.53 1.53
N ALA C 183 -11.72 -16.49 0.73
CA ALA C 183 -12.97 -15.75 0.72
C ALA C 183 -13.62 -15.80 -0.66
N PHE C 184 -14.88 -16.22 -0.69
CA PHE C 184 -15.61 -16.41 -1.94
C PHE C 184 -17.12 -16.28 -1.71
N GLU C 185 -17.92 -16.39 -2.77
CA GLU C 185 -19.40 -16.26 -2.65
C GLU C 185 -20.05 -17.53 -3.03
N SER C 186 -21.22 -17.80 -2.47
CA SER C 186 -22.00 -18.97 -2.85
C SER C 186 -22.72 -18.71 -4.19
N VAL C 187 -23.37 -17.53 -4.30
CA VAL C 187 -23.98 -17.10 -5.54
C VAL C 187 -23.42 -15.74 -5.92
N TYR C 188 -22.77 -15.65 -7.08
CA TYR C 188 -22.23 -14.37 -7.57
C TYR C 188 -23.34 -13.55 -8.23
N SER C 189 -23.51 -12.33 -7.72
CA SER C 189 -24.63 -11.42 -8.02
C SER C 189 -24.96 -11.11 -9.45
N MET C 190 -23.94 -11.02 -10.31
CA MET C 190 -24.16 -10.59 -11.69
C MET C 190 -24.19 -11.67 -12.73
N ASP C 191 -23.36 -12.69 -12.59
CA ASP C 191 -23.37 -13.84 -13.49
C ASP C 191 -24.46 -14.83 -13.07
N GLY C 192 -24.78 -14.82 -11.77
CA GLY C 192 -25.80 -15.74 -11.24
C GLY C 192 -25.27 -17.17 -11.12
N ASP C 193 -23.93 -17.34 -11.03
CA ASP C 193 -23.35 -18.66 -10.91
C ASP C 193 -22.95 -19.01 -9.48
N PHE C 194 -22.66 -20.29 -9.26
CA PHE C 194 -22.36 -20.83 -7.94
C PHE C 194 -20.90 -21.02 -7.72
N GLY C 195 -20.42 -20.70 -6.53
CA GLY C 195 -19.02 -20.92 -6.17
C GLY C 195 -18.87 -22.38 -5.78
N PRO C 196 -17.67 -22.95 -6.04
CA PRO C 196 -17.51 -24.39 -5.85
C PRO C 196 -17.21 -24.66 -4.36
N ILE C 197 -18.25 -24.62 -3.52
CA ILE C 197 -18.03 -24.74 -2.08
C ILE C 197 -17.21 -25.92 -1.65
N LYS C 198 -17.64 -27.12 -2.07
CA LYS C 198 -16.97 -28.39 -1.72
C LYS C 198 -15.47 -28.35 -2.02
N GLU C 199 -15.12 -28.03 -3.27
CA GLU C 199 -13.72 -27.97 -3.72
C GLU C 199 -12.87 -27.00 -2.88
N ILE C 200 -13.43 -25.83 -2.59
CA ILE C 200 -12.74 -24.83 -1.78
C ILE C 200 -12.55 -25.32 -0.33
N CYS C 201 -13.61 -25.88 0.27
CA CYS C 201 -13.45 -26.47 1.62
C CYS C 201 -12.40 -27.56 1.65
N ASP C 202 -12.37 -28.43 0.63
CA ASP C 202 -11.34 -29.47 0.52
C ASP C 202 -9.93 -28.85 0.53
N ILE C 203 -9.72 -27.83 -0.31
CA ILE C 203 -8.47 -27.08 -0.36
C ILE C 203 -8.14 -26.44 1.03
N ALA C 204 -9.13 -25.77 1.63
CA ALA C 204 -8.93 -25.15 2.94
C ALA C 204 -8.54 -26.19 3.98
N GLU C 205 -9.14 -27.38 3.94
CA GLU C 205 -8.82 -28.41 4.91
C GLU C 205 -7.40 -28.99 4.71
N GLU C 206 -7.03 -29.19 3.46
CA GLU C 206 -5.71 -29.66 3.11
C GLU C 206 -4.57 -28.69 3.53
N PHE C 207 -4.79 -27.38 3.42
CA PHE C 207 -3.75 -26.39 3.69
C PHE C 207 -3.91 -25.61 4.98
N GLY C 208 -4.90 -25.97 5.79
CA GLY C 208 -5.16 -25.35 7.09
C GLY C 208 -5.61 -23.90 7.02
N ALA C 209 -6.49 -23.61 6.08
CA ALA C 209 -7.01 -22.24 5.90
C ALA C 209 -8.44 -22.13 6.38
N LEU C 210 -8.80 -20.92 6.75
CA LEU C 210 -10.13 -20.59 7.13
C LEU C 210 -10.99 -20.36 5.87
N THR C 211 -12.29 -20.66 5.98
CA THR C 211 -13.19 -20.40 4.88
C THR C 211 -14.14 -19.28 5.26
N TYR C 212 -14.31 -18.34 4.34
CA TYR C 212 -15.17 -17.22 4.52
C TYR C 212 -16.08 -17.14 3.29
N ILE C 213 -17.37 -17.45 3.48
CA ILE C 213 -18.32 -17.43 2.37
C ILE C 213 -19.36 -16.31 2.50
N ASP C 214 -19.50 -15.55 1.44
CA ASP C 214 -20.55 -14.52 1.37
C ASP C 214 -21.76 -15.18 0.68
N GLU C 215 -22.86 -15.33 1.42
CA GLU C 215 -24.06 -15.99 0.93
C GLU C 215 -25.20 -14.96 0.80
N VAL C 216 -24.82 -13.72 0.55
CA VAL C 216 -25.75 -12.58 0.44
C VAL C 216 -26.86 -12.80 -0.59
N HIS C 217 -26.50 -13.43 -1.70
CA HIS C 217 -27.48 -13.71 -2.75
C HIS C 217 -27.99 -15.15 -2.70
N ALA C 218 -27.99 -15.70 -1.50
CA ALA C 218 -28.42 -17.09 -1.29
C ALA C 218 -29.32 -17.28 -0.08
N VAL C 219 -29.00 -16.62 1.05
CA VAL C 219 -29.79 -16.74 2.26
C VAL C 219 -31.26 -16.36 2.05
N GLY C 220 -32.15 -17.17 2.64
CA GLY C 220 -33.58 -17.07 2.46
C GLY C 220 -34.03 -17.89 1.25
N MET C 221 -33.10 -18.14 0.30
CA MET C 221 -33.50 -18.73 -0.98
C MET C 221 -33.02 -20.13 -1.30
N TYR C 222 -32.02 -20.62 -0.58
CA TYR C 222 -31.47 -21.96 -0.83
C TYR C 222 -31.34 -22.70 0.45
N GLY C 223 -31.43 -24.03 0.37
CA GLY C 223 -31.39 -24.89 1.55
C GLY C 223 -32.78 -25.10 2.08
N PRO C 224 -33.02 -26.21 2.79
CA PRO C 224 -34.39 -26.47 3.23
C PRO C 224 -34.92 -25.45 4.25
N ARG C 225 -34.04 -24.67 4.87
CA ARG C 225 -34.47 -23.65 5.82
C ARG C 225 -34.08 -22.25 5.38
N GLY C 226 -33.64 -22.12 4.13
CA GLY C 226 -33.20 -20.83 3.61
C GLY C 226 -31.84 -20.36 4.15
N ALA C 227 -31.06 -21.27 4.72
CA ALA C 227 -29.72 -20.94 5.22
C ALA C 227 -28.66 -20.73 4.12
N GLY C 228 -29.00 -21.01 2.86
CA GLY C 228 -28.07 -20.81 1.75
C GLY C 228 -27.63 -22.07 1.05
N VAL C 229 -26.70 -21.88 0.10
CA VAL C 229 -26.17 -22.96 -0.73
C VAL C 229 -25.40 -23.99 0.12
N ALA C 230 -24.59 -23.53 1.06
CA ALA C 230 -23.87 -24.45 1.92
C ALA C 230 -24.86 -25.43 2.63
N GLU C 231 -26.03 -24.92 3.03
CA GLU C 231 -27.05 -25.72 3.67
C GLU C 231 -27.62 -26.72 2.64
N ARG C 232 -27.87 -26.22 1.42
CA ARG C 232 -28.38 -27.04 0.32
C ARG C 232 -27.47 -28.24 0.08
N ASP C 233 -26.16 -28.00 0.00
CA ASP C 233 -25.15 -29.06 -0.22
C ASP C 233 -24.68 -29.79 1.05
N GLY C 234 -25.27 -29.49 2.20
CA GLY C 234 -24.86 -30.11 3.50
C GLY C 234 -23.40 -29.79 3.91
N LEU C 235 -22.99 -28.52 3.75
CA LEU C 235 -21.60 -28.13 3.98
C LEU C 235 -21.39 -26.99 5.02
N MET C 236 -22.44 -26.63 5.76
CA MET C 236 -22.33 -25.48 6.67
C MET C 236 -21.30 -25.69 7.75
N HIS C 237 -21.11 -26.93 8.14
CA HIS C 237 -20.21 -27.25 9.21
C HIS C 237 -18.74 -27.10 8.75
N ARG C 238 -18.53 -26.99 7.44
CA ARG C 238 -17.20 -26.84 6.85
C ARG C 238 -16.77 -25.37 6.60
N ILE C 239 -17.72 -24.46 6.84
CA ILE C 239 -17.52 -23.04 6.68
C ILE C 239 -17.19 -22.35 8.02
N ASP C 240 -16.05 -21.69 8.09
CA ASP C 240 -15.65 -20.97 9.32
C ASP C 240 -16.51 -19.74 9.62
N ILE C 241 -16.69 -18.88 8.63
CA ILE C 241 -17.45 -17.67 8.78
C ILE C 241 -18.46 -17.49 7.63
N PHE C 242 -19.71 -17.20 8.00
CA PHE C 242 -20.74 -16.85 7.03
C PHE C 242 -20.92 -15.36 7.05
N ASN C 243 -21.13 -14.76 5.88
CA ASN C 243 -21.54 -13.40 5.76
C ASN C 243 -22.86 -13.40 5.01
N GLY C 244 -23.84 -12.69 5.54
CA GLY C 244 -25.15 -12.58 4.92
C GLY C 244 -25.76 -11.20 5.05
N THR C 245 -26.84 -10.97 4.29
CA THR C 245 -27.58 -9.71 4.40
C THR C 245 -28.99 -9.98 4.90
N LEU C 246 -29.58 -8.95 5.48
CA LEU C 246 -30.95 -8.97 5.91
C LEU C 246 -31.80 -8.14 4.93
N ALA C 247 -31.12 -7.53 3.95
CA ALA C 247 -31.73 -6.55 3.03
C ALA C 247 -32.27 -7.11 1.70
N LYS C 248 -31.98 -8.37 1.40
CA LYS C 248 -32.38 -8.90 0.11
C LYS C 248 -33.57 -9.86 0.25
N ALA C 249 -33.33 -11.16 0.17
CA ALA C 249 -34.44 -12.13 0.35
C ALA C 249 -35.19 -11.92 1.67
N TYR C 250 -34.49 -11.49 2.71
CA TYR C 250 -35.11 -11.24 3.99
C TYR C 250 -35.96 -9.98 4.05
N GLY C 251 -35.83 -9.13 3.04
CA GLY C 251 -36.75 -8.03 2.83
C GLY C 251 -36.62 -6.78 3.68
N VAL C 252 -35.59 -6.72 4.51
CA VAL C 252 -35.47 -5.57 5.43
C VAL C 252 -34.20 -4.78 5.19
N PHE C 253 -33.27 -4.79 6.14
CA PHE C 253 -32.03 -4.00 6.07
C PHE C 253 -31.03 -4.56 7.09
N GLY C 254 -29.74 -4.31 6.86
CA GLY C 254 -28.68 -4.78 7.75
C GLY C 254 -27.97 -6.01 7.21
N GLY C 255 -26.87 -6.36 7.88
CA GLY C 255 -26.16 -7.59 7.55
C GLY C 255 -25.49 -8.18 8.75
N TYR C 256 -24.78 -9.27 8.55
CA TYR C 256 -24.19 -10.02 9.64
C TYR C 256 -23.06 -10.93 9.23
N ILE C 257 -22.36 -11.44 10.25
CA ILE C 257 -21.50 -12.63 10.12
C ILE C 257 -21.96 -13.64 11.15
N ALA C 258 -21.77 -14.91 10.83
CA ALA C 258 -22.07 -16.02 11.74
C ALA C 258 -20.84 -16.92 11.82
N ALA C 259 -20.43 -17.25 13.03
CA ALA C 259 -19.20 -18.00 13.26
C ALA C 259 -19.17 -18.58 14.70
N SER C 260 -18.03 -19.11 15.12
CA SER C 260 -17.87 -19.54 16.54
C SER C 260 -17.93 -18.31 17.47
N ALA C 261 -18.27 -18.56 18.73
CA ALA C 261 -18.33 -17.49 19.74
C ALA C 261 -17.00 -16.72 19.93
N ARG C 262 -15.88 -17.44 19.94
CA ARG C 262 -14.55 -16.82 19.93
C ARG C 262 -14.47 -15.87 18.77
N MET C 263 -14.69 -16.36 17.55
CA MET C 263 -14.60 -15.53 16.33
C MET C 263 -15.49 -14.29 16.39
N VAL C 264 -16.78 -14.48 16.67
CA VAL C 264 -17.72 -13.34 16.85
C VAL C 264 -17.25 -12.33 17.94
N ASP C 265 -16.88 -12.84 19.11
CA ASP C 265 -16.38 -12.00 20.22
C ASP C 265 -15.14 -11.20 19.82
N ALA C 266 -14.23 -11.82 19.09
CA ALA C 266 -12.97 -11.13 18.68
C ALA C 266 -13.28 -9.98 17.74
N VAL C 267 -14.05 -10.28 16.69
CA VAL C 267 -14.42 -9.29 15.69
C VAL C 267 -15.24 -8.19 16.32
N ARG C 268 -16.18 -8.59 17.19
CA ARG C 268 -16.99 -7.65 17.99
C ARG C 268 -16.05 -6.72 18.76
N SER C 269 -15.03 -7.27 19.39
CA SER C 269 -14.15 -6.46 20.24
C SER C 269 -13.11 -5.62 19.52
N TYR C 270 -12.81 -5.98 18.28
CA TYR C 270 -11.71 -5.35 17.57
C TYR C 270 -12.07 -4.53 16.38
N ALA C 271 -13.25 -4.76 15.81
CA ALA C 271 -13.64 -4.05 14.58
C ALA C 271 -14.21 -2.62 14.80
N PRO C 272 -13.48 -1.60 14.33
CA PRO C 272 -13.99 -0.23 14.52
C PRO C 272 -15.38 -0.09 13.85
N GLY C 273 -15.59 -0.78 12.71
CA GLY C 273 -16.77 -0.63 11.96
C GLY C 273 -17.96 -1.23 12.62
N PHE C 274 -17.70 -1.97 13.70
CA PHE C 274 -18.79 -2.47 14.54
C PHE C 274 -18.90 -1.58 15.80
N ILE C 275 -17.76 -1.24 16.39
CA ILE C 275 -17.76 -0.50 17.65
C ILE C 275 -18.37 0.89 17.49
N PHE C 276 -17.92 1.60 16.48
CA PHE C 276 -18.13 3.05 16.39
C PHE C 276 -19.35 3.54 15.58
N SER C 277 -20.42 2.77 15.56
CA SER C 277 -21.59 3.16 14.78
C SER C 277 -22.87 2.71 15.51
N THR C 278 -23.91 3.50 15.39
CA THR C 278 -25.17 3.23 16.04
C THR C 278 -25.68 1.88 15.59
N SER C 279 -26.21 1.08 16.53
CA SER C 279 -26.78 -0.19 16.17
C SER C 279 -28.10 0.00 15.40
N LEU C 280 -28.44 -1.03 14.61
CA LEU C 280 -29.64 -1.05 13.80
C LEU C 280 -30.89 -0.69 14.61
N PRO C 281 -31.82 0.05 14.01
CA PRO C 281 -33.07 0.32 14.72
C PRO C 281 -33.77 -0.97 15.18
N PRO C 282 -34.24 -0.98 16.44
CA PRO C 282 -34.91 -2.19 16.89
C PRO C 282 -36.02 -2.70 15.95
N ALA C 283 -36.77 -1.78 15.34
CA ALA C 283 -37.81 -2.20 14.35
C ALA C 283 -37.25 -2.97 13.14
N ILE C 284 -36.09 -2.53 12.63
CA ILE C 284 -35.40 -3.23 11.56
C ILE C 284 -35.02 -4.64 12.04
N ALA C 285 -34.44 -4.74 13.23
CA ALA C 285 -34.08 -6.05 13.79
C ALA C 285 -35.30 -6.94 13.99
N ALA C 286 -36.43 -6.36 14.40
CA ALA C 286 -37.63 -7.15 14.65
C ALA C 286 -38.13 -7.72 13.35
N GLY C 287 -38.13 -6.89 12.29
CA GLY C 287 -38.62 -7.31 10.99
C GLY C 287 -37.79 -8.44 10.41
N ALA C 288 -36.45 -8.24 10.43
CA ALA C 288 -35.49 -9.22 9.92
C ALA C 288 -35.64 -10.55 10.66
N GLN C 289 -35.75 -10.48 11.97
CA GLN C 289 -35.88 -11.69 12.75
C GLN C 289 -37.11 -12.47 12.33
N ALA C 290 -38.24 -11.75 12.19
CA ALA C 290 -39.49 -12.36 11.79
C ALA C 290 -39.39 -12.94 10.39
N SER C 291 -38.67 -12.22 9.51
CA SER C 291 -38.42 -12.68 8.14
C SER C 291 -37.63 -14.03 8.14
N ILE C 292 -36.52 -14.10 8.90
CA ILE C 292 -35.69 -15.29 8.94
C ILE C 292 -36.53 -16.42 9.48
N ALA C 293 -37.16 -16.18 10.65
CA ALA C 293 -37.99 -17.25 11.29
C ALA C 293 -39.04 -17.78 10.36
N PHE C 294 -39.70 -16.91 9.60
CA PHE C 294 -40.72 -17.34 8.67
C PHE C 294 -40.14 -18.16 7.53
N LEU C 295 -39.01 -17.73 6.99
CA LEU C 295 -38.38 -18.44 5.86
C LEU C 295 -37.79 -19.83 6.18
N LYS C 296 -37.69 -20.15 7.47
CA LYS C 296 -37.27 -21.48 7.96
C LYS C 296 -38.40 -22.52 7.89
N THR C 297 -39.64 -22.04 7.86
CA THR C 297 -40.81 -22.92 7.88
C THR C 297 -41.16 -23.44 6.50
N ALA C 298 -41.98 -24.49 6.47
CA ALA C 298 -42.48 -25.06 5.23
C ALA C 298 -43.18 -23.99 4.35
N GLU C 299 -43.84 -23.04 5.01
CA GLU C 299 -44.48 -21.92 4.33
C GLU C 299 -43.47 -21.06 3.58
N GLY C 300 -42.26 -20.95 4.14
CA GLY C 300 -41.17 -20.24 3.49
C GLY C 300 -40.64 -21.01 2.30
N GLN C 301 -40.58 -22.33 2.46
CA GLN C 301 -40.15 -23.22 1.40
C GLN C 301 -41.02 -23.04 0.17
N LYS C 302 -42.32 -22.75 0.37
CA LYS C 302 -43.21 -22.51 -0.75
C LYS C 302 -42.75 -21.34 -1.58
N LEU C 303 -42.34 -20.25 -0.90
CA LEU C 303 -41.83 -19.06 -1.60
C LEU C 303 -40.57 -19.34 -2.42
N ARG C 304 -39.65 -20.14 -1.88
CA ARG C 304 -38.46 -20.59 -2.63
C ARG C 304 -38.82 -21.45 -3.85
N ASP C 305 -39.63 -22.47 -3.66
CA ASP C 305 -40.14 -23.30 -4.78
C ASP C 305 -40.76 -22.44 -5.88
N ALA C 306 -41.59 -21.47 -5.49
CA ALA C 306 -42.20 -20.55 -6.43
C ALA C 306 -41.15 -19.73 -7.16
N GLN C 307 -40.17 -19.21 -6.43
CA GLN C 307 -39.11 -18.41 -7.04
C GLN C 307 -38.36 -19.20 -8.10
N GLN C 308 -37.81 -20.35 -7.72
CA GLN C 308 -37.10 -21.20 -8.63
C GLN C 308 -37.93 -21.51 -9.91
N MET C 309 -39.20 -21.85 -9.73
CA MET C 309 -40.09 -22.12 -10.82
C MET C 309 -40.17 -20.95 -11.81
N HIS C 310 -40.45 -19.76 -11.28
CA HIS C 310 -40.56 -18.53 -12.06
C HIS C 310 -39.26 -18.22 -12.79
N ALA C 311 -38.13 -18.47 -12.14
CA ALA C 311 -36.85 -18.25 -12.79
C ALA C 311 -36.68 -19.22 -13.98
N LYS C 312 -36.97 -20.51 -13.78
CA LYS C 312 -36.93 -21.49 -14.87
C LYS C 312 -37.83 -21.07 -16.04
N VAL C 313 -39.06 -20.64 -15.73
CA VAL C 313 -39.99 -20.28 -16.79
C VAL C 313 -39.49 -19.06 -17.56
N LEU C 314 -39.00 -18.04 -16.84
CA LEU C 314 -38.42 -16.86 -17.50
C LEU C 314 -37.25 -17.23 -18.43
N LYS C 315 -36.34 -18.08 -17.96
CA LYS C 315 -35.18 -18.46 -18.76
C LYS C 315 -35.57 -19.23 -20.01
N MET C 316 -36.56 -20.15 -19.88
CA MET C 316 -37.06 -20.90 -21.04
C MET C 316 -37.63 -19.97 -22.07
N ARG C 317 -38.46 -19.03 -21.63
CA ARG C 317 -39.15 -18.14 -22.53
C ARG C 317 -38.19 -17.17 -23.23
N LEU C 318 -37.13 -16.78 -22.52
CA LEU C 318 -36.11 -15.90 -23.11
C LEU C 318 -35.23 -16.61 -24.15
N LYS C 319 -34.84 -17.84 -23.84
CA LYS C 319 -34.08 -18.66 -24.81
C LYS C 319 -34.93 -18.94 -26.02
N ALA C 320 -36.23 -19.11 -25.82
CA ALA C 320 -37.16 -19.37 -26.92
C ALA C 320 -37.41 -18.16 -27.82
N LEU C 321 -36.71 -17.07 -27.58
CA LEU C 321 -36.82 -15.88 -28.42
C LEU C 321 -35.46 -15.54 -29.04
N GLY C 322 -34.43 -16.30 -28.64
CA GLY C 322 -33.09 -16.19 -29.21
C GLY C 322 -32.20 -15.16 -28.59
N MET C 323 -32.18 -15.10 -27.26
CA MET C 323 -31.74 -13.93 -26.55
C MET C 323 -30.41 -14.18 -25.84
N PRO C 324 -29.60 -13.11 -25.60
CA PRO C 324 -28.27 -13.33 -24.99
C PRO C 324 -28.35 -13.56 -23.47
N ILE C 325 -28.96 -14.68 -23.09
CA ILE C 325 -29.13 -15.02 -21.67
C ILE C 325 -28.14 -16.12 -21.23
N ILE C 326 -27.32 -15.81 -20.22
CA ILE C 326 -26.48 -16.87 -19.66
C ILE C 326 -27.10 -17.50 -18.43
N ASP C 327 -27.18 -18.83 -18.48
CA ASP C 327 -27.90 -19.60 -17.48
C ASP C 327 -26.99 -20.51 -16.64
N HIS C 328 -26.74 -20.10 -15.40
CA HIS C 328 -25.94 -20.90 -14.48
C HIS C 328 -26.77 -21.66 -13.43
N GLY C 329 -28.10 -21.76 -13.65
CA GLY C 329 -28.99 -22.50 -12.76
C GLY C 329 -29.41 -21.81 -11.46
N SER C 330 -29.28 -20.50 -11.37
CA SER C 330 -29.76 -19.79 -10.18
C SER C 330 -30.99 -18.98 -10.50
N HIS C 331 -31.48 -18.22 -9.52
CA HIS C 331 -32.68 -17.36 -9.68
C HIS C 331 -32.38 -16.05 -10.40
N ILE C 332 -31.11 -15.76 -10.62
CA ILE C 332 -30.69 -14.54 -11.30
C ILE C 332 -30.70 -14.79 -12.81
N VAL C 333 -31.27 -13.84 -13.55
CA VAL C 333 -31.44 -13.97 -14.99
C VAL C 333 -30.80 -12.77 -15.69
N PRO C 334 -29.48 -12.89 -16.04
CA PRO C 334 -28.79 -11.83 -16.75
C PRO C 334 -28.86 -11.92 -18.27
N VAL C 335 -29.14 -10.78 -18.90
CA VAL C 335 -29.14 -10.66 -20.35
C VAL C 335 -28.01 -9.68 -20.70
N VAL C 336 -26.94 -10.20 -21.29
CA VAL C 336 -25.74 -9.42 -21.57
C VAL C 336 -25.87 -8.63 -22.87
N ILE C 337 -25.70 -7.30 -22.78
CA ILE C 337 -25.75 -6.42 -23.97
C ILE C 337 -24.34 -6.11 -24.44
N GLY C 338 -23.40 -5.96 -23.50
CA GLY C 338 -21.97 -5.78 -23.82
C GLY C 338 -21.52 -4.35 -24.09
N ASP C 339 -22.45 -3.41 -24.04
CA ASP C 339 -22.14 -2.00 -24.25
C ASP C 339 -22.98 -1.10 -23.31
N PRO C 340 -22.31 -0.22 -22.54
CA PRO C 340 -22.99 0.59 -21.49
C PRO C 340 -24.10 1.46 -22.03
N VAL C 341 -23.84 2.11 -23.16
CA VAL C 341 -24.81 3.01 -23.80
C VAL C 341 -26.02 2.28 -24.39
N HIS C 342 -25.79 1.21 -25.16
CA HIS C 342 -26.91 0.43 -25.70
C HIS C 342 -27.73 -0.26 -24.57
N THR C 343 -27.06 -0.68 -23.50
CA THR C 343 -27.76 -1.25 -22.32
C THR C 343 -28.76 -0.25 -21.71
N LYS C 344 -28.33 1.01 -21.51
CA LYS C 344 -29.21 2.09 -21.05
C LYS C 344 -30.34 2.37 -22.04
N ALA C 345 -30.02 2.38 -23.35
CA ALA C 345 -31.05 2.58 -24.37
C ALA C 345 -32.15 1.52 -24.27
N VAL C 346 -31.76 0.24 -24.11
CA VAL C 346 -32.76 -0.86 -24.01
C VAL C 346 -33.58 -0.74 -22.73
N SER C 347 -32.89 -0.44 -21.65
CA SER C 347 -33.56 -0.21 -20.38
C SER C 347 -34.54 0.98 -20.40
N ASP C 348 -34.13 2.09 -21.00
CA ASP C 348 -34.96 3.29 -21.15
C ASP C 348 -36.25 2.97 -21.91
N MET C 349 -36.13 2.22 -23.00
CA MET C 349 -37.28 1.86 -23.79
C MET C 349 -38.23 0.92 -23.03
N LEU C 350 -37.67 0.01 -22.24
CA LEU C 350 -38.49 -0.93 -21.44
C LEU C 350 -39.33 -0.22 -20.42
N LEU C 351 -38.70 0.75 -19.76
CA LEU C 351 -39.34 1.55 -18.74
C LEU C 351 -40.47 2.38 -19.36
N SER C 352 -40.12 3.28 -20.29
CA SER C 352 -41.10 4.24 -20.81
C SER C 352 -42.21 3.69 -21.73
N ASP C 353 -41.92 2.64 -22.49
CA ASP C 353 -42.89 2.12 -23.41
C ASP C 353 -43.69 0.92 -22.87
N TYR C 354 -43.14 0.20 -21.90
CA TYR C 354 -43.72 -1.06 -21.45
C TYR C 354 -43.96 -1.17 -19.96
N GLY C 355 -43.49 -0.19 -19.21
CA GLY C 355 -43.58 -0.21 -17.75
C GLY C 355 -42.76 -1.33 -17.14
N VAL C 356 -41.60 -1.60 -17.75
CA VAL C 356 -40.70 -2.63 -17.26
C VAL C 356 -39.46 -1.98 -16.74
N TYR C 357 -39.25 -2.09 -15.45
CA TYR C 357 -38.05 -1.50 -14.85
C TYR C 357 -36.96 -2.53 -14.58
N VAL C 358 -35.87 -2.40 -15.33
CA VAL C 358 -34.69 -3.25 -15.18
C VAL C 358 -33.49 -2.34 -15.44
N GLN C 359 -32.87 -1.87 -14.36
CA GLN C 359 -31.73 -0.95 -14.40
C GLN C 359 -30.60 -1.48 -15.24
N PRO C 360 -29.99 -0.60 -16.07
CA PRO C 360 -28.85 -1.06 -16.91
C PRO C 360 -27.61 -1.15 -16.01
N ILE C 361 -26.94 -2.29 -16.05
CA ILE C 361 -25.81 -2.53 -15.16
C ILE C 361 -24.47 -2.44 -15.89
N ASN C 362 -23.62 -1.54 -15.39
CA ASN C 362 -22.33 -1.24 -15.99
C ASN C 362 -21.12 -1.28 -15.00
N PHE C 363 -19.94 -0.88 -15.48
CA PHE C 363 -18.73 -0.77 -14.64
C PHE C 363 -18.96 0.36 -13.59
N PRO C 364 -18.55 0.15 -12.31
CA PRO C 364 -17.77 -0.98 -11.78
C PRO C 364 -18.56 -2.15 -11.25
N THR C 365 -19.85 -2.21 -11.49
CA THR C 365 -20.64 -3.34 -10.94
C THR C 365 -20.31 -4.65 -11.70
N VAL C 366 -20.05 -4.53 -13.01
CA VAL C 366 -19.62 -5.68 -13.84
C VAL C 366 -18.43 -5.23 -14.68
N PRO C 367 -17.58 -6.17 -15.14
CA PRO C 367 -16.46 -5.82 -16.02
C PRO C 367 -16.92 -5.12 -17.29
N ARG C 368 -16.12 -4.17 -17.77
CA ARG C 368 -16.40 -3.47 -19.04
C ARG C 368 -16.57 -4.50 -20.11
N GLY C 369 -17.51 -4.26 -21.03
CA GLY C 369 -17.80 -5.16 -22.16
C GLY C 369 -18.81 -6.26 -21.80
N THR C 370 -19.22 -6.29 -20.54
CA THR C 370 -20.18 -7.27 -20.05
C THR C 370 -21.40 -6.58 -19.40
N GLU C 371 -21.67 -5.33 -19.81
CA GLU C 371 -22.81 -4.55 -19.30
C GLU C 371 -24.10 -5.26 -19.63
N ARG C 372 -25.06 -5.23 -18.73
CA ARG C 372 -26.20 -6.14 -18.86
C ARG C 372 -27.49 -5.66 -18.20
N LEU C 373 -28.60 -6.33 -18.56
CA LEU C 373 -29.85 -6.27 -17.78
C LEU C 373 -29.85 -7.48 -16.87
N ARG C 374 -30.40 -7.32 -15.68
CA ARG C 374 -30.36 -8.37 -14.68
C ARG C 374 -31.74 -8.56 -14.05
N PHE C 375 -32.48 -9.56 -14.56
CA PHE C 375 -33.82 -9.83 -14.09
C PHE C 375 -33.85 -10.71 -12.86
N THR C 376 -34.78 -10.41 -11.96
CA THR C 376 -34.86 -11.12 -10.69
C THR C 376 -36.30 -11.59 -10.42
N PRO C 377 -36.75 -12.62 -11.17
CA PRO C 377 -38.11 -13.09 -10.95
C PRO C 377 -38.32 -13.55 -9.50
N SER C 378 -39.43 -13.18 -8.90
CA SER C 378 -39.77 -13.56 -7.54
C SER C 378 -41.13 -14.33 -7.49
N PRO C 379 -41.50 -14.86 -6.30
CA PRO C 379 -42.84 -15.46 -6.09
C PRO C 379 -43.97 -14.56 -6.58
N VAL C 380 -43.81 -13.25 -6.52
CA VAL C 380 -44.86 -12.32 -6.93
C VAL C 380 -44.84 -11.99 -8.43
N HIS C 381 -43.81 -12.47 -9.12
CA HIS C 381 -43.70 -12.33 -10.57
C HIS C 381 -44.40 -13.49 -11.27
N ASP C 382 -45.69 -13.66 -10.98
CA ASP C 382 -46.47 -14.76 -11.52
C ASP C 382 -46.26 -14.97 -13.03
N LEU C 383 -46.61 -16.14 -13.51
CA LEU C 383 -46.47 -16.48 -14.91
C LEU C 383 -47.18 -15.56 -15.89
N LYS C 384 -48.27 -14.93 -15.41
CA LYS C 384 -48.94 -13.78 -16.08
C LYS C 384 -47.96 -12.63 -16.36
N GLN C 385 -47.21 -12.23 -15.32
CA GLN C 385 -46.20 -11.18 -15.39
C GLN C 385 -45.03 -11.57 -16.31
N ILE C 386 -44.61 -12.82 -16.21
CA ILE C 386 -43.53 -13.32 -17.07
C ILE C 386 -43.91 -13.17 -18.55
N ASP C 387 -45.12 -13.69 -18.87
CA ASP C 387 -45.76 -13.57 -20.19
C ASP C 387 -45.74 -12.11 -20.68
N GLY C 388 -46.06 -11.21 -19.73
CA GLY C 388 -45.94 -9.74 -19.88
C GLY C 388 -44.54 -9.28 -20.26
N LEU C 389 -43.56 -9.91 -19.53
CA LEU C 389 -42.18 -9.48 -19.85
C LEU C 389 -41.77 -10.05 -21.25
N VAL C 390 -41.89 -11.40 -21.40
CA VAL C 390 -41.39 -11.89 -22.70
C VAL C 390 -41.99 -11.26 -24.00
N HIS C 391 -43.27 -10.80 -23.94
CA HIS C 391 -43.87 -10.02 -25.01
C HIS C 391 -43.11 -8.67 -25.20
N ALA C 392 -42.98 -7.94 -24.10
CA ALA C 392 -42.20 -6.65 -24.14
C ALA C 392 -40.69 -6.72 -24.61
N MET C 393 -40.04 -7.91 -24.29
CA MET C 393 -38.64 -8.12 -24.70
C MET C 393 -38.58 -8.28 -26.21
N ASP C 394 -39.50 -9.17 -26.67
CA ASP C 394 -39.66 -9.62 -28.01
C ASP C 394 -39.83 -8.43 -28.91
N LEU C 395 -40.79 -7.54 -28.57
CA LEU C 395 -41.18 -6.42 -29.46
C LEU C 395 -40.02 -5.47 -29.65
N LEU C 396 -39.09 -5.57 -28.69
CA LEU C 396 -38.01 -4.65 -28.66
C LEU C 396 -36.82 -5.11 -29.50
N TRP C 397 -36.58 -6.41 -29.60
CA TRP C 397 -35.56 -6.89 -30.54
C TRP C 397 -36.14 -7.05 -31.99
N ALA C 398 -36.76 -5.97 -32.53
CA ALA C 398 -37.35 -5.97 -33.92
C ALA C 398 -37.85 -4.57 -34.38
N MET D 1 -7.78 -25.68 16.46
CA MET D 1 -6.61 -25.34 15.62
C MET D 1 -5.80 -24.18 16.25
N ASP D 2 -4.81 -23.71 15.50
CA ASP D 2 -3.95 -22.60 15.90
C ASP D 2 -4.68 -21.29 15.76
N TYR D 3 -5.77 -21.33 14.98
CA TYR D 3 -6.70 -20.21 14.84
C TYR D 3 -7.51 -19.99 16.10
N ASN D 4 -7.85 -21.06 16.80
CA ASN D 4 -8.52 -20.88 18.06
C ASN D 4 -7.57 -20.36 19.20
N LEU D 5 -6.33 -20.89 19.25
CA LEU D 5 -5.34 -20.35 20.16
C LEU D 5 -5.19 -18.83 20.00
N ALA D 6 -5.11 -18.37 18.74
CA ALA D 6 -4.91 -16.95 18.43
C ALA D 6 -6.09 -16.08 18.89
N LEU D 7 -7.31 -16.53 18.59
CA LEU D 7 -8.51 -15.84 19.01
C LEU D 7 -8.53 -15.69 20.53
N ASP D 8 -8.17 -16.77 21.23
CA ASP D 8 -8.06 -16.76 22.72
C ASP D 8 -7.08 -15.70 23.24
N LYS D 9 -5.91 -15.60 22.58
CA LYS D 9 -4.88 -14.60 22.95
C LYS D 9 -5.40 -13.19 22.77
N ALA D 10 -6.01 -12.93 21.59
CA ALA D 10 -6.54 -11.62 21.22
C ALA D 10 -7.66 -11.16 22.17
N ILE D 11 -8.47 -12.11 22.66
CA ILE D 11 -9.48 -11.82 23.69
C ILE D 11 -8.82 -11.63 25.09
N GLN D 12 -7.95 -12.56 25.49
CA GLN D 12 -7.28 -12.48 26.80
C GLN D 12 -6.56 -11.14 27.01
N LYS D 13 -6.07 -10.58 25.92
CA LYS D 13 -5.44 -9.28 25.89
C LYS D 13 -6.42 -8.16 26.33
N LEU D 14 -7.67 -8.23 25.86
CA LEU D 14 -8.68 -7.25 26.26
C LEU D 14 -8.87 -7.30 27.77
N HIS D 15 -8.90 -8.52 28.30
CA HIS D 15 -9.08 -8.74 29.72
C HIS D 15 -7.89 -8.21 30.48
N ASP D 16 -6.68 -8.54 30.02
CA ASP D 16 -5.46 -8.07 30.66
C ASP D 16 -5.36 -6.53 30.75
N GLU D 17 -5.88 -5.86 29.71
CA GLU D 17 -5.90 -4.40 29.66
C GLU D 17 -7.20 -3.84 30.29
N GLY D 18 -8.07 -4.73 30.75
CA GLY D 18 -9.24 -4.37 31.56
C GLY D 18 -10.27 -3.60 30.77
N ARG D 19 -10.16 -3.76 29.48
CA ARG D 19 -11.05 -3.09 28.60
C ARG D 19 -12.03 -4.02 27.86
N TYR D 20 -12.23 -5.23 28.36
CA TYR D 20 -13.21 -6.13 27.73
C TYR D 20 -14.60 -5.60 28.07
N ARG D 21 -15.41 -5.41 27.05
CA ARG D 21 -16.69 -4.76 27.20
C ARG D 21 -17.91 -5.72 27.30
N THR D 22 -18.68 -5.52 28.37
CA THR D 22 -19.92 -6.27 28.58
C THR D 22 -21.07 -5.39 28.13
N PHE D 23 -21.90 -5.89 27.21
CA PHE D 23 -23.04 -5.08 26.78
C PHE D 23 -24.19 -5.19 27.75
N ILE D 24 -24.97 -4.15 27.86
CA ILE D 24 -26.14 -4.11 28.72
C ILE D 24 -27.36 -4.23 27.76
N ASP D 25 -28.24 -5.18 28.05
CA ASP D 25 -29.37 -5.43 27.23
C ASP D 25 -30.57 -4.61 27.75
N ILE D 26 -31.01 -3.63 26.96
CA ILE D 26 -32.14 -2.76 27.37
C ILE D 26 -33.25 -2.63 26.31
N GLU D 27 -34.41 -2.19 26.76
CA GLU D 27 -35.52 -1.90 25.88
C GLU D 27 -36.13 -0.55 26.35
N ARG D 28 -35.89 0.51 25.60
CA ARG D 28 -36.41 1.82 25.95
C ARG D 28 -37.95 1.81 25.85
N GLU D 29 -38.63 2.41 26.83
CA GLU D 29 -40.08 2.43 26.81
C GLU D 29 -40.62 3.62 26.02
N LYS D 30 -41.02 3.39 24.78
CA LYS D 30 -41.51 4.49 23.95
C LYS D 30 -42.62 5.28 24.66
N GLY D 31 -42.50 6.60 24.67
CA GLY D 31 -43.50 7.47 25.31
C GLY D 31 -43.15 7.75 26.75
N ALA D 32 -42.11 7.09 27.26
CA ALA D 32 -41.70 7.30 28.65
C ALA D 32 -40.17 7.42 28.80
N PHE D 33 -39.49 7.73 27.69
CA PHE D 33 -38.05 8.07 27.73
C PHE D 33 -37.87 9.04 28.89
N PRO D 34 -36.77 8.91 29.66
CA PRO D 34 -35.61 8.02 29.50
C PRO D 34 -35.72 6.66 30.21
N LYS D 35 -36.93 6.27 30.61
CA LYS D 35 -37.17 4.97 31.22
C LYS D 35 -36.89 3.81 30.23
N ALA D 36 -36.30 2.73 30.75
CA ALA D 36 -36.11 1.53 29.96
C ALA D 36 -36.12 0.30 30.86
N GLN D 37 -36.42 -0.84 30.26
CA GLN D 37 -36.37 -2.11 30.94
C GLN D 37 -34.95 -2.62 30.72
N TRP D 38 -34.26 -2.96 31.81
CA TRP D 38 -32.95 -3.63 31.72
C TRP D 38 -33.16 -5.14 31.83
N ASN D 39 -32.71 -5.86 30.80
CA ASN D 39 -32.77 -7.35 30.79
C ASN D 39 -31.49 -7.89 31.42
N ARG D 40 -31.57 -8.17 32.72
CA ARG D 40 -30.42 -8.58 33.51
C ARG D 40 -29.91 -9.94 33.07
N PRO D 41 -28.58 -10.18 33.23
CA PRO D 41 -27.92 -11.45 32.92
C PRO D 41 -28.53 -12.67 33.67
N ASP D 42 -29.25 -12.41 34.77
CA ASP D 42 -29.89 -13.52 35.53
C ASP D 42 -31.31 -13.85 35.06
N GLY D 43 -31.82 -13.11 34.07
CA GLY D 43 -33.16 -13.34 33.52
C GLY D 43 -34.26 -12.43 34.07
N GLY D 44 -33.91 -11.58 35.04
CA GLY D 44 -34.88 -10.65 35.62
C GLY D 44 -35.01 -9.38 34.81
N LYS D 45 -36.04 -8.61 35.12
CA LYS D 45 -36.35 -7.33 34.46
C LYS D 45 -36.40 -6.21 35.49
N GLN D 46 -35.80 -5.08 35.17
CA GLN D 46 -35.68 -3.98 36.11
C GLN D 46 -35.81 -2.67 35.37
N ASP D 47 -36.65 -1.78 35.90
CA ASP D 47 -36.76 -0.44 35.35
C ASP D 47 -35.52 0.36 35.68
N ILE D 48 -34.96 1.00 34.66
CA ILE D 48 -33.76 1.85 34.82
C ILE D 48 -34.00 3.16 34.11
N THR D 49 -33.10 4.13 34.34
CA THR D 49 -33.10 5.39 33.63
C THR D 49 -31.85 5.42 32.76
N VAL D 50 -32.03 5.64 31.46
CA VAL D 50 -30.90 5.75 30.52
C VAL D 50 -30.27 7.11 30.66
N TRP D 51 -28.98 7.14 30.97
CA TRP D 51 -28.27 8.39 31.19
C TRP D 51 -27.09 8.59 30.26
N CYS D 52 -26.95 7.69 29.28
CA CYS D 52 -25.77 7.74 28.41
C CYS D 52 -26.12 7.61 26.93
N GLY D 53 -27.41 7.59 26.61
CA GLY D 53 -27.86 7.43 25.24
C GLY D 53 -27.54 8.62 24.36
N ASN D 54 -27.64 8.42 23.05
CA ASN D 54 -27.37 9.48 22.09
C ASN D 54 -28.63 9.99 21.40
N ASP D 55 -29.79 9.51 21.83
CA ASP D 55 -31.09 10.05 21.36
C ASP D 55 -31.31 11.35 22.15
N TYR D 56 -30.40 12.26 21.92
CA TYR D 56 -30.19 13.44 22.73
C TYR D 56 -31.39 14.30 23.04
N LEU D 57 -32.36 14.34 22.14
CA LEU D 57 -33.52 15.20 22.29
C LEU D 57 -34.86 14.46 22.44
N GLY D 58 -34.79 13.13 22.61
CA GLY D 58 -35.97 12.31 22.75
C GLY D 58 -36.75 12.15 21.47
N MET D 59 -36.13 12.45 20.30
CA MET D 59 -36.83 12.33 19.01
C MET D 59 -37.23 10.89 18.64
N GLY D 60 -36.54 9.91 19.23
CA GLY D 60 -36.84 8.51 18.98
C GLY D 60 -38.24 8.09 19.37
N GLN D 61 -38.96 8.91 20.14
CA GLN D 61 -40.33 8.60 20.60
C GLN D 61 -41.31 9.67 20.14
N HIS D 62 -40.81 10.65 19.41
CA HIS D 62 -41.63 11.75 18.94
C HIS D 62 -42.74 11.26 18.01
N PRO D 63 -43.99 11.67 18.31
CA PRO D 63 -45.10 11.18 17.49
C PRO D 63 -44.98 11.52 16.02
N VAL D 64 -44.42 12.68 15.66
CA VAL D 64 -44.30 13.01 14.24
C VAL D 64 -43.29 12.13 13.52
N VAL D 65 -42.25 11.70 14.24
CA VAL D 65 -41.27 10.78 13.68
C VAL D 65 -41.92 9.40 13.50
N LEU D 66 -42.58 8.92 14.54
CA LEU D 66 -43.21 7.60 14.50
C LEU D 66 -44.35 7.48 13.50
N ALA D 67 -45.18 8.52 13.42
CA ALA D 67 -46.25 8.57 12.43
C ALA D 67 -45.68 8.45 11.01
N ALA D 68 -44.62 9.20 10.71
CA ALA D 68 -44.01 9.16 9.37
C ALA D 68 -43.51 7.74 9.04
N MET D 69 -42.93 7.09 10.06
CA MET D 69 -42.41 5.71 9.91
C MET D 69 -43.51 4.69 9.66
N HIS D 70 -44.57 4.73 10.48
CA HIS D 70 -45.73 3.84 10.30
C HIS D 70 -46.34 4.02 8.91
N GLU D 71 -46.52 5.29 8.47
CA GLU D 71 -47.09 5.56 7.16
C GLU D 71 -46.26 4.96 6.04
N ALA D 72 -44.94 5.14 6.10
CA ALA D 72 -44.06 4.64 5.05
C ALA D 72 -44.04 3.11 4.99
N LEU D 73 -44.11 2.45 6.14
CA LEU D 73 -44.17 1.00 6.13
C LEU D 73 -45.42 0.55 5.37
N GLU D 74 -46.55 1.18 5.65
CA GLU D 74 -47.78 0.88 4.99
C GLU D 74 -47.82 1.25 3.50
N ALA D 75 -47.13 2.33 3.13
CA ALA D 75 -47.10 2.77 1.73
C ALA D 75 -46.17 1.93 0.84
N VAL D 76 -44.94 1.65 1.32
CA VAL D 76 -43.94 1.00 0.48
C VAL D 76 -43.26 -0.25 1.01
N GLY D 77 -43.54 -0.62 2.27
CA GLY D 77 -42.95 -1.84 2.84
C GLY D 77 -41.74 -1.65 3.75
N ALA D 78 -41.07 -2.76 4.03
CA ALA D 78 -40.02 -2.83 5.04
C ALA D 78 -38.72 -2.23 4.63
N GLY D 79 -38.33 -2.45 3.36
CA GLY D 79 -37.04 -1.96 2.87
C GLY D 79 -37.16 -1.41 1.47
N SER D 80 -36.04 -0.93 0.93
CA SER D 80 -36.01 -0.38 -0.40
C SER D 80 -35.94 -1.53 -1.39
N GLY D 81 -35.23 -2.59 -1.01
CA GLY D 81 -35.10 -3.77 -1.85
C GLY D 81 -33.97 -3.66 -2.86
N GLY D 82 -33.14 -2.62 -2.75
CA GLY D 82 -32.01 -2.46 -3.69
C GLY D 82 -31.03 -1.36 -3.33
N THR D 83 -29.95 -1.32 -4.08
CA THR D 83 -28.98 -0.25 -3.95
C THR D 83 -29.57 1.00 -4.62
N ARG D 84 -28.97 2.16 -4.39
CA ARG D 84 -29.48 3.38 -5.03
C ARG D 84 -29.61 3.25 -6.53
N ASN D 85 -28.70 2.51 -7.14
CA ASN D 85 -28.71 2.26 -8.59
C ASN D 85 -29.78 1.26 -9.01
N ILE D 86 -29.86 0.13 -8.31
CA ILE D 86 -30.74 -0.96 -8.71
C ILE D 86 -32.04 -1.00 -7.87
N SER D 87 -32.94 -0.04 -8.16
CA SER D 87 -34.33 0.05 -7.59
C SER D 87 -34.47 0.54 -6.15
N GLY D 88 -33.34 0.87 -5.50
CA GLY D 88 -33.29 1.45 -4.15
C GLY D 88 -33.41 2.99 -4.02
N THR D 89 -33.53 3.70 -5.14
CA THR D 89 -33.77 5.12 -5.11
C THR D 89 -35.29 5.34 -5.09
N THR D 90 -35.77 5.91 -3.97
CA THR D 90 -37.19 6.22 -3.79
C THR D 90 -37.32 7.69 -3.47
N ALA D 91 -38.55 8.22 -3.55
CA ALA D 91 -38.77 9.63 -3.24
C ALA D 91 -38.45 9.93 -1.77
N TYR D 92 -38.50 8.90 -0.93
CA TYR D 92 -38.20 9.16 0.49
C TYR D 92 -36.74 9.57 0.64
N HIS D 93 -35.90 9.02 -0.25
CA HIS D 93 -34.48 9.35 -0.26
C HIS D 93 -34.20 10.76 -0.80
N ARG D 94 -34.84 11.10 -1.91
CA ARG D 94 -34.79 12.46 -2.49
C ARG D 94 -35.14 13.50 -1.49
N ARG D 95 -36.36 13.34 -0.95
CA ARG D 95 -36.95 14.26 0.04
C ARG D 95 -35.98 14.40 1.18
N LEU D 96 -35.45 13.27 1.66
CA LEU D 96 -34.48 13.26 2.73
C LEU D 96 -33.21 14.03 2.36
N GLU D 97 -32.71 13.78 1.14
CA GLU D 97 -31.48 14.48 0.71
C GLU D 97 -31.66 15.97 0.61
N ALA D 98 -32.80 16.39 0.09
CA ALA D 98 -33.08 17.80 -0.09
C ALA D 98 -33.26 18.49 1.28
N GLU D 99 -33.93 17.79 2.21
CA GLU D 99 -34.11 18.32 3.55
C GLU D 99 -32.77 18.54 4.20
N ILE D 100 -31.85 17.56 4.02
CA ILE D 100 -30.50 17.69 4.54
C ILE D 100 -29.78 18.87 3.94
N ALA D 101 -29.87 19.00 2.60
CA ALA D 101 -29.22 20.06 1.85
C ALA D 101 -29.67 21.46 2.30
N GLY D 102 -30.96 21.61 2.61
CA GLY D 102 -31.58 22.83 3.14
C GLY D 102 -31.11 23.15 4.54
N LEU D 103 -30.83 22.13 5.34
CA LEU D 103 -30.38 22.38 6.70
C LEU D 103 -28.96 22.98 6.68
N HIS D 104 -28.11 22.47 5.81
CA HIS D 104 -26.74 23.00 5.73
C HIS D 104 -26.57 24.06 4.67
N GLN D 105 -27.67 24.46 4.05
CA GLN D 105 -27.63 25.47 2.96
C GLN D 105 -26.63 25.11 1.85
N LYS D 106 -26.69 23.85 1.43
CA LYS D 106 -25.83 23.33 0.41
C LYS D 106 -26.65 22.95 -0.80
N GLU D 107 -26.01 22.81 -1.95
CA GLU D 107 -26.73 22.44 -3.17
C GLU D 107 -27.24 21.00 -3.08
N ALA D 108 -26.51 20.14 -2.38
CA ALA D 108 -26.82 18.71 -2.42
C ALA D 108 -26.44 17.97 -1.14
N ALA D 109 -27.00 16.77 -0.99
CA ALA D 109 -26.70 15.89 0.13
C ALA D 109 -26.73 14.44 -0.31
N LEU D 110 -26.05 13.58 0.42
CA LEU D 110 -26.01 12.21 0.04
C LEU D 110 -26.15 11.39 1.27
N VAL D 111 -27.09 10.45 1.25
CA VAL D 111 -27.40 9.62 2.40
C VAL D 111 -26.69 8.27 2.32
N PHE D 112 -26.12 7.84 3.45
CA PHE D 112 -25.44 6.55 3.55
C PHE D 112 -26.11 5.76 4.69
N SER D 113 -25.72 4.49 4.88
CA SER D 113 -26.29 3.62 5.95
C SER D 113 -26.04 4.18 7.35
N SER D 114 -25.00 5.02 7.47
CA SER D 114 -24.58 5.48 8.77
C SER D 114 -23.62 6.65 8.52
N ALA D 115 -23.42 7.49 9.55
CA ALA D 115 -22.42 8.58 9.47
C ALA D 115 -21.00 7.97 9.37
N TYR D 116 -20.80 6.84 10.06
CA TYR D 116 -19.55 6.07 9.96
C TYR D 116 -19.21 5.81 8.47
N ASN D 117 -20.15 5.18 7.72
CA ASN D 117 -19.96 4.94 6.29
C ASN D 117 -19.73 6.22 5.52
N ALA D 118 -20.51 7.26 5.81
CA ALA D 118 -20.33 8.54 5.14
C ALA D 118 -18.90 9.07 5.25
N ASN D 119 -18.29 9.02 6.45
CA ASN D 119 -16.93 9.53 6.67
C ASN D 119 -15.89 8.65 5.96
N ASP D 120 -16.05 7.35 6.17
CA ASP D 120 -15.17 6.38 5.63
C ASP D 120 -15.15 6.46 4.08
N ALA D 121 -16.31 6.38 3.46
CA ALA D 121 -16.42 6.41 2.03
C ALA D 121 -15.95 7.73 1.45
N THR D 122 -16.35 8.84 2.08
CA THR D 122 -16.12 10.12 1.50
C THR D 122 -14.64 10.46 1.58
N LEU D 123 -14.06 10.35 2.79
CA LEU D 123 -12.66 10.73 2.97
C LEU D 123 -11.71 9.92 2.11
N SER D 124 -11.98 8.59 1.97
CA SER D 124 -11.17 7.74 1.08
C SER D 124 -11.39 8.03 -0.39
N THR D 125 -12.63 8.25 -0.78
CA THR D 125 -12.96 8.56 -2.17
C THR D 125 -12.35 9.93 -2.63
N LEU D 126 -12.24 10.89 -1.70
CA LEU D 126 -11.65 12.18 -2.01
C LEU D 126 -10.18 12.07 -2.45
N ARG D 127 -9.45 11.09 -1.90
CA ARG D 127 -8.07 10.83 -2.33
C ARG D 127 -8.02 10.43 -3.81
N VAL D 128 -9.04 9.71 -4.28
CA VAL D 128 -9.17 9.29 -5.67
C VAL D 128 -9.56 10.46 -6.58
N LEU D 129 -10.47 11.31 -6.11
CA LEU D 129 -10.92 12.46 -6.89
C LEU D 129 -9.83 13.57 -6.96
N PHE D 130 -9.04 13.71 -5.88
CA PHE D 130 -7.99 14.72 -5.85
C PHE D 130 -6.56 14.10 -5.70
N PRO D 131 -6.02 13.50 -6.81
CA PRO D 131 -4.75 12.82 -6.72
C PRO D 131 -3.67 13.63 -5.98
N GLY D 132 -3.01 12.96 -5.01
CA GLY D 132 -1.98 13.57 -4.16
C GLY D 132 -2.51 14.39 -2.98
N LEU D 133 -3.80 14.27 -2.68
CA LEU D 133 -4.45 14.96 -1.58
C LEU D 133 -3.75 14.73 -0.25
N ILE D 134 -3.49 15.80 0.49
CA ILE D 134 -2.95 15.70 1.86
C ILE D 134 -4.11 16.00 2.81
N ILE D 135 -4.41 15.04 3.70
CA ILE D 135 -5.44 15.23 4.70
C ILE D 135 -4.85 15.58 6.05
N TYR D 136 -5.33 16.67 6.63
CA TYR D 136 -4.89 17.14 7.95
C TYR D 136 -6.04 16.81 8.90
N SER D 137 -5.71 16.00 9.91
CA SER D 137 -6.68 15.39 10.76
C SER D 137 -6.41 15.67 12.24
N ASP D 138 -7.45 16.12 12.95
CA ASP D 138 -7.35 16.42 14.36
C ASP D 138 -7.05 15.12 15.07
N SER D 139 -6.08 15.16 15.99
CA SER D 139 -5.65 13.94 16.71
C SER D 139 -6.79 13.15 17.39
N LEU D 140 -7.87 13.82 17.78
CA LEU D 140 -9.01 13.12 18.38
C LEU D 140 -10.16 12.91 17.43
N ASN D 141 -9.90 13.00 16.13
CA ASN D 141 -10.98 12.67 15.18
C ASN D 141 -11.54 11.27 15.43
N HIS D 142 -12.85 11.14 15.22
CA HIS D 142 -13.56 9.90 15.40
C HIS D 142 -12.94 8.77 14.55
N ALA D 143 -13.02 7.53 15.05
CA ALA D 143 -12.55 6.34 14.29
C ALA D 143 -12.96 6.33 12.79
N SER D 144 -14.23 6.62 12.52
CA SER D 144 -14.76 6.62 11.15
C SER D 144 -13.93 7.51 10.20
N MET D 145 -13.49 8.64 10.74
CA MET D 145 -12.68 9.58 9.98
C MET D 145 -11.26 9.06 9.80
N ILE D 146 -10.64 8.61 10.89
CA ILE D 146 -9.31 8.01 10.86
C ILE D 146 -9.30 6.90 9.80
N GLU D 147 -10.23 5.97 9.94
CA GLU D 147 -10.42 4.89 8.98
C GLU D 147 -10.54 5.37 7.52
N GLY D 148 -11.39 6.38 7.25
CA GLY D 148 -11.52 6.94 5.90
C GLY D 148 -10.20 7.51 5.38
N ILE D 149 -9.50 8.22 6.26
CA ILE D 149 -8.24 8.89 5.94
C ILE D 149 -7.09 7.93 5.60
N LYS D 150 -7.02 6.78 6.28
CA LYS D 150 -5.95 5.79 6.06
C LYS D 150 -6.28 4.76 5.01
N ARG D 151 -7.57 4.54 4.78
CA ARG D 151 -8.12 3.49 3.91
C ARG D 151 -7.34 3.31 2.62
N ASN D 152 -7.27 4.40 1.85
CA ASN D 152 -6.48 4.47 0.63
C ASN D 152 -5.16 5.05 1.02
N ALA D 153 -4.06 4.48 0.47
CA ALA D 153 -2.71 5.02 0.73
C ALA D 153 -2.64 6.51 0.30
N GLY D 154 -1.89 7.34 1.05
CA GLY D 154 -1.80 8.76 0.72
C GLY D 154 -1.46 9.58 1.94
N PRO D 155 -0.87 10.78 1.71
CA PRO D 155 -0.33 11.60 2.82
C PRO D 155 -1.40 12.07 3.79
N LYS D 156 -1.10 11.91 5.08
CA LYS D 156 -1.95 12.34 6.19
C LYS D 156 -1.04 13.05 7.17
N ARG D 157 -1.58 14.06 7.86
CA ARG D 157 -0.84 14.82 8.88
C ARG D 157 -1.75 14.98 10.08
N ILE D 158 -1.30 14.51 11.22
CA ILE D 158 -2.10 14.57 12.41
C ILE D 158 -1.71 15.78 13.25
N PHE D 159 -2.66 16.70 13.45
CA PHE D 159 -2.39 17.86 14.30
C PHE D 159 -2.94 17.67 15.72
N ARG D 160 -2.20 18.18 16.71
CA ARG D 160 -2.58 18.04 18.11
C ARG D 160 -3.99 18.58 18.29
N HIS D 161 -4.80 17.86 19.06
CA HIS D 161 -6.20 18.25 19.28
C HIS D 161 -6.41 19.75 19.48
N ASN D 162 -7.26 20.32 18.62
CA ASN D 162 -7.62 21.75 18.68
C ASN D 162 -6.49 22.73 18.60
N ASP D 163 -5.32 22.27 18.17
CA ASP D 163 -4.11 23.08 18.13
C ASP D 163 -3.90 23.65 16.73
N VAL D 164 -4.56 24.77 16.51
CA VAL D 164 -4.51 25.51 15.28
C VAL D 164 -3.09 25.94 14.83
N ALA D 165 -2.20 26.23 15.79
CA ALA D 165 -0.81 26.61 15.48
C ALA D 165 -0.03 25.42 14.92
N HIS D 166 -0.25 24.22 15.48
CA HIS D 166 0.38 23.01 14.98
C HIS D 166 -0.14 22.72 13.57
N LEU D 167 -1.44 22.95 13.36
CA LEU D 167 -2.02 22.79 12.05
C LEU D 167 -1.32 23.68 11.01
N ARG D 168 -1.09 24.96 11.37
CA ARG D 168 -0.41 25.93 10.49
C ARG D 168 1.00 25.49 10.14
N GLU D 169 1.71 25.03 11.16
CA GLU D 169 3.09 24.57 11.05
C GLU D 169 3.20 23.38 10.09
N LEU D 170 2.23 22.46 10.15
CA LEU D 170 2.20 21.28 9.27
C LEU D 170 1.90 21.64 7.84
N ILE D 171 0.84 22.42 7.65
CA ILE D 171 0.35 22.81 6.33
C ILE D 171 1.35 23.68 5.57
N ALA D 172 2.03 24.57 6.28
CA ALA D 172 3.03 25.48 5.68
C ALA D 172 4.27 24.74 5.23
N ALA D 173 4.53 23.57 5.81
CA ALA D 173 5.73 22.79 5.47
C ALA D 173 5.53 21.98 4.19
N ASP D 174 4.28 21.69 3.83
CA ASP D 174 3.95 20.87 2.66
C ASP D 174 3.97 21.59 1.30
N ASP D 175 4.09 20.80 0.22
CA ASP D 175 4.09 21.33 -1.15
C ASP D 175 2.86 22.20 -1.42
N PRO D 176 3.06 23.52 -1.62
CA PRO D 176 1.88 24.41 -1.82
C PRO D 176 1.01 24.15 -3.07
N ALA D 177 1.47 23.33 -4.01
CA ALA D 177 0.64 22.96 -5.17
C ALA D 177 -0.30 21.73 -4.92
N ALA D 178 0.01 20.97 -3.87
CA ALA D 178 -0.74 19.76 -3.54
C ALA D 178 -2.14 20.10 -2.99
N PRO D 179 -3.17 19.37 -3.47
CA PRO D 179 -4.50 19.56 -2.93
C PRO D 179 -4.54 19.19 -1.45
N LYS D 180 -5.25 19.99 -0.65
CA LYS D 180 -5.28 19.78 0.78
C LYS D 180 -6.72 19.78 1.32
N LEU D 181 -6.95 19.03 2.38
CA LEU D 181 -8.24 18.99 3.05
C LEU D 181 -8.00 18.92 4.56
N ILE D 182 -8.77 19.68 5.34
CA ILE D 182 -8.67 19.63 6.79
C ILE D 182 -9.94 19.04 7.34
N ALA D 183 -9.76 18.00 8.15
CA ALA D 183 -10.88 17.24 8.68
C ALA D 183 -10.92 17.33 10.18
N PHE D 184 -12.05 17.78 10.74
CA PHE D 184 -12.21 17.96 12.18
C PHE D 184 -13.68 17.83 12.59
N GLU D 185 -13.96 17.94 13.90
CA GLU D 185 -15.32 17.85 14.42
C GLU D 185 -15.74 19.16 15.05
N SER D 186 -17.03 19.43 15.03
CA SER D 186 -17.57 20.61 15.72
C SER D 186 -17.66 20.35 17.22
N VAL D 187 -18.22 19.22 17.59
CA VAL D 187 -18.27 18.77 18.97
C VAL D 187 -17.63 17.38 19.09
N TYR D 188 -16.56 17.26 19.89
CA TYR D 188 -15.89 15.99 20.11
C TYR D 188 -16.65 15.18 21.13
N SER D 189 -17.02 13.97 20.73
CA SER D 189 -17.93 13.08 21.50
C SER D 189 -17.64 12.78 22.93
N MET D 190 -16.36 12.71 23.30
CA MET D 190 -15.99 12.22 24.61
C MET D 190 -15.55 13.28 25.58
N ASP D 191 -14.82 14.29 25.09
CA ASP D 191 -14.45 15.43 25.93
C ASP D 191 -15.61 16.44 26.01
N GLY D 192 -16.45 16.48 24.96
CA GLY D 192 -17.57 17.41 24.90
C GLY D 192 -17.12 18.82 24.60
N ASP D 193 -15.95 18.95 23.95
CA ASP D 193 -15.40 20.23 23.59
C ASP D 193 -15.65 20.61 22.12
N PHE D 194 -15.47 21.88 21.80
CA PHE D 194 -15.77 22.44 20.47
C PHE D 194 -14.49 22.59 19.64
N GLY D 195 -14.57 22.25 18.37
CA GLY D 195 -13.45 22.49 17.45
C GLY D 195 -13.41 23.97 17.05
N PRO D 196 -12.21 24.52 16.85
CA PRO D 196 -12.14 25.95 16.52
C PRO D 196 -12.50 26.22 15.06
N ILE D 197 -13.79 26.18 14.74
CA ILE D 197 -14.22 26.32 13.34
C ILE D 197 -13.61 27.51 12.61
N LYS D 198 -13.79 28.71 13.16
CA LYS D 198 -13.31 29.92 12.50
C LYS D 198 -11.81 29.89 12.20
N GLU D 199 -10.99 29.55 13.18
CA GLU D 199 -9.55 29.50 12.97
C GLU D 199 -9.12 28.50 11.91
N ILE D 200 -9.76 27.34 11.88
CA ILE D 200 -9.52 26.33 10.87
C ILE D 200 -9.93 26.81 9.47
N CYS D 201 -11.12 27.39 9.37
CA CYS D 201 -11.56 28.02 8.10
C CYS D 201 -10.57 29.09 7.58
N ASP D 202 -10.08 29.94 8.49
CA ASP D 202 -9.09 30.96 8.16
C ASP D 202 -7.84 30.31 7.58
N ILE D 203 -7.35 29.26 8.23
CA ILE D 203 -6.19 28.51 7.74
C ILE D 203 -6.47 27.87 6.37
N ALA D 204 -7.63 27.24 6.24
CA ALA D 204 -8.03 26.63 4.99
C ALA D 204 -8.07 27.66 3.87
N GLU D 205 -8.58 28.85 4.15
CA GLU D 205 -8.69 29.87 3.12
C GLU D 205 -7.31 30.43 2.71
N GLU D 206 -6.42 30.60 3.69
CA GLU D 206 -5.06 31.06 3.45
C GLU D 206 -4.24 30.09 2.58
N PHE D 207 -4.41 28.78 2.79
CA PHE D 207 -3.60 27.76 2.13
C PHE D 207 -4.30 27.00 0.99
N GLY D 208 -5.54 27.38 0.67
CA GLY D 208 -6.32 26.78 -0.41
C GLY D 208 -6.74 25.36 -0.14
N ALA D 209 -7.14 25.05 1.09
CA ALA D 209 -7.56 23.71 1.45
C ALA D 209 -9.05 23.63 1.63
N LEU D 210 -9.56 22.42 1.44
CA LEU D 210 -10.96 22.12 1.67
C LEU D 210 -11.20 21.89 3.16
N THR D 211 -12.40 22.20 3.61
CA THR D 211 -12.79 21.94 5.00
C THR D 211 -13.82 20.85 5.04
N TYR D 212 -13.60 19.88 5.93
CA TYR D 212 -14.50 18.78 6.14
C TYR D 212 -14.78 18.74 7.64
N ILE D 213 -16.02 19.07 8.01
CA ILE D 213 -16.43 19.04 9.42
C ILE D 213 -17.45 17.93 9.72
N ASP D 214 -17.18 17.18 10.79
CA ASP D 214 -18.11 16.18 11.28
C ASP D 214 -18.89 16.86 12.38
N GLU D 215 -20.20 17.01 12.16
CA GLU D 215 -21.09 17.69 13.11
C GLU D 215 -22.07 16.68 13.73
N VAL D 216 -21.64 15.41 13.78
CA VAL D 216 -22.50 14.30 14.27
C VAL D 216 -23.06 14.52 15.69
N HIS D 217 -22.27 15.15 16.56
CA HIS D 217 -22.69 15.43 17.91
C HIS D 217 -23.18 16.86 18.07
N ALA D 218 -23.65 17.45 16.97
CA ALA D 218 -24.12 18.84 17.00
C ALA D 218 -25.43 19.05 16.24
N VAL D 219 -25.60 18.35 15.13
CA VAL D 219 -26.82 18.53 14.34
C VAL D 219 -28.07 18.18 15.15
N GLY D 220 -29.11 18.98 14.94
CA GLY D 220 -30.35 18.92 15.72
C GLY D 220 -30.23 19.74 17.02
N MET D 221 -29.01 19.98 17.49
CA MET D 221 -28.79 20.56 18.81
C MET D 221 -28.22 21.98 18.87
N TYR D 222 -27.63 22.46 17.79
CA TYR D 222 -26.98 23.75 17.79
C TYR D 222 -27.37 24.51 16.57
N GLY D 223 -27.42 25.83 16.69
CA GLY D 223 -27.84 26.69 15.60
C GLY D 223 -29.32 26.93 15.71
N PRO D 224 -29.81 28.06 15.22
CA PRO D 224 -31.25 28.33 15.36
C PRO D 224 -32.18 27.33 14.64
N ARG D 225 -31.64 26.55 13.70
CA ARG D 225 -32.44 25.54 13.03
C ARG D 225 -31.91 24.13 13.26
N GLY D 226 -30.98 24.00 14.20
CA GLY D 226 -30.38 22.71 14.50
C GLY D 226 -29.41 22.20 13.45
N ALA D 227 -28.92 23.08 12.58
CA ALA D 227 -27.93 22.71 11.58
C ALA D 227 -26.50 22.51 12.14
N GLY D 228 -26.30 22.81 13.42
CA GLY D 228 -25.00 22.58 14.04
C GLY D 228 -24.25 23.84 14.51
N VAL D 229 -23.02 23.62 14.98
CA VAL D 229 -22.17 24.68 15.49
C VAL D 229 -21.81 25.71 14.41
N ALA D 230 -21.49 25.25 13.21
CA ALA D 230 -21.16 26.18 12.15
C ALA D 230 -22.34 27.15 11.90
N GLU D 231 -23.58 26.65 12.04
CA GLU D 231 -24.76 27.49 11.89
C GLU D 231 -24.82 28.48 13.06
N ARG D 232 -24.57 27.97 14.26
CA ARG D 232 -24.55 28.79 15.47
C ARG D 232 -23.60 29.97 15.30
N ASP D 233 -22.37 29.72 14.83
CA ASP D 233 -21.33 30.72 14.61
C ASP D 233 -21.44 31.48 13.25
N GLY D 234 -22.45 31.19 12.44
CA GLY D 234 -22.61 31.83 11.10
C GLY D 234 -21.49 31.49 10.11
N LEU D 235 -21.08 30.22 10.10
CA LEU D 235 -19.93 29.79 9.31
C LEU D 235 -20.19 28.67 8.29
N MET D 236 -21.46 28.35 8.04
CA MET D 236 -21.74 27.19 7.20
C MET D 236 -21.25 27.38 5.75
N HIS D 237 -21.23 28.65 5.31
CA HIS D 237 -20.83 28.95 3.97
C HIS D 237 -19.32 28.73 3.78
N ARG D 238 -18.57 28.63 4.88
CA ARG D 238 -17.11 28.46 4.87
C ARG D 238 -16.66 26.99 4.94
N ILE D 239 -17.62 26.08 5.11
CA ILE D 239 -17.40 24.65 5.17
C ILE D 239 -17.67 24.00 3.82
N ASP D 240 -16.68 23.30 3.28
CA ASP D 240 -16.86 22.60 1.98
C ASP D 240 -17.77 21.36 2.05
N ILE D 241 -17.54 20.50 3.05
CA ILE D 241 -18.31 19.32 3.22
C ILE D 241 -18.76 19.12 4.67
N PHE D 242 -20.05 18.87 4.89
CA PHE D 242 -20.57 18.52 6.21
C PHE D 242 -20.78 17.03 6.28
N ASN D 243 -20.51 16.46 7.44
CA ASN D 243 -20.84 15.08 7.69
C ASN D 243 -21.74 15.09 8.92
N GLY D 244 -22.87 14.39 8.84
CA GLY D 244 -23.80 14.32 9.96
C GLY D 244 -24.45 12.93 10.09
N THR D 245 -25.13 12.71 11.22
CA THR D 245 -25.84 11.49 11.43
C THR D 245 -27.31 11.78 11.56
N LEU D 246 -28.12 10.76 11.28
CA LEU D 246 -29.52 10.84 11.49
C LEU D 246 -29.91 9.99 12.74
N ALA D 247 -28.90 9.40 13.38
CA ALA D 247 -29.10 8.42 14.46
C ALA D 247 -29.01 8.94 15.87
N LYS D 248 -28.58 10.18 16.06
CA LYS D 248 -28.45 10.71 17.39
C LYS D 248 -29.56 11.71 17.75
N ALA D 249 -29.28 13.00 17.79
CA ALA D 249 -30.32 13.99 18.02
C ALA D 249 -31.57 13.82 17.13
N TYR D 250 -31.36 13.40 15.87
CA TYR D 250 -32.49 13.16 14.96
C TYR D 250 -33.30 11.92 15.28
N GLY D 251 -32.77 11.07 16.14
CA GLY D 251 -33.54 9.97 16.71
C GLY D 251 -33.79 8.72 15.88
N VAL D 252 -33.18 8.62 14.71
CA VAL D 252 -33.51 7.47 13.85
C VAL D 252 -32.27 6.67 13.53
N PHE D 253 -31.79 6.68 12.27
CA PHE D 253 -30.65 5.90 11.83
C PHE D 253 -30.17 6.42 10.49
N GLY D 254 -28.91 6.14 10.15
CA GLY D 254 -28.33 6.60 8.88
C GLY D 254 -27.44 7.82 9.05
N GLY D 255 -26.72 8.16 7.99
CA GLY D 255 -25.89 9.35 8.01
C GLY D 255 -25.79 9.97 6.64
N TYR D 256 -25.02 11.04 6.54
CA TYR D 256 -24.95 11.76 5.29
C TYR D 256 -23.72 12.66 5.17
N ILE D 257 -23.49 13.15 3.95
CA ILE D 257 -22.63 14.31 3.70
C ILE D 257 -23.48 15.35 2.96
N ALA D 258 -23.14 16.63 3.13
CA ALA D 258 -23.80 17.72 2.45
C ALA D 258 -22.71 18.61 1.88
N ALA D 259 -22.87 18.98 0.62
CA ALA D 259 -21.84 19.71 -0.11
C ALA D 259 -22.38 20.15 -1.47
N SER D 260 -21.52 20.77 -2.28
CA SER D 260 -21.97 21.17 -3.67
C SER D 260 -22.47 19.95 -4.52
N ALA D 261 -23.40 20.19 -5.43
CA ALA D 261 -23.87 19.17 -6.42
C ALA D 261 -22.75 18.36 -7.08
N ARG D 262 -21.65 19.04 -7.41
CA ARG D 262 -20.49 18.41 -8.05
C ARG D 262 -19.78 17.46 -7.12
N MET D 263 -19.54 17.92 -5.90
CA MET D 263 -18.89 17.13 -4.93
C MET D 263 -19.69 15.83 -4.71
N VAL D 264 -21.00 16.03 -4.46
CA VAL D 264 -21.94 14.95 -4.16
C VAL D 264 -22.03 13.99 -5.36
N ASP D 265 -22.05 14.53 -6.59
CA ASP D 265 -22.14 13.71 -7.82
C ASP D 265 -20.88 12.85 -7.97
N ALA D 266 -19.71 13.47 -7.74
CA ALA D 266 -18.48 12.73 -7.83
C ALA D 266 -18.36 11.62 -6.77
N VAL D 267 -18.63 11.92 -5.51
CA VAL D 267 -18.65 10.85 -4.46
C VAL D 267 -19.69 9.78 -4.80
N ARG D 268 -20.93 10.18 -5.05
CA ARG D 268 -21.96 9.20 -5.37
C ARG D 268 -21.47 8.19 -6.44
N SER D 269 -20.67 8.68 -7.41
CA SER D 269 -20.30 7.92 -8.63
C SER D 269 -19.10 7.04 -8.49
N TYR D 270 -18.27 7.34 -7.48
CA TYR D 270 -16.99 6.69 -7.35
C TYR D 270 -16.82 5.91 -6.07
N ALA D 271 -17.57 6.29 -5.04
CA ALA D 271 -17.41 5.70 -3.71
C ALA D 271 -18.03 4.28 -3.63
N PRO D 272 -17.19 3.22 -3.54
CA PRO D 272 -17.78 1.85 -3.45
C PRO D 272 -18.75 1.69 -2.23
N GLY D 273 -18.53 2.47 -1.17
CA GLY D 273 -19.31 2.32 0.06
C GLY D 273 -20.70 2.87 -0.07
N PHE D 274 -20.90 3.66 -1.12
CA PHE D 274 -22.21 4.18 -1.46
C PHE D 274 -22.87 3.29 -2.52
N ILE D 275 -22.11 2.96 -3.56
CA ILE D 275 -22.62 2.21 -4.68
C ILE D 275 -23.15 0.82 -4.26
N PHE D 276 -22.33 0.08 -3.53
CA PHE D 276 -22.49 -1.34 -3.37
C PHE D 276 -23.25 -1.81 -2.14
N SER D 277 -24.21 -1.03 -1.68
CA SER D 277 -24.96 -1.39 -0.48
C SER D 277 -26.43 -0.95 -0.61
N THR D 278 -27.33 -1.73 -0.05
CA THR D 278 -28.74 -1.41 -0.10
C THR D 278 -28.97 -0.06 0.48
N SER D 279 -29.83 0.75 -0.14
CA SER D 279 -30.20 2.03 0.42
C SER D 279 -31.08 1.87 1.69
N LEU D 280 -31.03 2.89 2.55
CA LEU D 280 -31.80 2.91 3.78
C LEU D 280 -33.26 2.60 3.57
N PRO D 281 -33.87 1.87 4.51
CA PRO D 281 -35.31 1.62 4.39
C PRO D 281 -36.11 2.92 4.26
N PRO D 282 -37.05 2.98 3.29
CA PRO D 282 -37.86 4.20 3.17
C PRO D 282 -38.46 4.69 4.50
N ALA D 283 -38.90 3.79 5.38
CA ALA D 283 -39.42 4.22 6.68
C ALA D 283 -38.38 4.96 7.55
N ILE D 284 -37.13 4.50 7.51
CA ILE D 284 -36.05 5.18 8.22
C ILE D 284 -35.87 6.60 7.64
N ALA D 285 -35.85 6.69 6.31
CA ALA D 285 -35.71 7.99 5.66
C ALA D 285 -36.88 8.92 5.98
N ALA D 286 -38.10 8.37 6.05
CA ALA D 286 -39.32 9.13 6.36
C ALA D 286 -39.20 9.73 7.74
N GLY D 287 -38.76 8.91 8.70
CA GLY D 287 -38.63 9.31 10.09
C GLY D 287 -37.62 10.42 10.27
N ALA D 288 -36.43 10.20 9.72
CA ALA D 288 -35.34 11.18 9.77
C ALA D 288 -35.76 12.50 9.13
N GLN D 289 -36.40 12.44 7.97
CA GLN D 289 -36.82 13.67 7.33
C GLN D 289 -37.75 14.45 8.24
N ALA D 290 -38.73 13.76 8.84
CA ALA D 290 -39.69 14.39 9.71
C ALA D 290 -38.99 14.96 10.97
N SER D 291 -38.00 14.25 11.45
CA SER D 291 -37.21 14.69 12.57
C SER D 291 -36.44 16.00 12.26
N ILE D 292 -35.75 16.04 11.11
CA ILE D 292 -35.01 17.21 10.74
C ILE D 292 -35.97 18.37 10.58
N ALA D 293 -37.04 18.16 9.79
CA ALA D 293 -38.02 19.20 9.53
C ALA D 293 -38.58 19.78 10.83
N PHE D 294 -38.88 18.90 11.78
CA PHE D 294 -39.41 19.35 13.06
C PHE D 294 -38.38 20.16 13.88
N LEU D 295 -37.14 19.70 13.90
CA LEU D 295 -36.09 20.42 14.63
C LEU D 295 -35.68 21.79 14.08
N LYS D 296 -36.14 22.12 12.88
CA LYS D 296 -35.88 23.43 12.27
C LYS D 296 -36.87 24.49 12.79
N THR D 297 -37.97 24.04 13.38
CA THR D 297 -39.05 24.92 13.81
C THR D 297 -38.81 25.45 15.21
N ALA D 298 -39.54 26.51 15.59
CA ALA D 298 -39.44 27.09 16.94
C ALA D 298 -39.74 26.05 18.00
N GLU D 299 -40.61 25.10 17.67
CA GLU D 299 -40.93 24.00 18.58
C GLU D 299 -39.71 23.10 18.84
N GLY D 300 -38.85 22.97 17.83
CA GLY D 300 -37.60 22.23 17.97
C GLY D 300 -36.61 23.01 18.82
N GLN D 301 -36.58 24.33 18.64
CA GLN D 301 -35.74 25.17 19.42
C GLN D 301 -36.04 25.01 20.91
N LYS D 302 -37.32 24.74 21.25
CA LYS D 302 -37.65 24.53 22.65
C LYS D 302 -36.92 23.34 23.20
N LEU D 303 -36.84 22.25 22.42
CA LEU D 303 -36.11 21.04 22.85
C LEU D 303 -34.61 21.31 23.08
N ARG D 304 -33.99 22.08 22.18
CA ARG D 304 -32.59 22.50 22.35
C ARG D 304 -32.38 23.36 23.64
N ASP D 305 -33.20 24.41 23.82
CA ASP D 305 -33.16 25.24 25.04
C ASP D 305 -33.26 24.38 26.29
N ALA D 306 -34.21 23.44 26.29
CA ALA D 306 -34.38 22.54 27.44
C ALA D 306 -33.15 21.67 27.64
N GLN D 307 -32.57 21.15 26.54
CA GLN D 307 -31.38 20.32 26.65
C GLN D 307 -30.22 21.08 27.32
N GLN D 308 -29.88 22.24 26.74
CA GLN D 308 -28.83 23.10 27.28
C GLN D 308 -29.04 23.39 28.76
N MET D 309 -30.27 23.74 29.13
CA MET D 309 -30.65 24.03 30.53
C MET D 309 -30.31 22.84 31.45
N HIS D 310 -30.80 21.64 31.07
CA HIS D 310 -30.56 20.45 31.86
C HIS D 310 -29.08 20.10 31.97
N ALA D 311 -28.34 20.32 30.88
CA ALA D 311 -26.92 20.10 30.92
C ALA D 311 -26.27 21.05 31.95
N LYS D 312 -26.61 22.34 31.90
CA LYS D 312 -26.04 23.30 32.90
C LYS D 312 -26.41 22.90 34.32
N VAL D 313 -27.66 22.50 34.54
CA VAL D 313 -28.07 22.10 35.88
C VAL D 313 -27.30 20.89 36.37
N LEU D 314 -27.17 19.88 35.51
CA LEU D 314 -26.39 18.70 35.89
C LEU D 314 -24.94 19.03 36.23
N LYS D 315 -24.29 19.84 35.39
CA LYS D 315 -22.89 20.24 35.64
C LYS D 315 -22.74 20.99 36.97
N MET D 316 -23.67 21.92 37.26
CA MET D 316 -23.65 22.68 38.51
C MET D 316 -23.73 21.75 39.70
N ARG D 317 -24.70 20.83 39.65
CA ARG D 317 -24.94 19.92 40.74
C ARG D 317 -23.79 18.94 40.98
N LEU D 318 -23.14 18.53 39.90
CA LEU D 318 -21.99 17.64 40.02
C LEU D 318 -20.74 18.33 40.59
N LYS D 319 -20.48 19.56 40.12
CA LYS D 319 -19.38 20.35 40.68
C LYS D 319 -19.63 20.64 42.15
N ALA D 320 -20.90 20.81 42.51
CA ALA D 320 -21.32 21.07 43.88
C ALA D 320 -21.13 19.88 44.81
N LEU D 321 -20.63 18.77 44.29
CA LEU D 321 -20.39 17.56 45.07
C LEU D 321 -18.93 17.22 45.08
N GLY D 322 -18.15 17.94 44.29
CA GLY D 322 -16.77 17.72 44.31
C GLY D 322 -16.05 16.89 43.29
N MET D 323 -16.42 16.75 42.03
CA MET D 323 -16.77 15.57 41.31
C MET D 323 -15.74 15.81 40.10
N PRO D 324 -15.08 14.74 39.56
CA PRO D 324 -14.12 14.93 38.45
C PRO D 324 -14.83 15.18 37.08
N ILE D 325 -15.53 16.31 36.98
CA ILE D 325 -16.26 16.71 35.77
C ILE D 325 -15.52 17.76 34.93
N ILE D 326 -15.22 17.43 33.68
CA ILE D 326 -14.65 18.43 32.80
C ILE D 326 -15.75 19.10 31.98
N ASP D 327 -15.77 20.44 32.04
CA ASP D 327 -16.81 21.26 31.41
C ASP D 327 -16.30 22.14 30.29
N HIS D 328 -16.63 21.74 29.06
CA HIS D 328 -16.25 22.54 27.89
C HIS D 328 -17.43 23.32 27.30
N GLY D 329 -18.54 23.43 28.05
CA GLY D 329 -19.71 24.19 27.61
C GLY D 329 -20.65 23.53 26.60
N SER D 330 -20.60 22.19 26.48
CA SER D 330 -21.54 21.49 25.57
C SER D 330 -22.56 20.73 26.40
N HIS D 331 -23.42 19.98 25.73
CA HIS D 331 -24.44 19.15 26.38
C HIS D 331 -23.89 17.83 26.91
N ILE D 332 -22.63 17.54 26.58
CA ILE D 332 -22.03 16.28 27.02
C ILE D 332 -21.39 16.53 28.38
N VAL D 333 -21.62 15.60 29.31
CA VAL D 333 -21.13 15.73 30.66
C VAL D 333 -20.30 14.49 31.04
N PRO D 334 -18.96 14.58 30.85
CA PRO D 334 -18.04 13.52 31.17
C PRO D 334 -17.50 13.58 32.57
N VAL D 335 -17.52 12.44 33.26
CA VAL D 335 -16.89 12.32 34.59
C VAL D 335 -15.73 11.32 34.44
N VAL D 336 -14.49 11.82 34.52
CA VAL D 336 -13.29 11.00 34.27
C VAL D 336 -12.90 10.22 35.52
N ILE D 337 -12.80 8.89 35.36
CA ILE D 337 -12.39 8.01 36.46
C ILE D 337 -10.90 7.66 36.29
N GLY D 338 -10.46 7.51 35.04
CA GLY D 338 -9.04 7.28 34.71
C GLY D 338 -8.54 5.86 34.77
N ASP D 339 -9.42 4.93 35.12
CA ASP D 339 -9.06 3.52 35.20
C ASP D 339 -10.21 2.66 34.68
N PRO D 340 -9.94 1.77 33.66
CA PRO D 340 -11.04 1.00 33.02
C PRO D 340 -11.82 0.11 34.00
N VAL D 341 -11.12 -0.55 34.93
CA VAL D 341 -11.76 -1.44 35.89
C VAL D 341 -12.60 -0.69 36.95
N HIS D 342 -12.05 0.37 37.56
CA HIS D 342 -12.80 1.19 38.55
C HIS D 342 -14.03 1.89 37.85
N THR D 343 -13.87 2.29 36.60
CA THR D 343 -14.97 2.89 35.82
C THR D 343 -16.16 1.90 35.66
N LYS D 344 -15.87 0.63 35.32
CA LYS D 344 -16.90 -0.41 35.26
C LYS D 344 -17.49 -0.71 36.65
N ALA D 345 -16.67 -0.71 37.69
CA ALA D 345 -17.16 -0.90 39.05
C ALA D 345 -18.20 0.18 39.42
N VAL D 346 -17.90 1.46 39.13
CA VAL D 346 -18.83 2.55 39.45
C VAL D 346 -20.12 2.47 38.62
N SER D 347 -19.96 2.16 37.35
CA SER D 347 -21.08 1.94 36.45
C SER D 347 -21.97 0.80 36.89
N ASP D 348 -21.37 -0.34 37.26
CA ASP D 348 -22.09 -1.52 37.78
C ASP D 348 -22.94 -1.19 38.99
N MET D 349 -22.37 -0.47 39.94
CA MET D 349 -23.07 -0.09 41.14
C MET D 349 -24.24 0.86 40.85
N LEU D 350 -24.04 1.80 39.94
CA LEU D 350 -25.10 2.73 39.59
C LEU D 350 -26.29 2.05 38.95
N LEU D 351 -26.02 1.07 38.09
CA LEU D 351 -27.04 0.28 37.43
C LEU D 351 -27.83 -0.51 38.46
N SER D 352 -27.15 -1.42 39.16
CA SER D 352 -27.83 -2.37 40.02
C SER D 352 -28.42 -1.82 41.32
N ASP D 353 -27.80 -0.82 41.91
CA ASP D 353 -28.35 -0.28 43.15
C ASP D 353 -29.27 0.95 42.98
N TYR D 354 -29.15 1.68 41.86
CA TYR D 354 -29.86 2.95 41.70
C TYR D 354 -30.69 3.07 40.44
N GLY D 355 -30.61 2.07 39.56
CA GLY D 355 -31.30 2.11 38.27
C GLY D 355 -30.76 3.24 37.39
N VAL D 356 -29.46 3.46 37.46
CA VAL D 356 -28.84 4.48 36.66
C VAL D 356 -27.90 3.81 35.64
N TYR D 357 -28.26 3.93 34.38
CA TYR D 357 -27.44 3.36 33.36
C TYR D 357 -26.54 4.39 32.67
N VAL D 358 -25.24 4.25 32.92
CA VAL D 358 -24.20 5.05 32.28
C VAL D 358 -23.03 4.11 31.96
N GLN D 359 -22.93 3.67 30.70
CA GLN D 359 -21.91 2.71 30.27
C GLN D 359 -20.52 3.21 30.57
N PRO D 360 -19.64 2.31 31.09
CA PRO D 360 -18.24 2.75 31.35
C PRO D 360 -17.47 2.82 30.01
N ILE D 361 -16.84 3.97 29.76
CA ILE D 361 -16.18 4.19 28.47
C ILE D 361 -14.66 4.07 28.57
N ASN D 362 -14.12 3.16 27.76
CA ASN D 362 -12.71 2.81 27.77
C ASN D 362 -12.01 2.86 26.36
N PHE D 363 -10.74 2.43 26.31
CA PHE D 363 -10.00 2.29 25.05
C PHE D 363 -10.67 1.17 24.21
N PRO D 364 -10.83 1.36 22.86
CA PRO D 364 -10.30 2.50 22.05
C PRO D 364 -11.23 3.70 21.89
N THR D 365 -12.32 3.78 22.65
CA THR D 365 -13.22 4.93 22.48
C THR D 365 -12.61 6.23 23.04
N VAL D 366 -11.81 6.10 24.11
CA VAL D 366 -11.03 7.22 24.67
C VAL D 366 -9.64 6.73 24.94
N PRO D 367 -8.65 7.67 24.94
CA PRO D 367 -7.26 7.29 25.34
C PRO D 367 -7.19 6.60 26.69
N ARG D 368 -6.29 5.62 26.80
CA ARG D 368 -6.00 4.92 28.06
C ARG D 368 -5.68 5.96 29.12
N GLY D 369 -6.15 5.72 30.35
CA GLY D 369 -5.93 6.62 31.49
C GLY D 369 -6.96 7.74 31.59
N THR D 370 -7.86 7.79 30.59
CA THR D 370 -8.94 8.79 30.55
C THR D 370 -10.34 8.11 30.47
N GLU D 371 -10.43 6.86 30.96
CA GLU D 371 -11.68 6.10 30.95
C GLU D 371 -12.70 6.84 31.82
N ARG D 372 -13.95 6.85 31.38
CA ARG D 372 -14.92 7.77 32.01
C ARG D 372 -16.37 7.31 31.94
N LEU D 373 -17.21 8.00 32.74
CA LEU D 373 -18.67 7.99 32.62
C LEU D 373 -19.05 9.17 31.75
N ARG D 374 -20.04 9.04 30.89
CA ARG D 374 -20.40 10.10 29.97
C ARG D 374 -21.92 10.32 29.98
N PHE D 375 -22.35 11.30 30.74
CA PHE D 375 -23.77 11.60 30.87
C PHE D 375 -24.30 12.49 29.73
N THR D 376 -25.51 12.22 29.31
CA THR D 376 -26.10 12.94 28.19
C THR D 376 -27.52 13.44 28.57
N PRO D 377 -27.60 14.46 29.44
CA PRO D 377 -28.94 14.94 29.82
C PRO D 377 -29.70 15.46 28.60
N SER D 378 -30.98 15.09 28.52
CA SER D 378 -31.86 15.48 27.42
C SER D 378 -33.09 16.26 27.93
N PRO D 379 -33.93 16.82 26.99
CA PRO D 379 -35.21 17.43 27.37
C PRO D 379 -36.06 16.54 28.28
N VAL D 380 -35.96 15.23 28.14
CA VAL D 380 -36.75 14.33 28.97
C VAL D 380 -36.11 14.00 30.32
N HIS D 381 -34.89 14.50 30.57
CA HIS D 381 -34.25 14.36 31.89
C HIS D 381 -34.71 15.54 32.79
N ASP D 382 -35.90 15.41 33.35
CA ASP D 382 -36.50 16.51 34.12
C ASP D 382 -35.75 16.79 35.42
N LEU D 383 -36.07 17.90 36.05
CA LEU D 383 -35.38 18.31 37.27
C LEU D 383 -35.39 17.24 38.41
N LYS D 384 -36.43 16.43 38.51
CA LYS D 384 -36.44 15.33 39.51
C LYS D 384 -35.42 14.26 39.13
N GLN D 385 -35.34 13.98 37.84
CA GLN D 385 -34.41 13.02 37.32
C GLN D 385 -32.99 13.39 37.64
N ILE D 386 -32.64 14.69 37.49
CA ILE D 386 -31.30 15.21 37.81
C ILE D 386 -31.02 15.04 39.31
N ASP D 387 -31.99 15.46 40.13
CA ASP D 387 -31.99 15.21 41.57
C ASP D 387 -31.66 13.77 41.94
N GLY D 388 -32.41 12.84 41.34
CA GLY D 388 -32.22 11.43 41.56
C GLY D 388 -30.80 11.05 41.23
N LEU D 389 -30.32 11.48 40.08
CA LEU D 389 -28.98 11.15 39.65
C LEU D 389 -27.96 11.60 40.66
N VAL D 390 -27.90 12.91 40.93
CA VAL D 390 -26.86 13.43 41.79
C VAL D 390 -26.94 12.84 43.22
N HIS D 391 -28.15 12.54 43.69
CA HIS D 391 -28.36 11.94 45.01
C HIS D 391 -27.81 10.49 45.08
N ALA D 392 -27.97 9.75 43.98
CA ALA D 392 -27.36 8.44 43.83
C ALA D 392 -25.83 8.52 43.86
N MET D 393 -25.27 9.46 43.09
CA MET D 393 -23.82 9.62 42.99
C MET D 393 -23.21 9.98 44.32
N ASP D 394 -23.93 10.83 45.05
CA ASP D 394 -23.53 11.24 46.36
C ASP D 394 -23.39 10.04 47.25
N LEU D 395 -24.45 9.22 47.33
CA LEU D 395 -24.41 7.96 48.06
C LEU D 395 -23.26 7.06 47.65
N LEU D 396 -22.94 7.04 46.37
CA LEU D 396 -21.87 6.20 45.88
C LEU D 396 -20.50 6.82 46.16
N TRP D 397 -20.48 8.00 46.75
CA TRP D 397 -19.21 8.61 47.14
C TRP D 397 -18.79 8.23 48.58
N ALA D 398 -19.58 7.37 49.24
CA ALA D 398 -19.31 6.93 50.62
C ALA D 398 -19.83 5.52 50.93
N1 PLG E . 24.27 8.24 1.95
C2 PLG E . 24.56 9.55 1.78
C2A PLG E . 24.38 10.46 3.03
C3 PLG E . 24.97 10.03 0.49
O3 PLG E . 25.25 11.35 0.26
C4 PLG E . 25.11 9.12 -0.59
C4A PLG E . 25.57 9.55 -2.00
C5 PLG E . 24.81 7.77 -0.31
C6 PLG E . 24.38 7.36 0.95
C5A PLG E . 24.89 6.66 -1.33
OP4 PLG E . 26.21 6.35 -1.49
P PLG E . 26.65 5.46 -2.67
OP1 PLG E . 27.88 4.58 -2.20
OP2 PLG E . 27.25 6.47 -3.82
OP3 PLG E . 25.51 4.64 -3.16
C PLG E . 26.31 13.08 -2.42
O PLG E . 27.39 13.73 -2.60
OXT PLG E . 25.25 13.49 -1.86
CA PLG E . 26.26 11.63 -2.92
N PLG E . 25.11 10.92 -2.34
C ACY F . 23.48 14.65 -6.84
O ACY F . 24.15 13.97 -7.64
OXT ACY F . 22.91 15.73 -7.17
CH3 ACY F . 23.34 14.12 -5.43
N1 PLG G . 17.18 -9.50 -14.52
C2 PLG G . 17.23 -10.86 -14.42
C2A PLG G . 16.22 -11.63 -15.25
C3 PLG G . 18.19 -11.52 -13.57
O3 PLG G . 18.25 -12.93 -13.51
C4 PLG G . 19.10 -10.72 -12.81
C4A PLG G . 20.17 -11.37 -11.87
C5 PLG G . 18.96 -9.29 -12.94
C6 PLG G . 17.99 -8.74 -13.80
C5A PLG G . 19.83 -8.24 -12.24
OP4 PLG G . 21.18 -8.22 -12.83
P PLG G . 22.42 -7.44 -12.11
OP1 PLG G . 23.09 -6.56 -13.27
OP2 PLG G . 23.51 -8.57 -11.80
OP3 PLG G . 22.03 -6.71 -10.84
C PLG G . 20.87 -14.69 -11.54
O PLG G . 20.95 -14.54 -12.77
OXT PLG G . 20.88 -15.78 -10.93
CA PLG G . 20.75 -13.42 -10.70
N PLG G . 19.63 -12.61 -11.23
N1 PLG H . -22.24 -9.00 -0.80
C2 PLG H . -22.76 -9.12 -2.06
C2A PLG H . -22.34 -10.32 -2.95
C3 PLG H . -23.65 -8.14 -2.55
O3 PLG H . -24.16 -8.19 -3.82
C4 PLG H . -24.02 -7.06 -1.76
C4A PLG H . -25.01 -5.97 -2.30
C5 PLG H . -23.45 -7.01 -0.48
C6 PLG H . -22.57 -8.01 -0.03
C5A PLG H . -23.77 -5.88 0.54
OP4 PLG H . -25.07 -6.02 1.06
P PLG H . -25.78 -4.88 1.86
OP1 PLG H . -26.73 -5.66 2.90
OP2 PLG H . -26.85 -4.09 0.97
OP3 PLG H . -24.85 -3.86 2.41
C PLG H . -26.10 -6.32 -5.64
O PLG H . -27.23 -6.38 -6.16
OXT PLG H . -25.10 -6.97 -6.00
CA PLG H . -25.95 -5.34 -4.47
N PLG H . -24.69 -5.58 -3.71
C ACY I . -25.00 -1.32 -8.07
O ACY I . -25.96 -0.61 -7.70
OXT ACY I . -24.44 -1.11 -9.17
CH3 ACY I . -24.46 -2.45 -7.19
N1 PLG J . -18.87 10.64 14.01
C2 PLG J . -18.79 10.76 15.38
C2A PLG J . -18.08 11.98 15.96
C3 PLG J . -19.39 9.78 16.20
O3 PLG J . -19.39 9.83 17.57
C4 PLG J . -20.05 8.71 15.64
C4A PLG J . -20.67 7.65 16.60
C5 PLG J . -20.08 8.62 14.23
C6 PLG J . -19.49 9.63 13.44
C5A PLG J . -20.74 7.49 13.47
OP4 PLG J . -22.17 7.78 13.40
P PLG J . -23.15 6.64 13.06
OP1 PLG J . -24.47 7.34 12.40
OP2 PLG J . -23.71 6.02 14.39
OP3 PLG J . -22.45 5.56 12.26
C PLG J . -20.26 7.91 19.85
O PLG J . -21.30 8.04 20.52
OXT PLG J . -19.22 8.60 19.92
CA PLG J . -20.29 6.77 18.84
N PLG J . -19.67 7.20 17.58
C ACY K . -18.45 3.15 21.50
O ACY K . -19.61 2.67 21.52
OXT ACY K . -17.52 2.65 22.21
CH3 ACY K . -18.19 4.33 20.58
#